data_5B13
#
_entry.id   5B13
#
_cell.length_a   187.500
_cell.length_b   111.850
_cell.length_c   112.670
_cell.angle_alpha   90.00
_cell.angle_beta   91.88
_cell.angle_gamma   90.00
#
_symmetry.space_group_name_H-M   'C 1 2 1'
#
loop_
_entity.id
_entity.type
_entity.pdbx_description
1 polymer 'Phycoerythrin alpha subunit'
2 polymer 'Phycoerythrin beta subunit'
3 non-polymer PHYCOCYANOBILIN
4 non-polymer PHYCOUROBILIN
5 water water
#
loop_
_entity_poly.entity_id
_entity_poly.type
_entity_poly.pdbx_seq_one_letter_code
_entity_poly.pdbx_strand_id
1 'polypeptide(L)'
;MKSVMTTTISAADAAGRFPSSSDLESVQGNIQRAAARLEAAEKLASNHEAVVKEGGDACFAKYSYLKNPGEAGDSQEKVN
KCYRDVDHYMRLVNYSLVVGGTGPLDEWAIAGAREVYRTLNLPSASYVAAFAFTRDRLCVPRDMSAQAGGEYVAALDYIV
NALT
;
A,B,C,D,E,F
2 'polypeptide(L)'
;MLDAFSRVVVNSDAKAAYVGGSDLQALKKFITDGNKRLDSVSFVVSNASCIVSDAVSGMICENPGLIAPGGNCYTNRRMA
ACLRDGEIILRYASYALLAGDPSVLEDRCLNGLKETYIALGVPTNSSVRAVSIMKASATAFVSGTASDRKMACPDGDCSA
LASELGSYCDRVAAAIS
;
G,H,I,J,K,L
#
# COMPACT_ATOMS: atom_id res chain seq x y z
N MET A 1 2.29 -26.96 -6.57
CA MET A 1 2.62 -28.31 -6.11
C MET A 1 4.00 -28.35 -5.46
N LYS A 2 4.02 -28.23 -4.13
CA LYS A 2 5.29 -28.18 -3.40
C LYS A 2 6.07 -29.49 -3.50
N SER A 3 7.26 -29.38 -4.08
CA SER A 3 8.22 -30.47 -4.10
C SER A 3 9.60 -29.86 -3.93
N VAL A 4 10.64 -30.69 -4.04
CA VAL A 4 12.00 -30.16 -4.00
C VAL A 4 12.23 -29.21 -5.16
N MET A 5 11.86 -29.66 -6.36
CA MET A 5 12.09 -28.89 -7.58
C MET A 5 11.29 -27.59 -7.62
N THR A 6 10.01 -27.65 -7.29
CA THR A 6 9.15 -26.46 -7.38
C THR A 6 9.50 -25.42 -6.31
N THR A 7 9.95 -25.89 -5.15
CA THR A 7 10.33 -24.98 -4.07
C THR A 7 11.61 -24.21 -4.42
N THR A 8 12.61 -24.92 -4.91
CA THR A 8 13.87 -24.29 -5.29
C THR A 8 13.69 -23.34 -6.46
N ILE A 9 12.91 -23.76 -7.45
CA ILE A 9 12.64 -22.93 -8.62
C ILE A 9 11.85 -21.67 -8.23
N SER A 10 10.89 -21.82 -7.32
CA SER A 10 10.12 -20.68 -6.84
C SER A 10 11.00 -19.65 -6.14
N ALA A 11 11.96 -20.15 -5.35
CA ALA A 11 12.88 -19.28 -4.63
C ALA A 11 13.79 -18.53 -5.60
N ALA A 12 14.26 -19.24 -6.62
CA ALA A 12 15.13 -18.64 -7.62
C ALA A 12 14.39 -17.60 -8.46
N ASP A 13 13.13 -17.92 -8.79
CA ASP A 13 12.32 -17.03 -9.61
C ASP A 13 11.98 -15.74 -8.88
N ALA A 14 11.73 -15.86 -7.57
CA ALA A 14 11.40 -14.70 -6.75
C ALA A 14 12.53 -13.69 -6.73
N ALA A 15 13.76 -14.18 -6.84
CA ALA A 15 14.93 -13.31 -6.86
C ALA A 15 15.44 -13.07 -8.28
N GLY A 16 14.74 -13.64 -9.25
CA GLY A 16 15.11 -13.50 -10.65
C GLY A 16 16.45 -14.13 -10.97
N ARG A 17 16.71 -15.29 -10.38
CA ARG A 17 17.99 -15.98 -10.53
C ARG A 17 17.88 -17.21 -11.44
N PHE A 18 18.95 -17.47 -12.19
CA PHE A 18 19.12 -18.76 -12.84
C PHE A 18 19.32 -19.81 -11.74
N PRO A 19 19.03 -21.08 -12.05
CA PRO A 19 19.38 -22.14 -11.09
C PRO A 19 20.88 -22.13 -10.79
N SER A 20 21.22 -22.13 -9.50
CA SER A 20 22.63 -22.14 -9.10
C SER A 20 22.96 -23.43 -8.36
N SER A 21 24.14 -23.46 -7.72
CA SER A 21 24.65 -24.67 -7.10
C SER A 21 23.72 -25.27 -6.06
N SER A 22 23.13 -24.42 -5.22
CA SER A 22 22.25 -24.90 -4.15
C SER A 22 20.95 -25.48 -4.71
N ASP A 23 20.49 -24.94 -5.83
CA ASP A 23 19.30 -25.47 -6.49
C ASP A 23 19.57 -26.86 -7.04
N LEU A 24 20.76 -27.02 -7.62
CA LEU A 24 21.15 -28.30 -8.19
C LEU A 24 21.38 -29.35 -7.11
N GLU A 25 21.97 -28.93 -5.99
CA GLU A 25 22.23 -29.85 -4.88
C GLU A 25 20.93 -30.35 -4.27
N SER A 26 19.95 -29.46 -4.15
CA SER A 26 18.65 -29.82 -3.59
C SER A 26 17.99 -30.92 -4.42
N VAL A 27 18.09 -30.79 -5.75
CA VAL A 27 17.50 -31.76 -6.66
C VAL A 27 18.24 -33.12 -6.56
N GLN A 28 19.53 -33.07 -6.24
CA GLN A 28 20.31 -34.29 -6.05
C GLN A 28 19.75 -35.11 -4.90
N GLY A 29 19.22 -34.43 -3.89
CA GLY A 29 18.61 -35.11 -2.76
C GLY A 29 17.30 -35.76 -3.13
N ASN A 30 16.61 -35.17 -4.08
CA ASN A 30 15.38 -35.76 -4.62
C ASN A 30 15.71 -37.08 -5.32
N ILE A 31 16.84 -37.11 -6.01
CA ILE A 31 17.34 -38.32 -6.66
C ILE A 31 17.64 -39.41 -5.63
N GLN A 32 18.34 -39.03 -4.57
CA GLN A 32 18.78 -39.96 -3.54
C GLN A 32 17.63 -40.61 -2.78
N ARG A 33 16.59 -39.82 -2.50
CA ARG A 33 15.49 -40.25 -1.64
C ARG A 33 14.34 -40.88 -2.41
N ALA A 34 14.38 -40.76 -3.74
CA ALA A 34 13.27 -41.18 -4.59
C ALA A 34 12.92 -42.66 -4.44
N ALA A 35 13.93 -43.51 -4.31
CA ALA A 35 13.72 -44.96 -4.25
C ALA A 35 12.86 -45.36 -3.06
N ALA A 36 13.10 -44.75 -1.91
CA ALA A 36 12.39 -45.08 -0.68
C ALA A 36 10.90 -44.73 -0.78
N ARG A 37 10.61 -43.51 -1.23
CA ARG A 37 9.23 -43.04 -1.27
C ARG A 37 8.45 -43.66 -2.43
N LEU A 38 9.14 -44.01 -3.52
CA LEU A 38 8.49 -44.67 -4.64
C LEU A 38 8.14 -46.11 -4.27
N GLU A 39 8.95 -46.73 -3.42
CA GLU A 39 8.64 -48.07 -2.93
C GLU A 39 7.40 -48.02 -2.05
N ALA A 40 7.32 -47.00 -1.20
CA ALA A 40 6.18 -46.80 -0.33
C ALA A 40 4.92 -46.53 -1.15
N ALA A 41 5.06 -45.69 -2.18
CA ALA A 41 3.95 -45.33 -3.05
C ALA A 41 3.42 -46.54 -3.82
N GLU A 42 4.34 -47.39 -4.28
CA GLU A 42 3.97 -48.56 -5.06
C GLU A 42 3.27 -49.62 -4.21
N LYS A 43 3.73 -49.78 -2.97
CA LYS A 43 3.10 -50.73 -2.06
C LYS A 43 1.69 -50.29 -1.73
N LEU A 44 1.53 -48.98 -1.52
CA LEU A 44 0.22 -48.41 -1.25
C LEU A 44 -0.71 -48.59 -2.45
N ALA A 45 -0.17 -48.37 -3.65
CA ALA A 45 -0.96 -48.48 -4.87
C ALA A 45 -1.44 -49.91 -5.12
N SER A 46 -0.66 -50.89 -4.67
CA SER A 46 -0.96 -52.29 -4.94
C SER A 46 -1.95 -52.89 -3.93
N ASN A 47 -2.14 -52.21 -2.80
CA ASN A 47 -2.92 -52.77 -1.72
C ASN A 47 -3.79 -51.74 -1.00
N HIS A 48 -4.14 -50.66 -1.69
CA HIS A 48 -4.82 -49.54 -1.04
C HIS A 48 -6.22 -49.89 -0.53
N GLU A 49 -6.92 -50.76 -1.24
CA GLU A 49 -8.28 -51.14 -0.85
C GLU A 49 -8.31 -51.80 0.52
N ALA A 50 -7.35 -52.67 0.78
CA ALA A 50 -7.24 -53.32 2.09
C ALA A 50 -6.84 -52.32 3.16
N VAL A 51 -5.92 -51.43 2.82
CA VAL A 51 -5.45 -50.41 3.75
C VAL A 51 -6.56 -49.42 4.09
N VAL A 52 -7.31 -49.00 3.08
CA VAL A 52 -8.42 -48.07 3.28
C VAL A 52 -9.51 -48.71 4.15
N LYS A 53 -9.81 -49.99 3.88
CA LYS A 53 -10.80 -50.71 4.66
C LYS A 53 -10.41 -50.75 6.14
N GLU A 54 -9.13 -51.01 6.41
CA GLU A 54 -8.64 -51.06 7.78
C GLU A 54 -8.71 -49.70 8.46
N GLY A 55 -8.42 -48.64 7.70
CA GLY A 55 -8.47 -47.29 8.22
C GLY A 55 -9.88 -46.89 8.62
N GLY A 56 -10.83 -47.11 7.73
CA GLY A 56 -12.22 -46.80 8.01
C GLY A 56 -12.80 -47.65 9.12
N ASP A 57 -12.43 -48.93 9.14
CA ASP A 57 -12.86 -49.84 10.20
C ASP A 57 -12.40 -49.35 11.56
N ALA A 58 -11.14 -48.91 11.63
CA ALA A 58 -10.56 -48.41 12.87
C ALA A 58 -11.30 -47.17 13.38
N CYS A 59 -11.78 -46.35 12.45
CA CYS A 59 -12.52 -45.15 12.80
C CYS A 59 -13.83 -45.49 13.50
N PHE A 60 -14.65 -46.31 12.86
CA PHE A 60 -15.96 -46.66 13.40
C PHE A 60 -15.85 -47.61 14.59
N ALA A 61 -14.74 -48.34 14.68
CA ALA A 61 -14.49 -49.19 15.84
C ALA A 61 -14.27 -48.34 17.07
N LYS A 62 -13.45 -47.31 16.92
CA LYS A 62 -13.14 -46.41 18.02
C LYS A 62 -14.31 -45.51 18.36
N TYR A 63 -15.00 -45.01 17.33
CA TYR A 63 -16.12 -44.11 17.53
C TYR A 63 -17.42 -44.70 16.97
N SER A 64 -17.97 -45.66 17.69
CA SER A 64 -19.20 -46.33 17.27
C SER A 64 -20.41 -45.42 17.39
N TYR A 65 -20.25 -44.31 18.10
CA TYR A 65 -21.35 -43.35 18.28
C TYR A 65 -21.72 -42.69 16.95
N LEU A 66 -20.80 -42.75 15.99
CA LEU A 66 -21.02 -42.18 14.67
C LEU A 66 -22.22 -42.78 13.96
N LYS A 67 -22.58 -44.01 14.35
CA LYS A 67 -23.69 -44.71 13.70
C LYS A 67 -25.04 -44.35 14.31
N ASN A 68 -25.03 -43.64 15.44
CA ASN A 68 -26.26 -43.18 16.07
C ASN A 68 -26.99 -42.17 15.18
N PRO A 69 -28.33 -42.12 15.29
CA PRO A 69 -29.15 -41.19 14.51
C PRO A 69 -28.71 -39.74 14.65
N GLY A 70 -28.57 -39.05 13.53
CA GLY A 70 -28.17 -37.65 13.53
C GLY A 70 -26.67 -37.47 13.46
N GLU A 71 -25.93 -38.54 13.66
CA GLU A 71 -24.47 -38.48 13.64
C GLU A 71 -23.94 -38.67 12.21
N ALA A 72 -22.64 -38.50 12.05
CA ALA A 72 -22.01 -38.47 10.73
C ALA A 72 -22.16 -39.77 9.94
N GLY A 73 -22.33 -40.89 10.63
CA GLY A 73 -22.45 -42.17 9.96
C GLY A 73 -23.71 -42.94 10.30
N ASP A 74 -24.85 -42.24 10.30
CA ASP A 74 -26.11 -42.87 10.69
C ASP A 74 -26.78 -43.63 9.54
N SER A 75 -26.10 -43.72 8.41
CA SER A 75 -26.62 -44.47 7.27
C SER A 75 -25.48 -45.15 6.52
N GLN A 76 -25.83 -46.17 5.73
CA GLN A 76 -24.83 -46.93 4.99
C GLN A 76 -24.13 -46.03 3.95
N GLU A 77 -24.90 -45.15 3.32
CA GLU A 77 -24.34 -44.23 2.33
C GLU A 77 -23.34 -43.27 2.96
N LYS A 78 -23.68 -42.78 4.16
CA LYS A 78 -22.78 -41.88 4.88
C LYS A 78 -21.52 -42.62 5.32
N VAL A 79 -21.68 -43.85 5.77
CA VAL A 79 -20.54 -44.69 6.13
C VAL A 79 -19.66 -44.92 4.91
N ASN A 80 -20.29 -45.12 3.76
CA ASN A 80 -19.55 -45.31 2.51
C ASN A 80 -18.72 -44.09 2.13
N LYS A 81 -19.26 -42.89 2.39
CA LYS A 81 -18.53 -41.66 2.12
C LYS A 81 -17.33 -41.52 3.05
N CYS A 82 -17.44 -42.13 4.23
CA CYS A 82 -16.35 -42.10 5.19
C CYS A 82 -15.16 -42.91 4.68
N TYR A 83 -15.43 -44.12 4.21
CA TYR A 83 -14.40 -44.96 3.61
C TYR A 83 -13.86 -44.34 2.33
N ARG A 84 -14.74 -43.64 1.60
CA ARG A 84 -14.34 -42.93 0.39
C ARG A 84 -13.36 -41.81 0.72
N ASP A 85 -13.62 -41.11 1.81
CA ASP A 85 -12.74 -40.03 2.26
C ASP A 85 -11.37 -40.55 2.66
N VAL A 86 -11.35 -41.69 3.36
CA VAL A 86 -10.11 -42.33 3.73
C VAL A 86 -9.34 -42.70 2.46
N ASP A 87 -10.06 -43.20 1.47
CA ASP A 87 -9.48 -43.53 0.17
C ASP A 87 -8.92 -42.29 -0.53
N HIS A 88 -9.62 -41.16 -0.35
CA HIS A 88 -9.17 -39.89 -0.91
C HIS A 88 -7.81 -39.49 -0.35
N TYR A 89 -7.68 -39.54 0.97
CA TYR A 89 -6.44 -39.18 1.64
C TYR A 89 -5.29 -40.10 1.23
N MET A 90 -5.53 -41.40 1.24
CA MET A 90 -4.49 -42.38 0.95
C MET A 90 -4.00 -42.27 -0.49
N ARG A 91 -4.88 -41.89 -1.41
CA ARG A 91 -4.49 -41.67 -2.79
C ARG A 91 -3.60 -40.43 -2.86
N LEU A 92 -3.87 -39.46 -2.01
CA LEU A 92 -3.08 -38.23 -1.95
C LEU A 92 -1.77 -38.49 -1.21
N VAL A 93 -1.77 -39.47 -0.32
CA VAL A 93 -0.54 -39.94 0.30
C VAL A 93 0.35 -40.56 -0.76
N ASN A 94 -0.26 -41.40 -1.59
CA ASN A 94 0.42 -41.99 -2.73
C ASN A 94 0.99 -40.92 -3.66
N TYR A 95 0.19 -39.87 -3.90
CA TYR A 95 0.62 -38.75 -4.73
C TYR A 95 1.79 -38.00 -4.09
N SER A 96 1.69 -37.77 -2.79
CA SER A 96 2.73 -37.03 -2.07
C SER A 96 4.04 -37.79 -2.03
N LEU A 97 3.95 -39.12 -1.98
CA LEU A 97 5.14 -39.97 -1.98
C LEU A 97 5.81 -39.94 -3.35
N VAL A 98 5.01 -39.93 -4.41
CA VAL A 98 5.53 -39.86 -5.77
C VAL A 98 6.18 -38.50 -6.04
N VAL A 99 5.51 -37.44 -5.60
CA VAL A 99 6.00 -36.08 -5.80
C VAL A 99 7.21 -35.79 -4.90
N GLY A 100 7.20 -36.35 -3.70
CA GLY A 100 8.28 -36.11 -2.75
C GLY A 100 8.03 -34.83 -1.97
N GLY A 101 6.76 -34.42 -1.94
CA GLY A 101 6.36 -33.22 -1.24
C GLY A 101 4.92 -33.34 -0.78
N THR A 102 4.53 -32.52 0.19
CA THR A 102 3.18 -32.58 0.76
C THR A 102 2.16 -31.83 -0.10
N GLY A 103 2.61 -31.36 -1.26
CA GLY A 103 1.77 -30.62 -2.19
C GLY A 103 0.36 -31.16 -2.44
N PRO A 104 0.25 -32.41 -2.92
CA PRO A 104 -1.05 -33.03 -3.17
C PRO A 104 -1.97 -33.03 -1.94
N LEU A 105 -1.41 -33.29 -0.77
CA LEU A 105 -2.19 -33.28 0.46
C LEU A 105 -2.60 -31.86 0.85
N ASP A 106 -1.66 -30.93 0.70
CA ASP A 106 -1.89 -29.52 1.05
C ASP A 106 -3.03 -28.91 0.23
N GLU A 107 -2.94 -29.04 -1.09
CA GLU A 107 -3.86 -28.37 -1.99
C GLU A 107 -5.21 -29.07 -2.11
N TRP A 108 -5.20 -30.40 -2.07
CA TRP A 108 -6.40 -31.17 -2.43
C TRP A 108 -7.16 -31.77 -1.25
N ALA A 109 -6.57 -31.76 -0.05
CA ALA A 109 -7.22 -32.35 1.11
C ALA A 109 -7.25 -31.42 2.32
N ILE A 110 -6.10 -30.82 2.64
CA ILE A 110 -5.96 -30.05 3.86
C ILE A 110 -6.59 -28.66 3.76
N ALA A 111 -6.31 -27.96 2.66
CA ALA A 111 -6.84 -26.61 2.46
C ALA A 111 -8.36 -26.62 2.46
N GLY A 112 -8.96 -25.92 3.42
CA GLY A 112 -10.40 -25.79 3.50
C GLY A 112 -11.08 -26.93 4.22
N ALA A 113 -10.29 -27.86 4.74
CA ALA A 113 -10.83 -29.05 5.41
C ALA A 113 -11.54 -28.70 6.71
N ARG A 114 -10.96 -27.77 7.47
CA ARG A 114 -11.53 -27.35 8.75
C ARG A 114 -12.93 -26.77 8.55
N GLU A 115 -13.09 -25.94 7.53
CA GLU A 115 -14.37 -25.31 7.25
C GLU A 115 -15.41 -26.35 6.82
N VAL A 116 -14.99 -27.31 6.00
CA VAL A 116 -15.88 -28.35 5.53
C VAL A 116 -16.35 -29.27 6.66
N TYR A 117 -15.40 -29.78 7.44
CA TYR A 117 -15.70 -30.74 8.49
C TYR A 117 -16.49 -30.10 9.63
N ARG A 118 -16.25 -28.82 9.88
CA ARG A 118 -16.97 -28.09 10.92
C ARG A 118 -18.43 -27.90 10.51
N THR A 119 -18.63 -27.50 9.26
CA THR A 119 -19.96 -27.20 8.75
C THR A 119 -20.82 -28.45 8.58
N LEU A 120 -20.18 -29.56 8.23
CA LEU A 120 -20.91 -30.79 7.92
C LEU A 120 -20.94 -31.78 9.09
N ASN A 121 -20.55 -31.32 10.28
CA ASN A 121 -20.52 -32.16 11.48
C ASN A 121 -19.71 -33.44 11.28
N LEU A 122 -18.47 -33.28 10.82
CA LEU A 122 -17.57 -34.40 10.67
C LEU A 122 -16.40 -34.25 11.64
N PRO A 123 -16.47 -34.94 12.79
CA PRO A 123 -15.48 -34.83 13.86
C PRO A 123 -14.07 -35.14 13.37
N SER A 124 -13.14 -34.21 13.59
CA SER A 124 -11.77 -34.35 13.12
C SER A 124 -11.07 -35.57 13.73
N ALA A 125 -11.46 -35.92 14.95
CA ALA A 125 -10.85 -37.04 15.66
C ALA A 125 -11.13 -38.36 14.97
N SER A 126 -12.24 -38.43 14.25
CA SER A 126 -12.61 -39.63 13.50
C SER A 126 -11.61 -39.88 12.38
N TYR A 127 -11.24 -38.82 11.68
CA TYR A 127 -10.22 -38.91 10.65
C TYR A 127 -8.87 -39.26 11.27
N VAL A 128 -8.57 -38.63 12.40
CA VAL A 128 -7.35 -38.91 13.14
C VAL A 128 -7.24 -40.39 13.48
N ALA A 129 -8.37 -40.97 13.91
CA ALA A 129 -8.42 -42.38 14.27
C ALA A 129 -8.05 -43.28 13.09
N ALA A 130 -8.50 -42.91 11.90
CA ALA A 130 -8.25 -43.70 10.71
C ALA A 130 -6.78 -43.70 10.32
N PHE A 131 -6.13 -42.55 10.45
CA PHE A 131 -4.77 -42.37 9.97
C PHE A 131 -3.73 -42.66 11.04
N ALA A 132 -4.10 -42.54 12.30
CA ALA A 132 -3.23 -42.94 13.39
C ALA A 132 -3.07 -44.45 13.38
N PHE A 133 -4.18 -45.15 13.10
CA PHE A 133 -4.18 -46.60 12.99
C PHE A 133 -3.37 -47.02 11.77
N THR A 134 -3.64 -46.38 10.64
CA THR A 134 -2.97 -46.68 9.38
C THR A 134 -1.45 -46.51 9.54
N ARG A 135 -1.05 -45.47 10.26
CA ARG A 135 0.35 -45.21 10.53
C ARG A 135 0.95 -46.30 11.42
N ASP A 136 0.28 -46.59 12.53
CA ASP A 136 0.77 -47.55 13.51
C ASP A 136 0.68 -48.99 13.02
N ARG A 137 -0.10 -49.22 11.98
CA ARG A 137 -0.30 -50.56 11.43
C ARG A 137 0.98 -51.09 10.79
N LEU A 138 1.78 -50.18 10.23
CA LEU A 138 3.00 -50.55 9.53
C LEU A 138 4.05 -51.15 10.45
N CYS A 139 4.76 -52.17 9.96
CA CYS A 139 6.00 -52.59 10.61
C CYS A 139 6.99 -53.10 9.56
N VAL A 140 8.27 -52.87 9.85
CA VAL A 140 9.37 -53.13 8.92
C VAL A 140 10.16 -54.35 9.41
N PRO A 141 10.58 -55.23 8.48
CA PRO A 141 10.48 -55.17 7.02
C PRO A 141 9.30 -55.91 6.39
N ARG A 142 8.30 -56.27 7.19
CA ARG A 142 7.16 -57.04 6.67
C ARG A 142 6.45 -56.36 5.52
N ASP A 143 6.10 -55.09 5.70
CA ASP A 143 5.29 -54.37 4.74
C ASP A 143 6.14 -53.64 3.69
N MET A 144 7.30 -53.15 4.11
CA MET A 144 8.22 -52.44 3.22
C MET A 144 9.56 -52.21 3.91
N SER A 145 10.53 -51.71 3.16
CA SER A 145 11.85 -51.42 3.71
C SER A 145 11.78 -50.29 4.73
N ALA A 146 12.83 -50.13 5.53
CA ALA A 146 12.84 -49.16 6.62
C ALA A 146 12.64 -47.73 6.16
N GLN A 147 13.37 -47.32 5.13
CA GLN A 147 13.28 -45.95 4.63
C GLN A 147 11.95 -45.71 3.94
N ALA A 148 11.43 -46.73 3.29
CA ALA A 148 10.10 -46.67 2.69
C ALA A 148 9.06 -46.49 3.79
N GLY A 149 9.26 -47.21 4.89
CA GLY A 149 8.38 -47.13 6.04
C GLY A 149 8.44 -45.75 6.69
N GLY A 150 9.62 -45.15 6.66
CA GLY A 150 9.81 -43.81 7.20
C GLY A 150 8.99 -42.78 6.44
N GLU A 151 9.00 -42.89 5.11
CA GLU A 151 8.25 -41.98 4.25
C GLU A 151 6.74 -42.15 4.45
N TYR A 152 6.31 -43.40 4.53
CA TYR A 152 4.90 -43.73 4.74
C TYR A 152 4.37 -43.15 6.04
N VAL A 153 5.11 -43.37 7.12
CA VAL A 153 4.73 -42.88 8.44
C VAL A 153 4.77 -41.36 8.51
N ALA A 154 5.79 -40.76 7.92
CA ALA A 154 5.95 -39.31 7.93
C ALA A 154 4.78 -38.60 7.26
N ALA A 155 4.35 -39.14 6.12
CA ALA A 155 3.24 -38.57 5.37
C ALA A 155 1.94 -38.64 6.17
N LEU A 156 1.78 -39.71 6.93
CA LEU A 156 0.59 -39.89 7.76
C LEU A 156 0.65 -39.04 9.01
N ASP A 157 1.85 -38.87 9.56
CA ASP A 157 2.05 -37.96 10.69
C ASP A 157 1.74 -36.53 10.28
N TYR A 158 2.01 -36.21 9.02
CA TYR A 158 1.74 -34.89 8.47
C TYR A 158 0.23 -34.63 8.46
N ILE A 159 -0.53 -35.66 8.10
CA ILE A 159 -1.98 -35.56 8.09
C ILE A 159 -2.55 -35.40 9.49
N VAL A 160 -2.06 -36.23 10.42
CA VAL A 160 -2.50 -36.20 11.80
C VAL A 160 -2.23 -34.83 12.44
N ASN A 161 -1.05 -34.28 12.20
CA ASN A 161 -0.71 -32.96 12.70
C ASN A 161 -1.63 -31.88 12.13
N ALA A 162 -1.94 -32.01 10.84
CA ALA A 162 -2.83 -31.06 10.18
C ALA A 162 -4.24 -31.12 10.75
N LEU A 163 -4.62 -32.30 11.23
CA LEU A 163 -5.94 -32.49 11.82
C LEU A 163 -5.98 -32.03 13.28
N THR A 164 -4.81 -31.89 13.88
CA THR A 164 -4.71 -31.57 15.29
C THR A 164 -3.97 -30.26 15.56
N MET B 1 3.22 -24.29 -10.03
CA MET B 1 3.87 -24.98 -11.13
C MET B 1 3.93 -26.49 -10.90
N LEU B 2 4.13 -27.24 -11.98
CA LEU B 2 4.27 -28.69 -11.89
C LEU B 2 5.66 -29.12 -12.34
N ASP B 3 6.15 -30.23 -11.81
CA ASP B 3 7.35 -30.86 -12.33
C ASP B 3 6.96 -32.17 -13.02
N ALA B 4 7.97 -32.95 -13.40
CA ALA B 4 7.71 -34.22 -14.09
C ALA B 4 6.89 -35.17 -13.25
N PHE B 5 7.08 -35.12 -11.94
CA PHE B 5 6.41 -36.04 -11.02
C PHE B 5 4.98 -35.60 -10.71
N SER B 6 4.78 -34.32 -10.44
CA SER B 6 3.46 -33.80 -10.13
C SER B 6 2.57 -33.77 -11.37
N ARG B 7 3.18 -33.76 -12.55
CA ARG B 7 2.42 -33.81 -13.80
C ARG B 7 1.74 -35.17 -13.93
N VAL B 8 2.44 -36.23 -13.51
CA VAL B 8 1.90 -37.58 -13.56
C VAL B 8 0.72 -37.73 -12.58
N VAL B 9 0.88 -37.21 -11.37
CA VAL B 9 -0.18 -37.32 -10.37
C VAL B 9 -1.38 -36.45 -10.74
N VAL B 10 -1.13 -35.38 -11.50
CA VAL B 10 -2.22 -34.55 -12.00
C VAL B 10 -3.03 -35.33 -13.02
N ASN B 11 -2.31 -36.00 -13.93
CA ASN B 11 -2.96 -36.85 -14.92
C ASN B 11 -3.70 -38.01 -14.27
N SER B 12 -3.10 -38.58 -13.22
CA SER B 12 -3.71 -39.71 -12.52
C SER B 12 -4.91 -39.28 -11.69
N ASP B 13 -4.86 -38.06 -11.17
CA ASP B 13 -5.95 -37.55 -10.33
C ASP B 13 -7.23 -37.35 -11.14
N ALA B 14 -7.06 -37.02 -12.41
CA ALA B 14 -8.19 -36.83 -13.32
C ALA B 14 -9.00 -38.11 -13.47
N LYS B 15 -8.32 -39.24 -13.28
CA LYS B 15 -8.97 -40.54 -13.36
C LYS B 15 -9.15 -41.15 -11.96
N ALA B 16 -8.86 -40.35 -10.94
CA ALA B 16 -8.95 -40.78 -9.54
C ALA B 16 -8.17 -42.07 -9.30
N ALA B 17 -7.01 -42.19 -9.93
CA ALA B 17 -6.23 -43.42 -9.87
C ALA B 17 -4.95 -43.25 -9.06
N TYR B 18 -4.56 -44.30 -8.37
CA TYR B 18 -3.28 -44.35 -7.68
C TYR B 18 -2.14 -44.42 -8.69
N VAL B 19 -0.99 -43.88 -8.33
CA VAL B 19 0.19 -44.00 -9.17
C VAL B 19 0.94 -45.28 -8.79
N GLY B 20 0.86 -46.28 -9.66
CA GLY B 20 1.44 -47.58 -9.35
C GLY B 20 2.67 -47.91 -10.17
N GLY B 21 3.17 -49.14 -10.02
CA GLY B 21 4.39 -49.56 -10.68
C GLY B 21 4.35 -49.44 -12.20
N SER B 22 3.18 -49.65 -12.78
CA SER B 22 3.02 -49.58 -14.24
C SER B 22 2.99 -48.13 -14.74
N ASP B 23 3.04 -47.19 -13.80
CA ASP B 23 3.01 -45.77 -14.15
C ASP B 23 4.34 -45.08 -13.85
N LEU B 24 5.28 -45.82 -13.27
CA LEU B 24 6.51 -45.22 -12.76
C LEU B 24 7.77 -45.54 -13.57
N GLN B 25 7.62 -46.23 -14.69
CA GLN B 25 8.78 -46.57 -15.52
C GLN B 25 9.50 -45.32 -16.01
N ALA B 26 8.73 -44.34 -16.47
CA ALA B 26 9.30 -43.10 -16.99
C ALA B 26 9.89 -42.24 -15.87
N LEU B 27 9.28 -42.29 -14.70
CA LEU B 27 9.73 -41.49 -13.56
C LEU B 27 10.98 -42.07 -12.92
N LYS B 28 11.09 -43.40 -12.94
CA LYS B 28 12.30 -44.06 -12.45
C LYS B 28 13.46 -43.78 -13.39
N LYS B 29 13.16 -43.76 -14.69
CA LYS B 29 14.13 -43.39 -15.71
C LYS B 29 14.56 -41.95 -15.55
N PHE B 30 13.61 -41.11 -15.13
CA PHE B 30 13.88 -39.70 -14.85
C PHE B 30 14.92 -39.57 -13.74
N ILE B 31 14.77 -40.38 -12.70
CA ILE B 31 15.70 -40.37 -11.57
C ILE B 31 17.07 -40.90 -11.98
N THR B 32 17.07 -41.99 -12.74
CA THR B 32 18.31 -42.62 -13.19
C THR B 32 19.17 -41.66 -14.00
N ASP B 33 18.54 -40.88 -14.87
CA ASP B 33 19.26 -39.92 -15.69
C ASP B 33 19.32 -38.55 -15.02
N GLY B 34 19.04 -38.52 -13.71
CA GLY B 34 18.98 -37.28 -12.97
C GLY B 34 20.26 -36.45 -12.99
N ASN B 35 21.40 -37.13 -12.91
CA ASN B 35 22.69 -36.44 -12.93
C ASN B 35 22.96 -35.76 -14.27
N LYS B 36 22.50 -36.38 -15.36
CA LYS B 36 22.66 -35.79 -16.68
C LYS B 36 21.80 -34.54 -16.83
N ARG B 37 20.62 -34.57 -16.23
CA ARG B 37 19.71 -33.43 -16.26
C ARG B 37 20.32 -32.24 -15.51
N LEU B 38 20.94 -32.53 -14.37
CA LEU B 38 21.57 -31.49 -13.57
C LEU B 38 22.78 -30.90 -14.31
N ASP B 39 23.48 -31.73 -15.08
CA ASP B 39 24.56 -31.25 -15.92
C ASP B 39 24.03 -30.36 -17.04
N SER B 40 22.90 -30.76 -17.61
CA SER B 40 22.29 -30.01 -18.71
C SER B 40 21.89 -28.61 -18.26
N VAL B 41 21.35 -28.52 -17.04
CA VAL B 41 20.98 -27.23 -16.48
C VAL B 41 22.21 -26.39 -16.17
N SER B 42 23.22 -27.03 -15.60
CA SER B 42 24.46 -26.35 -15.24
C SER B 42 25.18 -25.78 -16.46
N PHE B 43 25.16 -26.54 -17.56
CA PHE B 43 25.87 -26.13 -18.76
C PHE B 43 25.21 -24.93 -19.44
N VAL B 44 23.89 -24.85 -19.34
CA VAL B 44 23.16 -23.71 -19.89
C VAL B 44 23.37 -22.47 -19.01
N VAL B 45 23.16 -22.64 -17.72
CA VAL B 45 23.30 -21.56 -16.74
C VAL B 45 24.71 -20.97 -16.76
N SER B 46 25.72 -21.82 -16.83
CA SER B 46 27.12 -21.38 -16.79
C SER B 46 27.51 -20.54 -18.00
N ASN B 47 26.71 -20.60 -19.07
CA ASN B 47 26.99 -19.83 -20.27
C ASN B 47 25.83 -18.90 -20.64
N ALA B 48 25.05 -18.51 -19.64
CA ALA B 48 23.83 -17.73 -19.87
C ALA B 48 24.08 -16.39 -20.55
N SER B 49 25.08 -15.64 -20.07
CA SER B 49 25.38 -14.31 -20.60
C SER B 49 25.72 -14.37 -22.08
N CYS B 50 26.58 -15.32 -22.43
CA CYS B 50 27.01 -15.50 -23.82
C CYS B 50 25.84 -15.93 -24.70
N ILE B 51 25.02 -16.84 -24.19
CA ILE B 51 23.84 -17.32 -24.92
C ILE B 51 22.89 -16.17 -25.25
N VAL B 52 22.60 -15.34 -24.26
CA VAL B 52 21.69 -14.21 -24.46
C VAL B 52 22.27 -13.14 -25.37
N SER B 53 23.50 -12.74 -25.11
CA SER B 53 24.15 -11.69 -25.89
C SER B 53 24.31 -12.06 -27.35
N ASP B 54 24.80 -13.26 -27.60
CA ASP B 54 25.02 -13.74 -28.96
C ASP B 54 23.73 -13.86 -29.75
N ALA B 55 22.66 -14.27 -29.06
CA ALA B 55 21.36 -14.45 -29.71
C ALA B 55 20.70 -13.13 -30.06
N VAL B 56 20.76 -12.17 -29.14
CA VAL B 56 20.20 -10.84 -29.40
C VAL B 56 21.01 -10.14 -30.48
N SER B 57 22.33 -10.30 -30.43
CA SER B 57 23.21 -9.76 -31.46
C SER B 57 22.95 -10.45 -32.79
N GLY B 58 22.61 -11.73 -32.73
CA GLY B 58 22.29 -12.49 -33.92
C GLY B 58 20.99 -12.04 -34.54
N MET B 59 20.03 -11.72 -33.70
CA MET B 59 18.73 -11.20 -34.15
C MET B 59 18.88 -9.86 -34.86
N ILE B 60 19.75 -9.01 -34.30
CA ILE B 60 19.96 -7.68 -34.85
C ILE B 60 20.77 -7.70 -36.14
N CYS B 61 21.78 -8.56 -36.19
CA CYS B 61 22.61 -8.67 -37.40
C CYS B 61 21.82 -9.30 -38.54
N GLU B 62 20.71 -9.95 -38.21
CA GLU B 62 19.82 -10.52 -39.20
C GLU B 62 18.74 -9.51 -39.62
N ASN B 63 18.45 -8.56 -38.74
CA ASN B 63 17.45 -7.52 -39.02
C ASN B 63 17.94 -6.15 -38.56
N PRO B 64 18.73 -5.48 -39.41
CA PRO B 64 19.34 -4.17 -39.13
C PRO B 64 18.32 -3.07 -38.83
N GLY B 65 17.08 -3.24 -39.29
CA GLY B 65 16.04 -2.25 -39.06
C GLY B 65 15.70 -2.05 -37.59
N LEU B 66 16.04 -3.05 -36.78
CA LEU B 66 15.77 -3.01 -35.35
C LEU B 66 16.54 -1.91 -34.64
N ILE B 67 17.71 -1.57 -35.16
CA ILE B 67 18.56 -0.54 -34.54
C ILE B 67 18.54 0.75 -35.35
N ALA B 68 17.60 0.86 -36.29
CA ALA B 68 17.35 2.09 -37.00
C ALA B 68 16.22 2.85 -36.29
N PRO B 69 16.13 4.17 -36.49
CA PRO B 69 15.02 4.94 -35.91
C PRO B 69 13.65 4.33 -36.21
N GLY B 70 12.88 4.09 -35.16
CA GLY B 70 11.60 3.43 -35.30
C GLY B 70 11.72 1.94 -35.02
N GLY B 71 12.96 1.46 -34.96
CA GLY B 71 13.23 0.07 -34.63
C GLY B 71 13.01 -0.18 -33.16
N ASN B 72 12.69 -1.43 -32.81
CA ASN B 72 12.33 -1.74 -31.44
C ASN B 72 13.55 -2.00 -30.54
N CYS B 73 14.73 -2.01 -31.15
CA CYS B 73 15.97 -2.12 -30.37
C CYS B 73 16.72 -0.79 -30.42
N TYR B 74 16.06 0.23 -30.94
CA TYR B 74 16.63 1.57 -31.04
C TYR B 74 16.68 2.23 -29.66
N THR B 75 17.74 2.98 -29.40
CA THR B 75 18.08 3.56 -28.09
C THR B 75 18.48 2.48 -27.08
N ASN B 76 19.34 2.85 -26.14
CA ASN B 76 19.84 1.92 -25.14
C ASN B 76 18.75 1.37 -24.24
N ARG B 77 17.70 2.15 -24.02
CA ARG B 77 16.59 1.72 -23.16
C ARG B 77 15.87 0.51 -23.74
N ARG B 78 15.64 0.53 -25.05
CA ARG B 78 14.97 -0.57 -25.71
C ARG B 78 15.89 -1.79 -25.83
N MET B 79 17.14 -1.53 -26.17
CA MET B 79 18.13 -2.61 -26.30
C MET B 79 18.30 -3.34 -24.98
N ALA B 80 18.30 -2.59 -23.89
CA ALA B 80 18.42 -3.17 -22.55
C ALA B 80 17.19 -4.03 -22.24
N ALA B 81 16.02 -3.52 -22.59
CA ALA B 81 14.78 -4.24 -22.34
C ALA B 81 14.70 -5.53 -23.15
N CYS B 82 15.29 -5.52 -24.35
CA CYS B 82 15.32 -6.70 -25.20
C CYS B 82 16.29 -7.74 -24.65
N LEU B 83 17.48 -7.28 -24.24
CA LEU B 83 18.46 -8.16 -23.60
C LEU B 83 17.88 -8.75 -22.33
N ARG B 84 17.04 -7.96 -21.65
CA ARG B 84 16.37 -8.38 -20.43
C ARG B 84 15.40 -9.52 -20.72
N ASP B 85 14.61 -9.36 -21.78
CA ASP B 85 13.63 -10.36 -22.19
C ASP B 85 14.31 -11.67 -22.59
N GLY B 86 15.47 -11.56 -23.24
CA GLY B 86 16.22 -12.73 -23.65
C GLY B 86 16.69 -13.52 -22.44
N GLU B 87 17.19 -12.82 -21.44
CA GLU B 87 17.68 -13.44 -20.22
C GLU B 87 16.54 -14.09 -19.45
N ILE B 88 15.40 -13.41 -19.39
CA ILE B 88 14.23 -13.90 -18.70
C ILE B 88 13.71 -15.20 -19.32
N ILE B 89 13.58 -15.21 -20.64
CA ILE B 89 13.08 -16.37 -21.37
C ILE B 89 13.99 -17.58 -21.16
N LEU B 90 15.29 -17.37 -21.26
CA LEU B 90 16.26 -18.45 -21.04
C LEU B 90 16.18 -18.94 -19.60
N ARG B 91 15.94 -18.03 -18.67
CA ARG B 91 15.84 -18.35 -17.25
C ARG B 91 14.68 -19.29 -16.98
N TYR B 92 13.53 -19.02 -17.60
CA TYR B 92 12.36 -19.86 -17.43
C TYR B 92 12.50 -21.16 -18.20
N ALA B 93 13.24 -21.12 -19.30
CA ALA B 93 13.53 -22.32 -20.07
C ALA B 93 14.40 -23.27 -19.24
N SER B 94 15.33 -22.70 -18.49
CA SER B 94 16.20 -23.50 -17.62
C SER B 94 15.45 -24.02 -16.41
N TYR B 95 14.46 -23.26 -15.95
CA TYR B 95 13.58 -23.71 -14.88
C TYR B 95 12.85 -24.97 -15.31
N ALA B 96 12.27 -24.93 -16.51
CA ALA B 96 11.51 -26.04 -17.05
C ALA B 96 12.38 -27.28 -17.25
N LEU B 97 13.61 -27.06 -17.71
CA LEU B 97 14.54 -28.15 -17.93
C LEU B 97 14.90 -28.83 -16.62
N LEU B 98 15.01 -28.03 -15.56
CA LEU B 98 15.33 -28.56 -14.23
C LEU B 98 14.16 -29.35 -13.66
N ALA B 99 12.94 -28.87 -13.90
CA ALA B 99 11.75 -29.51 -13.36
C ALA B 99 11.28 -30.66 -14.25
N GLY B 100 11.71 -30.65 -15.51
CA GLY B 100 11.28 -31.66 -16.46
C GLY B 100 9.83 -31.45 -16.85
N ASP B 101 9.41 -30.19 -16.82
CA ASP B 101 8.02 -29.85 -17.14
C ASP B 101 7.90 -28.39 -17.55
N PRO B 102 7.10 -28.11 -18.60
CA PRO B 102 6.96 -26.76 -19.16
C PRO B 102 5.98 -25.85 -18.43
N SER B 103 5.40 -26.31 -17.32
CA SER B 103 4.36 -25.55 -16.63
C SER B 103 4.85 -24.20 -16.11
N VAL B 104 6.05 -24.18 -15.51
CA VAL B 104 6.60 -22.94 -14.97
C VAL B 104 6.85 -21.94 -16.09
N LEU B 105 7.18 -22.44 -17.28
CA LEU B 105 7.39 -21.60 -18.44
C LEU B 105 6.06 -21.03 -18.93
N GLU B 106 5.05 -21.89 -18.97
CA GLU B 106 3.72 -21.50 -19.42
C GLU B 106 3.05 -20.51 -18.48
N ASP B 107 3.04 -20.85 -17.19
CA ASP B 107 2.30 -20.07 -16.20
C ASP B 107 2.93 -18.70 -15.92
N ARG B 108 4.25 -18.67 -15.76
CA ARG B 108 4.92 -17.47 -15.27
C ARG B 108 5.63 -16.65 -16.33
N CYS B 109 5.69 -17.14 -17.57
CA CYS B 109 6.40 -16.42 -18.62
C CYS B 109 5.58 -16.22 -19.88
N LEU B 110 5.01 -17.32 -20.40
CA LEU B 110 4.32 -17.27 -21.69
C LEU B 110 2.89 -16.76 -21.59
N ASN B 111 2.29 -16.88 -20.40
CA ASN B 111 0.91 -16.46 -20.22
C ASN B 111 0.72 -14.96 -20.40
N GLY B 112 0.08 -14.58 -21.50
CA GLY B 112 -0.19 -13.19 -21.79
C GLY B 112 0.85 -12.54 -22.67
N LEU B 113 2.02 -13.17 -22.76
CA LEU B 113 3.18 -12.59 -23.44
C LEU B 113 2.92 -12.08 -24.85
N LYS B 114 2.16 -12.84 -25.64
CA LYS B 114 1.83 -12.43 -26.99
C LYS B 114 1.05 -11.12 -26.98
N GLU B 115 0.16 -10.98 -26.00
CA GLU B 115 -0.70 -9.81 -25.92
C GLU B 115 0.05 -8.55 -25.48
N THR B 116 1.02 -8.71 -24.59
CA THR B 116 1.80 -7.54 -24.16
C THR B 116 2.75 -7.10 -25.27
N TYR B 117 3.32 -8.07 -25.99
CA TYR B 117 4.22 -7.76 -27.09
C TYR B 117 3.50 -7.01 -28.21
N ILE B 118 2.26 -7.42 -28.49
CA ILE B 118 1.45 -6.77 -29.50
C ILE B 118 1.10 -5.35 -29.05
N ALA B 119 0.78 -5.20 -27.76
CA ALA B 119 0.44 -3.91 -27.19
C ALA B 119 1.62 -2.95 -27.20
N LEU B 120 2.82 -3.50 -27.04
CA LEU B 120 4.04 -2.69 -27.01
C LEU B 120 4.59 -2.43 -28.40
N GLY B 121 4.26 -3.33 -29.33
CA GLY B 121 4.80 -3.23 -30.68
C GLY B 121 6.11 -3.96 -30.81
N VAL B 122 6.36 -4.89 -29.89
CA VAL B 122 7.55 -5.73 -29.96
C VAL B 122 7.40 -6.73 -31.10
N PRO B 123 8.30 -6.65 -32.11
CA PRO B 123 8.23 -7.49 -33.29
C PRO B 123 8.39 -8.97 -32.94
N THR B 124 7.38 -9.77 -33.28
CA THR B 124 7.32 -11.16 -32.86
C THR B 124 8.28 -12.06 -33.65
N ASN B 125 8.45 -11.79 -34.94
CA ASN B 125 9.34 -12.61 -35.75
C ASN B 125 10.80 -12.49 -35.29
N SER B 126 11.21 -11.26 -34.98
CA SER B 126 12.55 -11.03 -34.47
C SER B 126 12.71 -11.66 -33.08
N SER B 127 11.62 -11.67 -32.32
CA SER B 127 11.61 -12.35 -31.02
C SER B 127 11.81 -13.85 -31.21
N VAL B 128 11.16 -14.40 -32.23
CA VAL B 128 11.31 -15.82 -32.57
C VAL B 128 12.75 -16.14 -32.94
N ARG B 129 13.37 -15.23 -33.70
CA ARG B 129 14.76 -15.40 -34.12
C ARG B 129 15.71 -15.46 -32.93
N ALA B 130 15.50 -14.57 -31.97
CA ALA B 130 16.35 -14.53 -30.77
C ALA B 130 16.21 -15.83 -29.97
N VAL B 131 14.98 -16.30 -29.84
CA VAL B 131 14.71 -17.55 -29.14
C VAL B 131 15.31 -18.73 -29.89
N SER B 132 15.20 -18.69 -31.22
CA SER B 132 15.73 -19.76 -32.06
C SER B 132 17.25 -19.88 -31.96
N ILE B 133 17.92 -18.74 -31.84
CA ILE B 133 19.37 -18.74 -31.71
C ILE B 133 19.77 -19.21 -30.32
N MET B 134 19.03 -18.78 -29.30
CA MET B 134 19.26 -19.26 -27.94
C MET B 134 19.12 -20.77 -27.88
N LYS B 135 18.15 -21.30 -28.63
CA LYS B 135 17.95 -22.74 -28.69
C LYS B 135 19.17 -23.43 -29.28
N ALA B 136 19.71 -22.86 -30.35
CA ALA B 136 20.89 -23.43 -31.01
C ALA B 136 22.07 -23.49 -30.06
N SER B 137 22.34 -22.39 -29.37
CA SER B 137 23.48 -22.31 -28.47
C SER B 137 23.28 -23.15 -27.20
N ALA B 138 22.11 -23.02 -26.58
CA ALA B 138 21.84 -23.73 -25.33
C ALA B 138 21.85 -25.24 -25.51
N THR B 139 21.21 -25.72 -26.58
CA THR B 139 21.17 -27.16 -26.84
C THR B 139 22.54 -27.68 -27.23
N ALA B 140 23.36 -26.80 -27.81
CA ALA B 140 24.73 -27.16 -28.16
C ALA B 140 25.57 -27.37 -26.91
N PHE B 141 25.36 -26.51 -25.92
CA PHE B 141 26.07 -26.65 -24.65
C PHE B 141 25.61 -27.90 -23.91
N VAL B 142 24.33 -28.24 -24.05
CA VAL B 142 23.81 -29.48 -23.49
C VAL B 142 24.40 -30.68 -24.21
N SER B 143 24.40 -30.61 -25.54
CA SER B 143 24.89 -31.71 -26.37
C SER B 143 26.41 -31.82 -26.36
N GLY B 144 27.07 -30.77 -25.87
CA GLY B 144 28.52 -30.74 -25.81
C GLY B 144 29.13 -30.50 -27.17
N THR B 145 28.43 -29.74 -28.01
CA THR B 145 28.89 -29.46 -29.37
C THR B 145 29.11 -27.97 -29.60
N ALA B 146 29.24 -27.22 -28.51
CA ALA B 146 29.53 -25.79 -28.62
C ALA B 146 30.93 -25.59 -29.19
N SER B 147 31.04 -24.71 -30.18
CA SER B 147 32.28 -24.56 -30.95
C SER B 147 33.48 -24.08 -30.13
N ASP B 148 33.24 -23.20 -29.16
CA ASP B 148 34.35 -22.61 -28.42
C ASP B 148 34.44 -23.06 -26.96
N ARG B 149 33.57 -23.98 -26.55
CA ARG B 149 33.67 -24.55 -25.20
C ARG B 149 32.99 -25.91 -25.07
N LYS B 150 33.73 -26.88 -24.54
CA LYS B 150 33.17 -28.17 -24.20
C LYS B 150 33.28 -28.40 -22.70
N MET B 151 32.13 -28.46 -22.03
CA MET B 151 32.09 -28.65 -20.58
C MET B 151 32.54 -30.05 -20.21
N ALA B 152 33.26 -30.16 -19.10
CA ALA B 152 33.75 -31.45 -18.63
C ALA B 152 32.62 -32.32 -18.09
N CYS B 153 32.62 -33.59 -18.49
CA CYS B 153 31.59 -34.55 -18.10
C CYS B 153 31.92 -35.93 -18.66
N PRO B 154 31.41 -36.99 -18.02
CA PRO B 154 31.52 -38.33 -18.62
C PRO B 154 30.82 -38.39 -19.97
N ASP B 155 31.44 -39.06 -20.93
CA ASP B 155 30.88 -39.15 -22.28
C ASP B 155 29.59 -39.97 -22.29
N GLY B 156 28.56 -39.42 -22.92
CA GLY B 156 27.28 -40.10 -23.00
C GLY B 156 26.27 -39.38 -23.88
N ASP B 157 25.05 -39.90 -23.90
CA ASP B 157 24.01 -39.36 -24.76
C ASP B 157 23.07 -38.42 -24.00
N CYS B 158 23.09 -37.14 -24.37
CA CYS B 158 22.19 -36.16 -23.78
C CYS B 158 21.21 -35.60 -24.81
N SER B 159 21.03 -36.34 -25.90
CA SER B 159 20.17 -35.88 -26.99
C SER B 159 18.72 -35.70 -26.56
N ALA B 160 18.29 -36.52 -25.60
CA ALA B 160 16.93 -36.40 -25.06
C ALA B 160 16.77 -35.10 -24.28
N LEU B 161 17.78 -34.78 -23.46
CA LEU B 161 17.78 -33.52 -22.71
C LEU B 161 17.77 -32.31 -23.63
N ALA B 162 18.65 -32.33 -24.63
CA ALA B 162 18.77 -31.23 -25.58
C ALA B 162 17.47 -31.06 -26.37
N SER B 163 16.86 -32.18 -26.75
CA SER B 163 15.60 -32.16 -27.47
C SER B 163 14.49 -31.59 -26.59
N GLU B 164 14.53 -31.93 -25.31
CA GLU B 164 13.56 -31.43 -24.34
C GLU B 164 13.69 -29.92 -24.18
N LEU B 165 14.92 -29.45 -24.00
CA LEU B 165 15.19 -28.03 -23.88
C LEU B 165 14.75 -27.28 -25.14
N GLY B 166 14.98 -27.90 -26.29
CA GLY B 166 14.59 -27.32 -27.56
C GLY B 166 13.09 -27.14 -27.68
N SER B 167 12.34 -28.11 -27.14
CA SER B 167 10.88 -28.04 -27.19
C SER B 167 10.35 -26.91 -26.32
N TYR B 168 11.08 -26.57 -25.28
CA TYR B 168 10.71 -25.47 -24.40
C TYR B 168 10.89 -24.13 -25.11
N CYS B 169 11.96 -24.02 -25.89
CA CYS B 169 12.19 -22.83 -26.70
C CYS B 169 11.14 -22.73 -27.79
N ASP B 170 10.73 -23.87 -28.32
CA ASP B 170 9.71 -23.92 -29.37
C ASP B 170 8.36 -23.43 -28.86
N ARG B 171 8.05 -23.75 -27.61
CA ARG B 171 6.79 -23.33 -27.00
C ARG B 171 6.74 -21.81 -26.87
N VAL B 172 7.89 -21.20 -26.63
CA VAL B 172 7.99 -19.76 -26.56
C VAL B 172 7.63 -19.13 -27.90
N ALA B 173 8.21 -19.68 -28.96
CA ALA B 173 7.95 -19.19 -30.31
C ALA B 173 6.49 -19.36 -30.69
N ALA B 174 5.91 -20.51 -30.33
CA ALA B 174 4.52 -20.81 -30.64
C ALA B 174 3.56 -19.91 -29.88
N ALA B 175 3.94 -19.53 -28.67
CA ALA B 175 3.09 -18.72 -27.80
C ALA B 175 2.91 -17.29 -28.32
N ILE B 176 3.92 -16.79 -29.03
CA ILE B 176 3.89 -15.43 -29.52
C ILE B 176 3.66 -15.34 -31.04
N SER B 177 3.53 -16.49 -31.67
CA SER B 177 3.26 -16.52 -33.09
C SER B 177 1.76 -16.56 -33.39
N MET C 1 8.34 26.77 0.69
CA MET C 1 8.09 28.04 0.03
C MET C 1 8.27 27.93 -1.48
N LYS C 2 7.15 27.91 -2.20
CA LYS C 2 7.19 27.75 -3.65
C LYS C 2 7.81 28.94 -4.35
N SER C 3 8.84 28.66 -5.15
CA SER C 3 9.49 29.66 -5.97
C SER C 3 10.12 28.96 -7.16
N VAL C 4 10.87 29.70 -7.97
CA VAL C 4 11.58 29.10 -9.09
C VAL C 4 12.63 28.12 -8.58
N MET C 5 13.41 28.56 -7.59
CA MET C 5 14.53 27.78 -7.08
C MET C 5 14.07 26.54 -6.29
N THR C 6 13.02 26.69 -5.50
CA THR C 6 12.54 25.56 -4.68
C THR C 6 11.80 24.52 -5.51
N THR C 7 11.12 24.96 -6.56
CA THR C 7 10.40 24.05 -7.45
C THR C 7 11.36 23.18 -8.24
N THR C 8 12.41 23.79 -8.78
CA THR C 8 13.39 23.08 -9.58
C THR C 8 14.22 22.10 -8.74
N ILE C 9 14.56 22.53 -7.53
CA ILE C 9 15.34 21.68 -6.64
C ILE C 9 14.51 20.50 -6.15
N SER C 10 13.24 20.75 -5.84
CA SER C 10 12.33 19.68 -5.41
C SER C 10 12.12 18.68 -6.54
N ALA C 11 12.09 19.17 -7.78
CA ALA C 11 11.93 18.31 -8.94
C ALA C 11 13.17 17.44 -9.14
N ALA C 12 14.34 18.04 -8.96
CA ALA C 12 15.60 17.33 -9.09
C ALA C 12 15.76 16.31 -7.97
N ASP C 13 15.35 16.68 -6.77
CA ASP C 13 15.48 15.82 -5.60
C ASP C 13 14.57 14.59 -5.70
N ALA C 14 13.41 14.77 -6.32
CA ALA C 14 12.45 13.68 -6.49
C ALA C 14 13.01 12.59 -7.39
N ALA C 15 13.91 12.97 -8.29
CA ALA C 15 14.53 12.02 -9.21
C ALA C 15 15.98 11.73 -8.82
N GLY C 16 16.41 12.30 -7.70
CA GLY C 16 17.76 12.10 -7.20
C GLY C 16 18.81 12.62 -8.16
N ARG C 17 18.53 13.78 -8.77
CA ARG C 17 19.43 14.37 -9.75
C ARG C 17 20.20 15.56 -9.19
N PHE C 18 21.44 15.72 -9.65
CA PHE C 18 22.15 16.97 -9.47
C PHE C 18 21.43 18.04 -10.29
N PRO C 19 21.58 19.31 -9.92
CA PRO C 19 21.06 20.38 -10.79
C PRO C 19 21.65 20.27 -12.18
N SER C 20 20.82 20.41 -13.22
CA SER C 20 21.30 20.31 -14.59
C SER C 20 20.92 21.54 -15.40
N SER C 21 20.99 21.40 -16.72
CA SER C 21 20.81 22.53 -17.64
C SER C 21 19.47 23.25 -17.48
N SER C 22 18.40 22.49 -17.37
CA SER C 22 17.06 23.07 -17.27
C SER C 22 16.84 23.77 -15.92
N ASP C 23 17.46 23.24 -14.88
CA ASP C 23 17.36 23.84 -13.55
C ASP C 23 18.02 25.20 -13.53
N LEU C 24 19.22 25.27 -14.10
CA LEU C 24 20.00 26.50 -14.13
C LEU C 24 19.32 27.56 -15.00
N GLU C 25 18.72 27.14 -16.10
CA GLU C 25 17.98 28.05 -16.97
C GLU C 25 16.79 28.66 -16.25
N SER C 26 16.09 27.83 -15.47
CA SER C 26 14.93 28.28 -14.72
C SER C 26 15.29 29.41 -13.76
N VAL C 27 16.41 29.25 -13.06
CA VAL C 27 16.89 30.25 -12.12
C VAL C 27 17.29 31.54 -12.85
N GLN C 28 17.78 31.41 -14.08
CA GLN C 28 18.14 32.56 -14.89
C GLN C 28 16.91 33.44 -15.15
N GLY C 29 15.75 32.79 -15.23
CA GLY C 29 14.49 33.51 -15.40
C GLY C 29 14.14 34.30 -14.15
N ASN C 30 14.54 33.77 -13.00
CA ASN C 30 14.32 34.46 -11.74
C ASN C 30 15.15 35.74 -11.68
N ILE C 31 16.34 35.68 -12.27
CA ILE C 31 17.23 36.83 -12.34
C ILE C 31 16.66 37.94 -13.22
N GLN C 32 16.05 37.55 -14.33
CA GLN C 32 15.56 38.49 -15.33
C GLN C 32 14.26 39.18 -14.92
N ARG C 33 13.40 38.45 -14.20
CA ARG C 33 12.10 38.96 -13.82
C ARG C 33 12.16 39.65 -12.45
N ALA C 34 13.30 39.51 -11.79
CA ALA C 34 13.48 39.99 -10.41
C ALA C 34 13.24 41.48 -10.24
N ALA C 35 13.85 42.28 -11.12
CA ALA C 35 13.79 43.74 -11.00
C ALA C 35 12.36 44.26 -11.00
N ALA C 36 11.53 43.69 -11.87
CA ALA C 36 10.14 44.12 -12.00
C ALA C 36 9.34 43.86 -10.73
N ARG C 37 9.40 42.64 -10.22
CA ARG C 37 8.61 42.26 -9.05
C ARG C 37 9.16 42.88 -7.76
N LEU C 38 10.47 43.15 -7.75
CA LEU C 38 11.06 43.84 -6.60
C LEU C 38 10.63 45.31 -6.57
N GLU C 39 10.48 45.89 -7.75
CA GLU C 39 10.00 47.27 -7.86
C GLU C 39 8.59 47.38 -7.30
N ALA C 40 7.74 46.42 -7.64
CA ALA C 40 6.38 46.38 -7.16
C ALA C 40 6.33 46.14 -5.66
N ALA C 41 7.22 45.28 -5.17
CA ALA C 41 7.29 44.95 -3.76
C ALA C 41 7.70 46.15 -2.92
N GLU C 42 8.69 46.90 -3.40
CA GLU C 42 9.18 48.08 -2.69
C GLU C 42 8.15 49.20 -2.71
N LYS C 43 7.49 49.39 -3.84
CA LYS C 43 6.46 50.40 -3.98
C LYS C 43 5.32 50.12 -3.02
N LEU C 44 4.99 48.83 -2.87
CA LEU C 44 3.96 48.40 -1.94
C LEU C 44 4.39 48.60 -0.50
N ALA C 45 5.66 48.32 -0.22
CA ALA C 45 6.19 48.43 1.13
C ALA C 45 6.26 49.88 1.61
N SER C 46 6.43 50.81 0.67
CA SER C 46 6.63 52.21 1.02
C SER C 46 5.32 52.96 1.24
N ASN C 47 4.20 52.33 0.88
CA ASN C 47 2.91 53.00 0.95
C ASN C 47 1.75 52.04 1.21
N HIS C 48 2.02 50.98 1.96
CA HIS C 48 1.03 49.92 2.15
C HIS C 48 -0.16 50.36 2.99
N GLU C 49 0.07 51.24 3.97
CA GLU C 49 -1.01 51.71 4.84
C GLU C 49 -2.10 52.43 4.04
N ALA C 50 -1.71 53.17 3.03
CA ALA C 50 -2.66 53.87 2.18
C ALA C 50 -3.39 52.89 1.27
N VAL C 51 -2.67 51.88 0.79
CA VAL C 51 -3.25 50.83 -0.04
C VAL C 51 -4.27 50.01 0.75
N VAL C 52 -3.91 49.65 1.97
CA VAL C 52 -4.78 48.88 2.85
C VAL C 52 -6.04 49.67 3.21
N LYS C 53 -5.85 50.96 3.48
CA LYS C 53 -6.96 51.87 3.78
C LYS C 53 -7.99 51.86 2.67
N GLU C 54 -7.54 52.03 1.43
CA GLU C 54 -8.44 52.04 0.28
C GLU C 54 -9.11 50.68 0.07
N GLY C 55 -8.37 49.61 0.36
CA GLY C 55 -8.90 48.27 0.23
C GLY C 55 -10.04 48.02 1.21
N GLY C 56 -9.79 48.32 2.47
CA GLY C 56 -10.80 48.14 3.51
C GLY C 56 -11.99 49.05 3.31
N ASP C 57 -11.74 50.28 2.87
CA ASP C 57 -12.82 51.23 2.61
C ASP C 57 -13.73 50.74 1.50
N ALA C 58 -13.12 50.23 0.43
CA ALA C 58 -13.87 49.70 -0.71
C ALA C 58 -14.75 48.53 -0.30
N CYS C 59 -14.25 47.75 0.66
CA CYS C 59 -14.99 46.61 1.18
C CYS C 59 -16.26 47.06 1.89
N PHE C 60 -16.13 48.05 2.77
CA PHE C 60 -17.27 48.53 3.54
C PHE C 60 -18.15 49.48 2.75
N ALA C 61 -17.59 50.06 1.68
CA ALA C 61 -18.37 50.91 0.79
C ALA C 61 -19.34 50.05 -0.01
N LYS C 62 -18.88 48.86 -0.39
CA LYS C 62 -19.69 47.94 -1.17
C LYS C 62 -20.62 47.13 -0.28
N TYR C 63 -20.14 46.79 0.91
CA TYR C 63 -20.90 45.96 1.84
C TYR C 63 -21.11 46.64 3.17
N SER C 64 -21.92 47.70 3.16
CA SER C 64 -22.19 48.48 4.36
C SER C 64 -23.03 47.70 5.37
N TYR C 65 -23.63 46.60 4.92
CA TYR C 65 -24.45 45.76 5.78
C TYR C 65 -23.60 45.10 6.87
N LEU C 66 -22.29 45.04 6.63
CA LEU C 66 -21.36 44.44 7.57
C LEU C 66 -21.34 45.16 8.91
N LYS C 67 -21.73 46.43 8.92
CA LYS C 67 -21.72 47.22 10.14
C LYS C 67 -23.01 47.11 10.93
N ASN C 68 -24.02 46.47 10.34
CA ASN C 68 -25.27 46.20 11.05
C ASN C 68 -25.04 45.24 12.21
N PRO C 69 -25.84 45.36 13.28
CA PRO C 69 -25.73 44.49 14.46
C PRO C 69 -25.75 43.01 14.10
N GLY C 70 -24.79 42.26 14.62
CA GLY C 70 -24.73 40.82 14.39
C GLY C 70 -23.88 40.43 13.19
N GLU C 71 -23.37 41.43 12.47
CA GLU C 71 -22.55 41.18 11.31
C GLU C 71 -21.06 41.31 11.64
N ALA C 72 -20.21 41.00 10.66
CA ALA C 72 -18.78 40.89 10.89
C ALA C 72 -18.08 42.22 11.20
N GLY C 73 -18.77 43.33 10.97
CA GLY C 73 -18.17 44.63 11.25
C GLY C 73 -19.02 45.48 12.17
N ASP C 74 -19.75 44.83 13.08
CA ASP C 74 -20.69 45.53 13.95
C ASP C 74 -20.02 46.12 15.19
N SER C 75 -18.68 46.17 15.18
CA SER C 75 -17.93 46.78 16.27
C SER C 75 -16.66 47.42 15.75
N GLN C 76 -16.03 48.25 16.57
CA GLN C 76 -14.82 48.95 16.18
C GLN C 76 -13.64 47.98 16.06
N GLU C 77 -13.56 47.03 16.98
CA GLU C 77 -12.48 46.04 16.96
C GLU C 77 -12.61 45.13 15.74
N LYS C 78 -13.83 44.73 15.44
CA LYS C 78 -14.10 43.88 14.29
C LYS C 78 -13.71 44.57 12.98
N VAL C 79 -14.05 45.86 12.87
CA VAL C 79 -13.67 46.65 11.71
C VAL C 79 -12.16 46.73 11.59
N ASN C 80 -11.48 46.94 12.72
CA ASN C 80 -10.03 47.02 12.74
C ASN C 80 -9.38 45.69 12.35
N LYS C 81 -10.01 44.59 12.73
CA LYS C 81 -9.51 43.27 12.36
C LYS C 81 -9.68 43.04 10.86
N CYS C 82 -10.66 43.72 10.27
CA CYS C 82 -10.88 43.62 8.83
C CYS C 82 -9.75 44.28 8.05
N TYR C 83 -9.42 45.51 8.44
CA TYR C 83 -8.32 46.24 7.83
C TYR C 83 -6.99 45.53 8.11
N ARG C 84 -6.90 44.91 9.28
CA ARG C 84 -5.73 44.14 9.66
C ARG C 84 -5.55 42.95 8.71
N ASP C 85 -6.65 42.26 8.42
CA ASP C 85 -6.64 41.13 7.50
C ASP C 85 -6.19 41.56 6.10
N VAL C 86 -6.71 42.69 5.64
CA VAL C 86 -6.33 43.24 4.35
C VAL C 86 -4.84 43.53 4.33
N ASP C 87 -4.33 44.07 5.43
CA ASP C 87 -2.92 44.37 5.57
C ASP C 87 -2.08 43.10 5.52
N HIS C 88 -2.62 42.03 6.08
CA HIS C 88 -1.90 40.76 6.14
C HIS C 88 -1.76 40.14 4.76
N TYR C 89 -2.82 40.25 3.95
CA TYR C 89 -2.78 39.78 2.57
C TYR C 89 -1.77 40.58 1.75
N MET C 90 -1.83 41.91 1.88
CA MET C 90 -0.96 42.80 1.11
C MET C 90 0.50 42.63 1.53
N ARG C 91 0.73 42.33 2.80
CA ARG C 91 2.09 42.05 3.26
C ARG C 91 2.59 40.75 2.66
N LEU C 92 1.67 39.81 2.46
CA LEU C 92 2.01 38.53 1.87
C LEU C 92 2.14 38.65 0.35
N VAL C 93 1.51 39.68 -0.21
CA VAL C 93 1.70 40.03 -1.61
C VAL C 93 3.12 40.54 -1.80
N ASN C 94 3.54 41.40 -0.88
CA ASN C 94 4.92 41.90 -0.84
C ASN C 94 5.92 40.76 -0.76
N TYR C 95 5.64 39.79 0.10
CA TYR C 95 6.50 38.62 0.26
C TYR C 95 6.56 37.79 -1.02
N SER C 96 5.38 37.55 -1.60
CA SER C 96 5.28 36.75 -2.81
C SER C 96 6.02 37.40 -3.98
N LEU C 97 5.99 38.72 -4.03
CA LEU C 97 6.71 39.46 -5.06
C LEU C 97 8.21 39.36 -4.85
N VAL C 98 8.63 39.34 -3.59
CA VAL C 98 10.04 39.18 -3.26
C VAL C 98 10.50 37.75 -3.55
N VAL C 99 9.70 36.78 -3.12
CA VAL C 99 9.99 35.37 -3.36
C VAL C 99 9.96 35.05 -4.85
N GLY C 100 9.00 35.65 -5.55
CA GLY C 100 8.82 35.38 -6.97
C GLY C 100 7.94 34.16 -7.15
N GLY C 101 7.16 33.85 -6.12
CA GLY C 101 6.24 32.71 -6.15
C GLY C 101 5.07 32.95 -5.21
N THR C 102 4.02 32.16 -5.38
CA THR C 102 2.81 32.33 -4.58
C THR C 102 2.92 31.66 -3.21
N GLY C 103 4.11 31.18 -2.89
CA GLY C 103 4.40 30.51 -1.63
C GLY C 103 3.84 31.14 -0.37
N PRO C 104 4.21 32.40 -0.08
CA PRO C 104 3.71 33.11 1.10
C PRO C 104 2.18 33.16 1.16
N LEU C 105 1.55 33.44 0.03
CA LEU C 105 0.09 33.46 -0.06
C LEU C 105 -0.49 32.08 0.25
N ASP C 106 0.08 31.05 -0.37
CA ASP C 106 -0.40 29.68 -0.24
C ASP C 106 -0.35 29.17 1.20
N GLU C 107 0.82 29.26 1.82
CA GLU C 107 1.02 28.68 3.14
C GLU C 107 0.35 29.47 4.26
N TRP C 108 0.44 30.79 4.19
CA TRP C 108 0.10 31.63 5.33
C TRP C 108 -1.28 32.29 5.23
N ALA C 109 -1.80 32.46 4.02
CA ALA C 109 -3.09 33.12 3.85
C ALA C 109 -4.19 32.18 3.37
N ILE C 110 -3.89 31.41 2.31
CA ILE C 110 -4.90 30.64 1.61
C ILE C 110 -5.22 29.31 2.27
N ALA C 111 -4.20 28.59 2.72
CA ALA C 111 -4.40 27.29 3.36
C ALA C 111 -5.22 27.42 4.64
N GLY C 112 -6.41 26.84 4.62
CA GLY C 112 -7.28 26.83 5.78
C GLY C 112 -8.19 28.04 5.89
N ALA C 113 -8.14 28.91 4.88
CA ALA C 113 -8.89 30.16 4.89
C ALA C 113 -10.40 29.94 4.87
N ARG C 114 -10.86 29.07 3.98
CA ARG C 114 -12.29 28.83 3.82
C ARG C 114 -12.90 28.21 5.08
N GLU C 115 -12.10 27.43 5.80
CA GLU C 115 -12.57 26.83 7.05
C GLU C 115 -12.75 27.90 8.13
N VAL C 116 -11.77 28.79 8.23
CA VAL C 116 -11.81 29.86 9.21
C VAL C 116 -12.95 30.84 8.92
N TYR C 117 -13.06 31.28 7.67
CA TYR C 117 -14.03 32.29 7.30
C TYR C 117 -15.46 31.73 7.37
N ARG C 118 -15.59 30.43 7.14
CA ARG C 118 -16.89 29.76 7.28
C ARG C 118 -17.33 29.75 8.73
N THR C 119 -16.37 29.41 9.61
CA THR C 119 -16.62 29.30 11.04
C THR C 119 -16.93 30.66 11.67
N LEU C 120 -16.29 31.71 11.16
CA LEU C 120 -16.38 33.03 11.78
C LEU C 120 -17.38 33.97 11.10
N ASN C 121 -18.15 33.44 10.16
CA ASN C 121 -19.11 34.23 9.39
C ASN C 121 -18.43 35.40 8.69
N LEU C 122 -17.31 35.11 8.03
CA LEU C 122 -16.59 36.12 7.27
C LEU C 122 -16.83 35.90 5.77
N PRO C 123 -17.73 36.70 5.19
CA PRO C 123 -18.09 36.56 3.77
C PRO C 123 -16.89 36.75 2.85
N SER C 124 -16.63 35.78 1.99
CA SER C 124 -15.46 35.81 1.12
C SER C 124 -15.52 36.95 0.12
N ALA C 125 -16.73 37.34 -0.27
CA ALA C 125 -16.92 38.41 -1.24
C ALA C 125 -16.45 39.75 -0.68
N SER C 126 -16.43 39.87 0.64
CA SER C 126 -15.94 41.07 1.30
C SER C 126 -14.44 41.22 1.05
N TYR C 127 -13.71 40.12 1.18
CA TYR C 127 -12.29 40.11 0.88
C TYR C 127 -12.05 40.38 -0.59
N VAL C 128 -12.85 39.73 -1.44
CA VAL C 128 -12.77 39.92 -2.88
C VAL C 128 -12.92 41.39 -3.25
N ALA C 129 -13.88 42.05 -2.61
CA ALA C 129 -14.13 43.47 -2.87
C ALA C 129 -12.90 44.33 -2.60
N ALA C 130 -12.17 43.99 -1.55
CA ALA C 130 -10.98 44.75 -1.16
C ALA C 130 -9.83 44.56 -2.14
N PHE C 131 -9.68 43.35 -2.66
CA PHE C 131 -8.55 43.02 -3.52
C PHE C 131 -8.86 43.25 -4.99
N ALA C 132 -10.13 43.16 -5.36
CA ALA C 132 -10.55 43.52 -6.71
C ALA C 132 -10.35 45.02 -6.92
N PHE C 133 -10.66 45.78 -5.88
CA PHE C 133 -10.45 47.23 -5.90
C PHE C 133 -8.96 47.54 -5.97
N THR C 134 -8.19 46.90 -5.09
CA THR C 134 -6.74 47.09 -5.03
C THR C 134 -6.09 46.80 -6.39
N ARG C 135 -6.57 45.75 -7.04
CA ARG C 135 -6.07 45.35 -8.35
C ARG C 135 -6.36 46.40 -9.41
N ASP C 136 -7.62 46.83 -9.48
CA ASP C 136 -8.05 47.79 -10.49
C ASP C 136 -7.58 49.21 -10.18
N ARG C 137 -7.17 49.43 -8.93
CA ARG C 137 -6.71 50.76 -8.51
C ARG C 137 -5.37 51.12 -9.15
N LEU C 138 -4.59 50.09 -9.51
CA LEU C 138 -3.26 50.30 -10.08
C LEU C 138 -3.27 51.22 -11.29
N CYS C 139 -2.31 52.14 -11.33
CA CYS C 139 -2.17 53.06 -12.45
C CYS C 139 -0.79 53.00 -13.08
N VAL C 140 -0.72 52.52 -14.30
CA VAL C 140 0.52 52.49 -15.07
C VAL C 140 0.54 53.67 -16.04
N PRO C 141 1.63 54.44 -16.06
CA PRO C 141 2.86 54.25 -15.28
C PRO C 141 2.94 55.15 -14.04
N ARG C 142 1.80 55.58 -13.52
CA ARG C 142 1.77 56.48 -12.37
C ARG C 142 2.37 55.84 -11.12
N ASP C 143 2.01 54.59 -10.85
CA ASP C 143 2.37 53.93 -9.61
C ASP C 143 3.66 53.12 -9.74
N MET C 144 3.89 52.57 -10.92
CA MET C 144 5.07 51.74 -11.18
C MET C 144 5.21 51.46 -12.67
N SER C 145 6.31 50.80 -13.05
CA SER C 145 6.51 50.39 -14.44
C SER C 145 5.48 49.36 -14.84
N ALA C 146 5.30 49.18 -16.15
CA ALA C 146 4.28 48.28 -16.68
C ALA C 146 4.49 46.84 -16.23
N GLN C 147 5.75 46.39 -16.21
CA GLN C 147 6.06 45.03 -15.82
C GLN C 147 5.88 44.83 -14.31
N ALA C 148 6.24 45.85 -13.54
CA ALA C 148 6.01 45.82 -12.10
C ALA C 148 4.51 45.79 -11.82
N GLY C 149 3.75 46.51 -12.64
CA GLY C 149 2.31 46.54 -12.52
C GLY C 149 1.68 45.20 -12.85
N GLY C 150 2.28 44.50 -13.80
CA GLY C 150 1.81 43.18 -14.18
C GLY C 150 1.98 42.18 -13.04
N GLU C 151 3.10 42.26 -12.35
CA GLU C 151 3.38 41.41 -11.20
C GLU C 151 2.42 41.71 -10.05
N TYR C 152 2.10 42.99 -9.90
CA TYR C 152 1.20 43.46 -8.86
C TYR C 152 -0.22 42.90 -9.07
N VAL C 153 -0.72 43.04 -10.29
CA VAL C 153 -2.05 42.57 -10.63
C VAL C 153 -2.17 41.05 -10.57
N ALA C 154 -1.16 40.36 -11.08
CA ALA C 154 -1.16 38.90 -11.13
C ALA C 154 -1.25 38.28 -9.74
N ALA C 155 -0.60 38.91 -8.77
CA ALA C 155 -0.64 38.44 -7.39
C ALA C 155 -2.02 38.63 -6.79
N LEU C 156 -2.65 39.75 -7.11
CA LEU C 156 -3.99 40.06 -6.62
C LEU C 156 -5.04 39.20 -7.31
N ASP C 157 -4.85 38.94 -8.60
CA ASP C 157 -5.71 38.03 -9.34
C ASP C 157 -5.65 36.63 -8.75
N TYR C 158 -4.46 36.26 -8.27
CA TYR C 158 -4.25 34.96 -7.64
C TYR C 158 -5.09 34.82 -6.37
N ILE C 159 -5.16 35.90 -5.60
CA ILE C 159 -5.95 35.91 -4.37
C ILE C 159 -7.44 35.88 -4.68
N VAL C 160 -7.85 36.65 -5.69
CA VAL C 160 -9.25 36.71 -6.10
C VAL C 160 -9.75 35.35 -6.60
N ASN C 161 -8.95 34.71 -7.45
CA ASN C 161 -9.28 33.38 -7.93
C ASN C 161 -9.34 32.36 -6.80
N ALA C 162 -8.49 32.56 -5.79
CA ALA C 162 -8.43 31.66 -4.64
C ALA C 162 -9.62 31.86 -3.70
N LEU C 163 -10.36 32.93 -3.92
CA LEU C 163 -11.53 33.24 -3.09
C LEU C 163 -12.84 32.99 -3.82
N THR C 164 -12.72 32.76 -5.13
CA THR C 164 -13.85 32.48 -5.97
C THR C 164 -13.62 31.18 -6.75
N MET D 1 22.82 -15.83 3.85
CA MET D 1 23.75 -16.78 3.23
C MET D 1 22.99 -17.89 2.51
N LYS D 2 22.80 -17.73 1.21
CA LYS D 2 22.04 -18.70 0.44
C LYS D 2 22.75 -20.05 0.35
N SER D 3 22.03 -21.09 0.73
CA SER D 3 22.50 -22.46 0.61
C SER D 3 21.30 -23.37 0.44
N VAL D 4 21.52 -24.68 0.45
CA VAL D 4 20.42 -25.63 0.38
C VAL D 4 19.52 -25.47 1.61
N MET D 5 20.15 -25.40 2.78
CA MET D 5 19.42 -25.31 4.04
C MET D 5 18.69 -23.99 4.23
N THR D 6 19.38 -22.88 3.98
CA THR D 6 18.79 -21.57 4.23
C THR D 6 17.66 -21.25 3.25
N THR D 7 17.78 -21.72 2.02
CA THR D 7 16.74 -21.52 1.01
C THR D 7 15.47 -22.27 1.39
N THR D 8 15.62 -23.54 1.74
CA THR D 8 14.46 -24.37 2.04
C THR D 8 13.82 -23.99 3.38
N ILE D 9 14.62 -23.45 4.30
CA ILE D 9 14.11 -23.03 5.59
C ILE D 9 13.36 -21.70 5.48
N SER D 10 13.93 -20.75 4.74
CA SER D 10 13.29 -19.47 4.52
C SER D 10 11.99 -19.63 3.73
N ALA D 11 11.95 -20.66 2.89
CA ALA D 11 10.75 -20.98 2.12
C ALA D 11 9.67 -21.54 3.04
N ALA D 12 10.09 -22.39 3.97
CA ALA D 12 9.18 -22.95 4.96
C ALA D 12 8.72 -21.88 5.93
N ASP D 13 9.63 -20.97 6.26
CA ASP D 13 9.32 -19.90 7.21
C ASP D 13 8.32 -18.91 6.62
N ALA D 14 8.43 -18.66 5.32
CA ALA D 14 7.54 -17.73 4.63
C ALA D 14 6.10 -18.23 4.63
N ALA D 15 5.93 -19.55 4.71
CA ALA D 15 4.61 -20.16 4.74
C ALA D 15 4.24 -20.63 6.14
N GLY D 16 5.12 -20.34 7.11
CA GLY D 16 4.90 -20.73 8.49
C GLY D 16 4.81 -22.23 8.66
N ARG D 17 5.65 -22.96 7.92
CA ARG D 17 5.61 -24.42 7.92
C ARG D 17 6.75 -25.03 8.73
N PHE D 18 6.46 -26.15 9.38
CA PHE D 18 7.50 -27.02 9.90
C PHE D 18 8.27 -27.60 8.72
N PRO D 19 9.53 -28.01 8.94
CA PRO D 19 10.22 -28.74 7.87
C PRO D 19 9.44 -29.99 7.46
N SER D 20 9.29 -30.20 6.16
CA SER D 20 8.56 -31.36 5.66
C SER D 20 9.45 -32.21 4.77
N SER D 21 8.83 -33.17 4.08
CA SER D 21 9.56 -34.16 3.29
C SER D 21 10.51 -33.54 2.26
N SER D 22 10.04 -32.55 1.52
CA SER D 22 10.84 -31.94 0.47
C SER D 22 12.01 -31.14 1.04
N ASP D 23 11.83 -30.59 2.24
CA ASP D 23 12.91 -29.87 2.93
C ASP D 23 14.01 -30.85 3.31
N LEU D 24 13.61 -32.00 3.84
CA LEU D 24 14.55 -33.02 4.28
C LEU D 24 15.28 -33.64 3.10
N GLU D 25 14.57 -33.82 1.98
CA GLU D 25 15.16 -34.36 0.77
C GLU D 25 16.21 -33.41 0.21
N SER D 26 15.93 -32.11 0.26
CA SER D 26 16.85 -31.10 -0.23
C SER D 26 18.18 -31.16 0.51
N VAL D 27 18.10 -31.24 1.83
CA VAL D 27 19.29 -31.29 2.68
C VAL D 27 20.11 -32.55 2.41
N GLN D 28 19.44 -33.64 2.06
CA GLN D 28 20.11 -34.89 1.70
C GLN D 28 21.02 -34.69 0.49
N GLY D 29 20.62 -33.79 -0.41
CA GLY D 29 21.41 -33.47 -1.58
C GLY D 29 22.68 -32.72 -1.20
N ASN D 30 22.57 -31.89 -0.16
CA ASN D 30 23.72 -31.20 0.38
C ASN D 30 24.73 -32.21 0.94
N ILE D 31 24.20 -33.31 1.47
CA ILE D 31 25.02 -34.39 2.01
C ILE D 31 25.76 -35.14 0.89
N GLN D 32 25.04 -35.45 -0.18
CA GLN D 32 25.60 -36.19 -1.31
C GLN D 32 26.70 -35.42 -2.04
N ARG D 33 26.54 -34.10 -2.11
CA ARG D 33 27.38 -33.27 -2.95
C ARG D 33 28.53 -32.61 -2.19
N ALA D 34 28.47 -32.67 -0.86
CA ALA D 34 29.42 -31.98 0.00
C ALA D 34 30.87 -32.36 -0.27
N ALA D 35 31.13 -33.65 -0.40
CA ALA D 35 32.49 -34.15 -0.58
C ALA D 35 33.18 -33.54 -1.80
N ALA D 36 32.43 -33.40 -2.89
CA ALA D 36 32.99 -32.84 -4.12
C ALA D 36 33.42 -31.39 -3.95
N ARG D 37 32.53 -30.57 -3.40
CA ARG D 37 32.81 -29.15 -3.25
C ARG D 37 33.78 -28.87 -2.10
N LEU D 38 33.80 -29.75 -1.10
CA LEU D 38 34.75 -29.61 -0.01
C LEU D 38 36.15 -29.95 -0.50
N GLU D 39 36.24 -30.87 -1.45
CA GLU D 39 37.53 -31.21 -2.05
C GLU D 39 38.08 -30.03 -2.82
N ALA D 40 37.21 -29.35 -3.55
CA ALA D 40 37.60 -28.16 -4.32
C ALA D 40 38.02 -27.04 -3.38
N ALA D 41 37.30 -26.88 -2.27
CA ALA D 41 37.60 -25.85 -1.29
C ALA D 41 38.95 -26.07 -0.64
N GLU D 42 39.24 -27.32 -0.31
CA GLU D 42 40.50 -27.70 0.31
C GLU D 42 41.68 -27.45 -0.63
N LYS D 43 41.52 -27.85 -1.89
CA LYS D 43 42.57 -27.68 -2.88
C LYS D 43 42.85 -26.21 -3.13
N LEU D 44 41.79 -25.40 -3.11
CA LEU D 44 41.93 -23.97 -3.30
C LEU D 44 42.64 -23.33 -2.12
N ALA D 45 42.23 -23.70 -0.90
CA ALA D 45 42.80 -23.13 0.31
C ALA D 45 44.28 -23.46 0.47
N SER D 46 44.69 -24.60 -0.07
CA SER D 46 46.07 -25.07 0.09
C SER D 46 47.02 -24.40 -0.90
N ASN D 47 46.48 -23.93 -2.02
CA ASN D 47 47.31 -23.43 -3.11
C ASN D 47 46.77 -22.13 -3.71
N HIS D 48 46.11 -21.31 -2.89
CA HIS D 48 45.45 -20.12 -3.40
C HIS D 48 46.42 -19.02 -3.83
N GLU D 49 47.55 -18.92 -3.16
CA GLU D 49 48.55 -17.89 -3.50
C GLU D 49 49.00 -18.03 -4.95
N ALA D 50 49.21 -19.27 -5.39
CA ALA D 50 49.66 -19.55 -6.75
C ALA D 50 48.55 -19.28 -7.76
N VAL D 51 47.33 -19.67 -7.41
CA VAL D 51 46.17 -19.47 -8.29
C VAL D 51 45.89 -17.98 -8.48
N VAL D 52 45.95 -17.23 -7.38
CA VAL D 52 45.70 -15.80 -7.41
C VAL D 52 46.74 -15.07 -8.27
N LYS D 53 48.00 -15.46 -8.15
CA LYS D 53 49.06 -14.86 -8.95
C LYS D 53 48.82 -15.05 -10.44
N GLU D 54 48.49 -16.27 -10.82
CA GLU D 54 48.20 -16.59 -12.22
C GLU D 54 46.95 -15.85 -12.70
N GLY D 55 46.00 -15.63 -11.78
CA GLY D 55 44.82 -14.88 -12.10
C GLY D 55 45.16 -13.44 -12.43
N GLY D 56 45.89 -12.79 -11.54
CA GLY D 56 46.31 -11.41 -11.75
C GLY D 56 47.26 -11.24 -12.92
N ASP D 57 48.18 -12.20 -13.07
CA ASP D 57 49.13 -12.17 -14.18
C ASP D 57 48.39 -12.27 -15.52
N ALA D 58 47.37 -13.11 -15.57
CA ALA D 58 46.58 -13.29 -16.78
C ALA D 58 45.84 -12.00 -17.15
N CYS D 59 45.41 -11.27 -16.12
CA CYS D 59 44.73 -10.00 -16.33
C CYS D 59 45.64 -8.99 -17.02
N PHE D 60 46.79 -8.74 -16.42
CA PHE D 60 47.72 -7.74 -16.93
C PHE D 60 48.42 -8.18 -18.20
N ALA D 61 48.45 -9.49 -18.45
CA ALA D 61 49.00 -10.00 -19.69
C ALA D 61 48.06 -9.68 -20.85
N LYS D 62 46.77 -9.78 -20.59
CA LYS D 62 45.76 -9.51 -21.59
C LYS D 62 45.53 -8.01 -21.75
N TYR D 63 45.64 -7.27 -20.65
CA TYR D 63 45.41 -5.84 -20.66
C TYR D 63 46.58 -5.07 -20.05
N SER D 64 47.65 -4.91 -20.82
CA SER D 64 48.84 -4.19 -20.36
C SER D 64 48.59 -2.68 -20.30
N TYR D 65 47.54 -2.22 -20.96
CA TYR D 65 47.20 -0.80 -20.99
C TYR D 65 46.86 -0.29 -19.59
N LEU D 66 46.50 -1.20 -18.69
CA LEU D 66 46.16 -0.87 -17.32
C LEU D 66 47.32 -0.19 -16.59
N LYS D 67 48.54 -0.41 -17.08
CA LYS D 67 49.73 0.12 -16.45
C LYS D 67 50.06 1.53 -16.97
N ASN D 68 49.30 2.00 -17.95
CA ASN D 68 49.47 3.35 -18.47
C ASN D 68 48.93 4.39 -17.49
N PRO D 69 49.52 5.61 -17.51
CA PRO D 69 49.10 6.69 -16.61
C PRO D 69 47.60 6.98 -16.65
N GLY D 70 46.99 7.08 -15.47
CA GLY D 70 45.57 7.38 -15.37
C GLY D 70 44.70 6.13 -15.35
N GLU D 71 45.32 4.98 -15.57
CA GLU D 71 44.58 3.72 -15.61
C GLU D 71 44.59 3.02 -14.25
N ALA D 72 43.85 1.92 -14.16
CA ALA D 72 43.62 1.24 -12.89
C ALA D 72 44.88 0.66 -12.26
N GLY D 73 45.90 0.39 -13.07
CA GLY D 73 47.12 -0.20 -12.55
C GLY D 73 48.38 0.57 -12.89
N ASP D 74 48.30 1.90 -12.81
CA ASP D 74 49.43 2.75 -13.19
C ASP D 74 50.44 2.92 -12.07
N SER D 75 50.26 2.16 -10.99
CA SER D 75 51.20 2.19 -9.88
C SER D 75 51.32 0.80 -9.26
N GLN D 76 52.44 0.55 -8.58
CA GLN D 76 52.68 -0.74 -7.95
C GLN D 76 51.64 -1.03 -6.86
N GLU D 77 51.23 0.02 -6.16
CA GLU D 77 50.25 -0.12 -5.09
C GLU D 77 48.87 -0.44 -5.66
N LYS D 78 48.60 0.05 -6.86
CA LYS D 78 47.35 -0.25 -7.54
C LYS D 78 47.36 -1.69 -8.06
N VAL D 79 48.50 -2.11 -8.61
CA VAL D 79 48.65 -3.48 -9.08
C VAL D 79 48.48 -4.46 -7.92
N ASN D 80 49.00 -4.09 -6.76
CA ASN D 80 48.87 -4.92 -5.56
C ASN D 80 47.41 -5.07 -5.13
N LYS D 81 46.63 -4.00 -5.27
CA LYS D 81 45.21 -4.06 -4.96
C LYS D 81 44.47 -4.97 -5.92
N CYS D 82 44.97 -5.04 -7.16
CA CYS D 82 44.35 -5.87 -8.18
C CYS D 82 44.48 -7.34 -7.84
N TYR D 83 45.69 -7.75 -7.45
CA TYR D 83 45.93 -9.12 -7.01
C TYR D 83 45.21 -9.39 -5.70
N ARG D 84 45.06 -8.36 -4.88
CA ARG D 84 44.32 -8.46 -3.63
C ARG D 84 42.85 -8.72 -3.90
N ASP D 85 42.31 -8.02 -4.89
CA ASP D 85 40.92 -8.19 -5.30
C ASP D 85 40.66 -9.60 -5.79
N VAL D 86 41.56 -10.11 -6.61
CA VAL D 86 41.46 -11.47 -7.13
C VAL D 86 41.48 -12.48 -5.99
N ASP D 87 42.36 -12.25 -5.02
CA ASP D 87 42.45 -13.10 -3.85
C ASP D 87 41.15 -13.07 -3.05
N HIS D 88 40.52 -11.91 -3.02
CA HIS D 88 39.28 -11.73 -2.27
C HIS D 88 38.14 -12.50 -2.93
N TYR D 89 38.11 -12.50 -4.25
CA TYR D 89 37.13 -13.27 -5.01
C TYR D 89 37.33 -14.77 -4.79
N MET D 90 38.58 -15.21 -4.90
CA MET D 90 38.90 -16.64 -4.79
C MET D 90 38.62 -17.16 -3.38
N ARG D 91 38.84 -16.31 -2.38
CA ARG D 91 38.51 -16.68 -1.01
C ARG D 91 37.01 -16.85 -0.86
N LEU D 92 36.26 -16.06 -1.63
CA LEU D 92 34.81 -16.14 -1.63
C LEU D 92 34.33 -17.32 -2.46
N VAL D 93 35.12 -17.73 -3.43
CA VAL D 93 34.87 -18.97 -4.16
C VAL D 93 35.03 -20.14 -3.20
N ASN D 94 36.10 -20.09 -2.41
CA ASN D 94 36.35 -21.07 -1.36
C ASN D 94 35.19 -21.15 -0.37
N TYR D 95 34.69 -19.98 0.02
CA TYR D 95 33.56 -19.91 0.94
C TYR D 95 32.31 -20.50 0.30
N SER D 96 32.06 -20.14 -0.95
CA SER D 96 30.88 -20.61 -1.68
C SER D 96 30.91 -22.13 -1.84
N LEU D 97 32.10 -22.67 -2.09
CA LEU D 97 32.28 -24.12 -2.18
C LEU D 97 31.93 -24.80 -0.86
N VAL D 98 32.37 -24.21 0.24
CA VAL D 98 32.11 -24.75 1.56
C VAL D 98 30.62 -24.71 1.91
N VAL D 99 29.99 -23.59 1.63
CA VAL D 99 28.57 -23.39 1.93
C VAL D 99 27.69 -24.23 1.00
N GLY D 100 28.13 -24.40 -0.24
CA GLY D 100 27.36 -25.13 -1.22
C GLY D 100 26.31 -24.22 -1.86
N GLY D 101 26.59 -22.92 -1.83
CA GLY D 101 25.72 -21.92 -2.41
C GLY D 101 26.51 -20.69 -2.77
N THR D 102 25.92 -19.81 -3.58
CA THR D 102 26.61 -18.61 -4.04
C THR D 102 26.50 -17.46 -3.04
N GLY D 103 26.01 -17.77 -1.84
CA GLY D 103 25.86 -16.79 -0.78
C GLY D 103 27.03 -15.85 -0.56
N PRO D 104 28.21 -16.39 -0.24
CA PRO D 104 29.42 -15.57 -0.02
C PRO D 104 29.73 -14.61 -1.16
N LEU D 105 29.63 -15.08 -2.40
CA LEU D 105 29.91 -14.24 -3.56
C LEU D 105 28.82 -13.18 -3.77
N ASP D 106 27.58 -13.57 -3.57
CA ASP D 106 26.45 -12.67 -3.75
C ASP D 106 26.51 -11.46 -2.81
N GLU D 107 26.62 -11.73 -1.52
CA GLU D 107 26.52 -10.68 -0.51
C GLU D 107 27.79 -9.85 -0.38
N TRP D 108 28.94 -10.48 -0.58
CA TRP D 108 30.21 -9.82 -0.26
C TRP D 108 30.98 -9.32 -1.48
N ALA D 109 30.84 -9.98 -2.62
CA ALA D 109 31.59 -9.58 -3.81
C ALA D 109 30.71 -8.89 -4.87
N ILE D 110 29.57 -9.50 -5.18
CA ILE D 110 28.76 -9.07 -6.31
C ILE D 110 27.88 -7.86 -6.01
N ALA D 111 27.24 -7.86 -4.85
CA ALA D 111 26.37 -6.76 -4.47
C ALA D 111 27.14 -5.45 -4.40
N GLY D 112 26.76 -4.50 -5.24
CA GLY D 112 27.38 -3.18 -5.25
C GLY D 112 28.63 -3.09 -6.11
N ALA D 113 29.02 -4.20 -6.74
CA ALA D 113 30.24 -4.25 -7.52
C ALA D 113 30.19 -3.34 -8.74
N ARG D 114 29.04 -3.31 -9.42
CA ARG D 114 28.86 -2.44 -10.58
C ARG D 114 29.11 -0.99 -10.22
N GLU D 115 28.49 -0.54 -9.14
CA GLU D 115 28.63 0.82 -8.67
C GLU D 115 30.08 1.16 -8.31
N VAL D 116 30.75 0.24 -7.63
CA VAL D 116 32.12 0.45 -7.20
C VAL D 116 33.09 0.54 -8.37
N TYR D 117 33.01 -0.43 -9.28
CA TYR D 117 33.94 -0.51 -10.40
C TYR D 117 33.71 0.60 -11.41
N ARG D 118 32.48 1.08 -11.49
CA ARG D 118 32.14 2.15 -12.42
C ARG D 118 32.71 3.49 -11.95
N THR D 119 32.55 3.79 -10.67
CA THR D 119 33.00 5.06 -10.12
C THR D 119 34.52 5.10 -9.89
N LEU D 120 35.15 3.94 -9.84
CA LEU D 120 36.59 3.87 -9.56
C LEU D 120 37.42 3.50 -10.79
N ASN D 121 36.77 3.50 -11.96
CA ASN D 121 37.44 3.18 -13.22
C ASN D 121 38.14 1.82 -13.17
N LEU D 122 37.39 0.79 -12.81
CA LEU D 122 37.91 -0.57 -12.82
C LEU D 122 37.15 -1.40 -13.84
N PRO D 123 37.72 -1.56 -15.04
CA PRO D 123 37.06 -2.25 -16.15
C PRO D 123 36.74 -3.71 -15.82
N SER D 124 35.48 -4.08 -16.01
CA SER D 124 35.01 -5.42 -15.63
C SER D 124 35.70 -6.52 -16.41
N ALA D 125 36.11 -6.22 -17.64
CA ALA D 125 36.76 -7.20 -18.50
C ALA D 125 38.09 -7.66 -17.91
N SER D 126 38.70 -6.81 -17.08
CA SER D 126 39.95 -7.16 -16.41
C SER D 126 39.71 -8.27 -15.39
N TYR D 127 38.67 -8.13 -14.59
CA TYR D 127 38.30 -9.16 -13.63
C TYR D 127 37.91 -10.45 -14.36
N VAL D 128 37.16 -10.30 -15.45
CA VAL D 128 36.75 -11.44 -16.26
C VAL D 128 37.96 -12.24 -16.75
N ALA D 129 38.97 -11.53 -17.23
CA ALA D 129 40.18 -12.15 -17.76
C ALA D 129 40.87 -13.02 -16.72
N ALA D 130 40.85 -12.58 -15.47
CA ALA D 130 41.49 -13.31 -14.38
C ALA D 130 40.74 -14.60 -14.07
N PHE D 131 39.41 -14.55 -14.10
CA PHE D 131 38.59 -15.68 -13.69
C PHE D 131 38.32 -16.64 -14.85
N ALA D 132 38.31 -16.12 -16.07
CA ALA D 132 38.21 -16.96 -17.25
C ALA D 132 39.45 -17.84 -17.35
N PHE D 133 40.61 -17.24 -17.09
CA PHE D 133 41.87 -17.97 -17.07
C PHE D 133 41.88 -19.00 -15.95
N THR D 134 41.55 -18.54 -14.74
CA THR D 134 41.50 -19.39 -13.56
C THR D 134 40.60 -20.59 -13.78
N ARG D 135 39.49 -20.36 -14.47
CA ARG D 135 38.53 -21.41 -14.78
C ARG D 135 39.09 -22.42 -15.77
N ASP D 136 39.65 -21.93 -16.88
CA ASP D 136 40.13 -22.79 -17.94
C ASP D 136 41.50 -23.40 -17.61
N ARG D 137 42.11 -22.95 -16.52
CA ARG D 137 43.39 -23.48 -16.08
C ARG D 137 43.21 -24.87 -15.48
N LEU D 138 42.00 -25.13 -14.98
CA LEU D 138 41.66 -26.41 -14.35
C LEU D 138 41.80 -27.58 -15.31
N CYS D 139 42.30 -28.70 -14.80
CA CYS D 139 42.33 -29.93 -15.57
C CYS D 139 42.26 -31.13 -14.63
N VAL D 140 41.42 -32.09 -14.98
CA VAL D 140 41.08 -33.24 -14.13
C VAL D 140 41.73 -34.50 -14.69
N PRO D 141 42.26 -35.38 -13.82
CA PRO D 141 42.25 -35.36 -12.36
C PRO D 141 43.51 -34.79 -11.70
N ARG D 142 44.31 -34.04 -12.43
CA ARG D 142 45.54 -33.49 -11.91
C ARG D 142 45.32 -32.62 -10.67
N ASP D 143 44.43 -31.64 -10.80
CA ASP D 143 44.20 -30.67 -9.74
C ASP D 143 43.17 -31.16 -8.73
N MET D 144 42.17 -31.89 -9.22
CA MET D 144 41.11 -32.42 -8.37
C MET D 144 40.27 -33.42 -9.15
N SER D 145 39.34 -34.09 -8.47
CA SER D 145 38.46 -35.05 -9.12
C SER D 145 37.48 -34.34 -10.04
N ALA D 146 36.77 -35.11 -10.86
CA ALA D 146 35.88 -34.57 -11.88
C ALA D 146 34.76 -33.72 -11.29
N GLN D 147 34.11 -34.22 -10.25
CA GLN D 147 32.99 -33.52 -9.63
C GLN D 147 33.46 -32.29 -8.86
N ALA D 148 34.63 -32.38 -8.26
CA ALA D 148 35.23 -31.23 -7.58
C ALA D 148 35.56 -30.15 -8.59
N GLY D 149 36.05 -30.57 -9.76
CA GLY D 149 36.37 -29.65 -10.84
C GLY D 149 35.14 -28.94 -11.37
N GLY D 150 34.03 -29.67 -11.43
CA GLY D 150 32.77 -29.11 -11.88
C GLY D 150 32.30 -27.99 -10.96
N GLU D 151 32.44 -28.20 -9.67
CA GLU D 151 32.09 -27.20 -8.67
C GLU D 151 32.99 -25.98 -8.79
N TYR D 152 34.28 -26.23 -8.99
CA TYR D 152 35.28 -25.18 -9.16
C TYR D 152 34.96 -24.30 -10.37
N VAL D 153 34.66 -24.95 -11.50
CA VAL D 153 34.33 -24.25 -12.74
C VAL D 153 33.02 -23.49 -12.62
N ALA D 154 32.02 -24.12 -12.01
CA ALA D 154 30.69 -23.53 -11.87
C ALA D 154 30.72 -22.23 -11.08
N ALA D 155 31.52 -22.20 -10.02
CA ALA D 155 31.63 -21.02 -9.18
C ALA D 155 32.26 -19.86 -9.94
N LEU D 156 33.27 -20.18 -10.75
CA LEU D 156 33.96 -19.17 -11.55
C LEU D 156 33.10 -18.71 -12.72
N ASP D 157 32.31 -19.62 -13.27
CA ASP D 157 31.34 -19.28 -14.32
C ASP D 157 30.28 -18.34 -13.78
N TYR D 158 29.93 -18.53 -12.50
CA TYR D 158 28.95 -17.68 -11.84
C TYR D 158 29.46 -16.25 -11.74
N ILE D 159 30.75 -16.10 -11.45
CA ILE D 159 31.38 -14.79 -11.34
C ILE D 159 31.45 -14.11 -12.71
N VAL D 160 31.87 -14.86 -13.72
CA VAL D 160 32.00 -14.34 -15.07
C VAL D 160 30.66 -13.85 -15.61
N ASN D 161 29.62 -14.65 -15.41
CA ASN D 161 28.28 -14.27 -15.82
C ASN D 161 27.79 -13.02 -15.08
N ALA D 162 28.23 -12.86 -13.85
CA ALA D 162 27.86 -11.70 -13.04
C ALA D 162 28.60 -10.45 -13.50
N LEU D 163 29.75 -10.65 -14.12
CA LEU D 163 30.56 -9.55 -14.63
C LEU D 163 30.15 -9.15 -16.04
N THR D 164 29.41 -10.04 -16.71
CA THR D 164 29.03 -9.86 -18.11
C THR D 164 27.52 -9.84 -18.33
N MET E 1 10.33 14.18 -21.72
CA MET E 1 11.40 15.06 -22.16
C MET E 1 11.64 16.20 -21.18
N LYS E 2 12.62 16.01 -20.30
CA LYS E 2 12.91 17.01 -19.28
C LYS E 2 13.42 18.31 -19.89
N SER E 3 12.71 19.39 -19.60
CA SER E 3 13.11 20.72 -20.00
C SER E 3 12.59 21.71 -18.95
N VAL E 4 12.80 23.00 -19.20
CA VAL E 4 12.29 24.02 -18.29
C VAL E 4 10.77 23.96 -18.22
N MET E 5 10.14 23.90 -19.40
CA MET E 5 8.68 23.93 -19.49
C MET E 5 8.05 22.64 -18.98
N THR E 6 8.63 21.50 -19.33
CA THR E 6 8.07 20.21 -18.92
C THR E 6 8.23 19.95 -17.42
N THR E 7 9.35 20.41 -16.86
CA THR E 7 9.58 20.28 -15.42
C THR E 7 8.61 21.17 -14.65
N THR E 8 8.45 22.41 -15.13
CA THR E 8 7.56 23.38 -14.52
C THR E 8 6.10 22.92 -14.56
N ILE E 9 5.67 22.41 -15.71
CA ILE E 9 4.28 21.99 -15.89
C ILE E 9 3.98 20.73 -15.06
N SER E 10 4.93 19.80 -15.03
CA SER E 10 4.77 18.57 -14.25
C SER E 10 4.62 18.89 -12.76
N ALA E 11 5.36 19.88 -12.29
CA ALA E 11 5.28 20.30 -10.90
C ALA E 11 3.91 20.90 -10.61
N ALA E 12 3.41 21.71 -11.54
CA ALA E 12 2.10 22.34 -11.40
C ALA E 12 0.98 21.30 -11.45
N ASP E 13 1.14 20.33 -12.34
CA ASP E 13 0.12 19.30 -12.54
C ASP E 13 0.03 18.38 -11.33
N ALA E 14 1.17 18.08 -10.71
CA ALA E 14 1.21 17.22 -9.54
C ALA E 14 0.45 17.84 -8.38
N ALA E 15 0.44 19.17 -8.31
CA ALA E 15 -0.25 19.88 -7.25
C ALA E 15 -1.63 20.38 -7.74
N GLY E 16 -1.94 20.10 -9.00
CA GLY E 16 -3.21 20.50 -9.57
C GLY E 16 -3.35 22.00 -9.69
N ARG E 17 -2.24 22.67 -9.95
CA ARG E 17 -2.22 24.13 -10.02
C ARG E 17 -2.25 24.66 -11.45
N PHE E 18 -2.89 25.81 -11.63
CA PHE E 18 -2.70 26.59 -12.85
C PHE E 18 -1.26 27.09 -12.86
N PRO E 19 -0.72 27.41 -14.05
CA PRO E 19 0.58 28.06 -14.10
C PRO E 19 0.59 29.36 -13.30
N SER E 20 1.58 29.53 -12.44
CA SER E 20 1.66 30.72 -11.60
C SER E 20 2.92 31.53 -11.93
N SER E 21 3.24 32.50 -11.08
CA SER E 21 4.34 33.42 -11.31
C SER E 21 5.68 32.71 -11.50
N SER E 22 6.01 31.81 -10.58
CA SER E 22 7.29 31.10 -10.62
C SER E 22 7.40 30.24 -11.88
N ASP E 23 6.27 29.73 -12.34
CA ASP E 23 6.22 28.95 -13.57
C ASP E 23 6.59 29.80 -14.77
N LEU E 24 5.96 30.96 -14.88
CA LEU E 24 6.20 31.87 -15.99
C LEU E 24 7.61 32.44 -15.93
N GLU E 25 8.11 32.66 -14.71
CA GLU E 25 9.47 33.15 -14.51
C GLU E 25 10.50 32.16 -15.02
N SER E 26 10.27 30.88 -14.74
CA SER E 26 11.18 29.82 -15.17
C SER E 26 11.29 29.77 -16.70
N VAL E 27 10.17 29.94 -17.38
CA VAL E 27 10.13 29.92 -18.84
C VAL E 27 10.88 31.10 -19.43
N GLN E 28 10.87 32.23 -18.71
CA GLN E 28 11.61 33.41 -19.13
C GLN E 28 13.10 33.12 -19.20
N GLY E 29 13.56 32.22 -18.33
CA GLY E 29 14.96 31.80 -18.33
C GLY E 29 15.28 30.96 -19.55
N ASN E 30 14.29 30.20 -20.02
CA ASN E 30 14.45 29.41 -21.23
C ASN E 30 14.65 30.33 -22.43
N ILE E 31 13.99 31.49 -22.38
CA ILE E 31 14.12 32.50 -23.44
C ILE E 31 15.51 33.12 -23.47
N GLN E 32 16.00 33.49 -22.30
CA GLN E 32 17.28 34.19 -22.18
C GLN E 32 18.48 33.33 -22.55
N ARG E 33 18.39 32.04 -22.23
CA ARG E 33 19.51 31.13 -22.43
C ARG E 33 19.46 30.44 -23.80
N ALA E 34 18.32 30.56 -24.47
CA ALA E 34 18.08 29.87 -25.74
C ALA E 34 19.14 30.17 -26.79
N ALA E 35 19.50 31.43 -26.93
CA ALA E 35 20.45 31.86 -27.95
C ALA E 35 21.80 31.16 -27.82
N ALA E 36 22.28 31.05 -26.58
CA ALA E 36 23.58 30.44 -26.31
C ALA E 36 23.61 28.95 -26.68
N ARG E 37 22.59 28.21 -26.26
CA ARG E 37 22.57 26.78 -26.51
C ARG E 37 22.19 26.45 -27.96
N LEU E 38 21.39 27.30 -28.59
CA LEU E 38 21.05 27.11 -29.99
C LEU E 38 22.28 27.35 -30.88
N GLU E 39 23.13 28.28 -30.47
CA GLU E 39 24.38 28.54 -31.19
C GLU E 39 25.27 27.30 -31.15
N ALA E 40 25.39 26.71 -29.97
CA ALA E 40 26.19 25.50 -29.79
C ALA E 40 25.59 24.35 -30.59
N ALA E 41 24.26 24.27 -30.60
CA ALA E 41 23.55 23.22 -31.32
C ALA E 41 23.76 23.37 -32.83
N GLU E 42 23.68 24.60 -33.31
CA GLU E 42 23.86 24.89 -34.73
C GLU E 42 25.28 24.57 -35.21
N LYS E 43 26.27 24.97 -34.42
CA LYS E 43 27.66 24.71 -34.76
C LYS E 43 27.93 23.21 -34.80
N LEU E 44 27.28 22.46 -33.92
CA LEU E 44 27.43 21.03 -33.87
C LEU E 44 26.78 20.38 -35.09
N ALA E 45 25.59 20.85 -35.44
CA ALA E 45 24.85 20.29 -36.57
C ALA E 45 25.56 20.53 -37.91
N SER E 46 26.30 21.63 -37.99
CA SER E 46 26.97 22.01 -39.22
C SER E 46 28.26 21.23 -39.46
N ASN E 47 28.85 20.72 -38.38
CA ASN E 47 30.17 20.11 -38.46
C ASN E 47 30.31 18.85 -37.61
N HIS E 48 29.22 18.10 -37.45
CA HIS E 48 29.23 16.96 -36.54
C HIS E 48 30.10 15.80 -37.04
N GLU E 49 30.21 15.65 -38.36
CA GLU E 49 31.02 14.57 -38.93
C GLU E 49 32.49 14.70 -38.55
N ALA E 50 32.98 15.93 -38.50
CA ALA E 50 34.37 16.20 -38.13
C ALA E 50 34.58 16.00 -36.63
N VAL E 51 33.59 16.42 -35.85
CA VAL E 51 33.66 16.27 -34.39
C VAL E 51 33.60 14.80 -33.98
N VAL E 52 32.70 14.06 -34.62
CA VAL E 52 32.54 12.64 -34.34
C VAL E 52 33.79 11.85 -34.72
N LYS E 53 34.36 12.15 -35.89
CA LYS E 53 35.58 11.50 -36.34
C LYS E 53 36.70 11.68 -35.32
N GLU E 54 36.88 12.91 -34.84
CA GLU E 54 37.89 13.20 -33.84
C GLU E 54 37.59 12.48 -32.53
N GLY E 55 36.31 12.35 -32.21
CA GLY E 55 35.90 11.64 -31.01
C GLY E 55 36.24 10.17 -31.08
N GLY E 56 35.91 9.54 -32.19
CA GLY E 56 36.22 8.14 -32.39
C GLY E 56 37.71 7.87 -32.46
N ASP E 57 38.44 8.74 -33.16
CA ASP E 57 39.89 8.62 -33.28
C ASP E 57 40.56 8.70 -31.91
N ALA E 58 40.06 9.61 -31.07
CA ALA E 58 40.60 9.80 -29.73
C ALA E 58 40.44 8.55 -28.87
N CYS E 59 39.33 7.84 -29.07
CA CYS E 59 39.06 6.62 -28.34
C CYS E 59 40.08 5.53 -28.65
N PHE E 60 40.30 5.30 -29.95
CA PHE E 60 41.20 4.24 -30.38
C PHE E 60 42.67 4.64 -30.27
N ALA E 61 42.93 5.94 -30.17
CA ALA E 61 44.29 6.42 -29.95
C ALA E 61 44.72 6.16 -28.51
N LYS E 62 43.74 6.22 -27.61
CA LYS E 62 43.99 5.98 -26.19
C LYS E 62 43.94 4.50 -25.85
N TYR E 63 42.99 3.79 -26.47
CA TYR E 63 42.81 2.37 -26.21
C TYR E 63 42.98 1.54 -27.48
N SER E 64 44.23 1.36 -27.89
CA SER E 64 44.53 0.59 -29.09
C SER E 64 44.28 -0.90 -28.90
N TYR E 65 44.12 -1.32 -27.64
CA TYR E 65 43.86 -2.72 -27.32
C TYR E 65 42.50 -3.16 -27.85
N LEU E 66 41.64 -2.18 -28.12
CA LEU E 66 40.28 -2.46 -28.58
C LEU E 66 40.26 -3.20 -29.91
N LYS E 67 41.32 -3.06 -30.70
CA LYS E 67 41.37 -3.71 -32.01
C LYS E 67 42.06 -5.07 -31.96
N ASN E 68 42.51 -5.47 -30.78
CA ASN E 68 42.99 -6.83 -30.58
C ASN E 68 41.86 -7.82 -30.78
N PRO E 69 42.16 -9.02 -31.31
CA PRO E 69 41.15 -10.07 -31.48
C PRO E 69 40.42 -10.40 -30.17
N GLY E 70 39.10 -10.42 -30.23
CA GLY E 70 38.28 -10.69 -29.05
C GLY E 70 37.78 -9.42 -28.38
N GLU E 71 38.30 -8.28 -28.81
CA GLU E 71 37.91 -7.00 -28.21
C GLU E 71 36.84 -6.29 -29.04
N ALA E 72 36.38 -5.15 -28.54
CA ALA E 72 35.23 -4.45 -29.13
C ALA E 72 35.50 -3.90 -30.53
N GLY E 73 36.76 -3.62 -30.84
CA GLY E 73 37.12 -3.13 -32.16
C GLY E 73 37.72 -4.23 -33.00
N ASP E 74 37.19 -5.44 -32.85
CA ASP E 74 37.67 -6.63 -33.55
C ASP E 74 37.77 -6.45 -35.05
N SER E 75 36.77 -5.81 -35.63
CA SER E 75 36.69 -5.66 -37.08
C SER E 75 36.35 -4.24 -37.48
N GLN E 76 36.29 -4.01 -38.80
CA GLN E 76 35.97 -2.68 -39.32
C GLN E 76 34.52 -2.31 -39.02
N GLU E 77 33.64 -3.30 -39.10
CA GLU E 77 32.22 -3.07 -38.83
C GLU E 77 32.00 -2.65 -37.40
N LYS E 78 32.74 -3.28 -36.48
CA LYS E 78 32.65 -2.96 -35.07
C LYS E 78 33.22 -1.56 -34.80
N VAL E 79 34.33 -1.24 -35.45
CA VAL E 79 34.90 0.10 -35.37
C VAL E 79 33.91 1.12 -35.90
N ASN E 80 33.26 0.77 -37.01
CA ASN E 80 32.24 1.63 -37.61
C ASN E 80 31.07 1.87 -36.68
N LYS E 81 30.71 0.86 -35.89
CA LYS E 81 29.63 1.00 -34.92
C LYS E 81 30.04 1.89 -33.75
N CYS E 82 31.34 1.92 -33.47
CA CYS E 82 31.86 2.77 -32.40
C CYS E 82 31.73 4.23 -32.77
N TYR E 83 32.14 4.57 -33.99
CA TYR E 83 31.98 5.91 -34.51
C TYR E 83 30.50 6.27 -34.63
N ARG E 84 29.69 5.28 -34.99
CA ARG E 84 28.25 5.45 -35.07
C ARG E 84 27.66 5.81 -33.71
N ASP E 85 28.12 5.11 -32.68
CA ASP E 85 27.69 5.36 -31.31
C ASP E 85 28.05 6.77 -30.86
N VAL E 86 29.25 7.22 -31.22
CA VAL E 86 29.68 8.57 -30.91
C VAL E 86 28.75 9.58 -31.58
N ASP E 87 28.39 9.31 -32.83
CA ASP E 87 27.47 10.15 -33.57
C ASP E 87 26.10 10.19 -32.90
N HIS E 88 25.67 9.05 -32.38
CA HIS E 88 24.40 8.94 -31.67
C HIS E 88 24.34 9.90 -30.48
N TYR E 89 25.36 9.84 -29.63
CA TYR E 89 25.46 10.73 -28.48
C TYR E 89 25.48 12.20 -28.89
N MET E 90 26.31 12.52 -29.89
CA MET E 90 26.48 13.90 -30.32
C MET E 90 25.21 14.47 -30.95
N ARG E 91 24.45 13.62 -31.62
CA ARG E 91 23.17 14.03 -32.17
C ARG E 91 22.20 14.30 -31.02
N LEU E 92 22.34 13.53 -29.95
CA LEU E 92 21.51 13.69 -28.77
C LEU E 92 21.97 14.89 -27.94
N VAL E 93 23.26 15.22 -28.07
CA VAL E 93 23.78 16.45 -27.47
C VAL E 93 23.14 17.64 -28.19
N ASN E 94 23.07 17.55 -29.51
CA ASN E 94 22.39 18.55 -30.32
C ASN E 94 20.92 18.70 -29.91
N TYR E 95 20.26 17.57 -29.71
CA TYR E 95 18.86 17.57 -29.28
C TYR E 95 18.72 18.22 -27.91
N SER E 96 19.62 17.86 -26.99
CA SER E 96 19.59 18.38 -25.63
C SER E 96 19.82 19.89 -25.60
N LEU E 97 20.66 20.36 -26.51
CA LEU E 97 20.96 21.80 -26.60
C LEU E 97 19.76 22.57 -27.16
N VAL E 98 18.99 21.92 -28.03
CA VAL E 98 17.79 22.53 -28.58
C VAL E 98 16.68 22.58 -27.54
N VAL E 99 16.46 21.45 -26.87
CA VAL E 99 15.43 21.34 -25.85
C VAL E 99 15.71 22.23 -24.65
N GLY E 100 16.98 22.30 -24.25
CA GLY E 100 17.37 23.07 -23.09
C GLY E 100 17.31 22.22 -21.84
N GLY E 101 17.38 20.90 -22.03
CA GLY E 101 17.35 19.96 -20.95
C GLY E 101 18.06 18.67 -21.35
N THR E 102 18.35 17.82 -20.36
CA THR E 102 19.07 16.57 -20.62
C THR E 102 18.14 15.45 -21.07
N GLY E 103 16.88 15.79 -21.30
CA GLY E 103 15.86 14.85 -21.74
C GLY E 103 16.25 13.85 -22.80
N PRO E 104 16.66 14.33 -23.99
CA PRO E 104 17.06 13.43 -25.08
C PRO E 104 18.21 12.49 -24.69
N LEU E 105 19.18 13.01 -23.95
CA LEU E 105 20.30 12.19 -23.49
C LEU E 105 19.84 11.18 -22.45
N ASP E 106 19.00 11.63 -21.51
CA ASP E 106 18.49 10.77 -20.45
C ASP E 106 17.71 9.57 -20.99
N GLU E 107 16.72 9.86 -21.83
CA GLU E 107 15.77 8.85 -22.29
C GLU E 107 16.34 7.95 -23.39
N TRP E 108 17.16 8.51 -24.25
CA TRP E 108 17.56 7.81 -25.47
C TRP E 108 19.00 7.27 -25.43
N ALA E 109 19.83 7.78 -24.53
CA ALA E 109 21.23 7.34 -24.48
C ALA E 109 21.62 6.71 -23.15
N ILE E 110 21.26 7.37 -22.06
CA ILE E 110 21.71 6.97 -20.73
C ILE E 110 20.92 5.80 -20.16
N ALA E 111 19.60 5.85 -20.31
CA ALA E 111 18.73 4.79 -19.79
C ALA E 111 19.05 3.44 -20.42
N GLY E 112 19.46 2.49 -19.59
CA GLY E 112 19.73 1.13 -20.03
C GLY E 112 21.12 0.92 -20.59
N ALA E 113 21.89 2.00 -20.70
CA ALA E 113 23.23 1.95 -21.29
C ALA E 113 24.18 1.04 -20.50
N ARG E 114 24.05 1.05 -19.18
CA ARG E 114 24.89 0.23 -18.32
C ARG E 114 24.68 -1.25 -18.61
N GLU E 115 23.43 -1.65 -18.73
CA GLU E 115 23.08 -3.04 -19.02
C GLU E 115 23.56 -3.46 -20.40
N VAL E 116 23.43 -2.56 -21.37
CA VAL E 116 23.82 -2.85 -22.75
C VAL E 116 25.33 -3.03 -22.89
N TYR E 117 26.09 -2.05 -22.42
CA TYR E 117 27.54 -2.05 -22.58
C TYR E 117 28.18 -3.17 -21.78
N ARG E 118 27.52 -3.56 -20.70
CA ARG E 118 27.98 -4.67 -19.86
C ARG E 118 27.88 -6.00 -20.58
N THR E 119 26.75 -6.21 -21.24
CA THR E 119 26.45 -7.46 -21.93
C THR E 119 27.30 -7.63 -23.20
N LEU E 120 27.60 -6.51 -23.86
CA LEU E 120 28.27 -6.56 -25.16
C LEU E 120 29.77 -6.26 -25.09
N ASN E 121 30.35 -6.33 -23.89
CA ASN E 121 31.78 -6.09 -23.71
C ASN E 121 32.22 -4.73 -24.22
N LEU E 122 31.41 -3.70 -23.95
CA LEU E 122 31.74 -2.35 -24.35
C LEU E 122 32.24 -1.56 -23.14
N PRO E 123 33.57 -1.36 -23.04
CA PRO E 123 34.19 -0.66 -21.91
C PRO E 123 33.73 0.79 -21.83
N SER E 124 33.19 1.18 -20.68
CA SER E 124 32.66 2.53 -20.51
C SER E 124 33.76 3.59 -20.67
N ALA E 125 34.99 3.22 -20.31
CA ALA E 125 36.12 4.13 -20.40
C ALA E 125 36.39 4.55 -21.85
N SER E 126 36.02 3.70 -22.80
CA SER E 126 36.20 4.00 -24.21
C SER E 126 35.28 5.14 -24.64
N TYR E 127 34.03 5.10 -24.16
CA TYR E 127 33.10 6.18 -24.44
C TYR E 127 33.54 7.46 -23.75
N VAL E 128 34.03 7.33 -22.52
CA VAL E 128 34.53 8.46 -21.74
C VAL E 128 35.66 9.17 -22.48
N ALA E 129 36.57 8.36 -23.05
CA ALA E 129 37.71 8.91 -23.77
C ALA E 129 37.29 9.76 -24.96
N ALA E 130 36.21 9.34 -25.63
CA ALA E 130 35.73 10.04 -26.82
C ALA E 130 35.07 11.38 -26.49
N PHE E 131 34.34 11.43 -25.38
CA PHE E 131 33.58 12.62 -25.03
C PHE E 131 34.37 13.59 -24.16
N ALA E 132 35.35 13.06 -23.43
CA ALA E 132 36.25 13.92 -22.67
C ALA E 132 37.14 14.71 -23.63
N PHE E 133 37.58 14.04 -24.69
CA PHE E 133 38.37 14.68 -25.74
C PHE E 133 37.52 15.74 -26.44
N THR E 134 36.32 15.36 -26.82
CA THR E 134 35.37 16.25 -27.49
C THR E 134 35.13 17.50 -26.64
N ARG E 135 35.01 17.30 -25.34
CA ARG E 135 34.81 18.40 -24.40
C ARG E 135 36.03 19.31 -24.34
N ASP E 136 37.21 18.70 -24.18
CA ASP E 136 38.45 19.46 -24.03
C ASP E 136 38.95 20.04 -25.36
N ARG E 137 38.34 19.61 -26.45
CA ARG E 137 38.72 20.08 -27.78
C ARG E 137 38.24 21.50 -28.03
N LEU E 138 37.16 21.89 -27.33
CA LEU E 138 36.56 23.20 -27.51
C LEU E 138 37.53 24.35 -27.26
N CYS E 139 37.51 25.33 -28.17
CA CYS E 139 38.35 26.52 -28.03
C CYS E 139 37.52 27.77 -28.24
N VAL E 140 37.38 28.56 -27.18
CA VAL E 140 36.58 29.78 -27.19
C VAL E 140 37.48 31.00 -27.37
N PRO E 141 37.10 31.93 -28.26
CA PRO E 141 35.86 31.93 -29.05
C PRO E 141 36.01 31.38 -30.47
N ARG E 142 37.09 30.65 -30.72
CA ARG E 142 37.36 30.11 -32.06
C ARG E 142 36.20 29.29 -32.62
N ASP E 143 35.66 28.40 -31.79
CA ASP E 143 34.64 27.45 -32.23
C ASP E 143 33.23 27.99 -32.02
N MET E 144 33.05 28.74 -30.94
CA MET E 144 31.75 29.34 -30.62
C MET E 144 31.91 30.37 -29.51
N SER E 145 30.85 31.11 -29.22
CA SER E 145 30.87 32.10 -28.15
C SER E 145 31.09 31.41 -26.80
N ALA E 146 31.51 32.19 -25.80
CA ALA E 146 31.83 31.67 -24.49
C ALA E 146 30.65 30.96 -23.82
N GLN E 147 29.46 31.52 -23.98
CA GLN E 147 28.27 30.96 -23.37
C GLN E 147 27.77 29.74 -24.13
N ALA E 148 27.97 29.72 -25.43
CA ALA E 148 27.64 28.56 -26.25
C ALA E 148 28.59 27.42 -25.90
N GLY E 149 29.86 27.76 -25.68
CA GLY E 149 30.86 26.78 -25.30
C GLY E 149 30.57 26.15 -23.95
N GLY E 150 30.05 26.97 -23.03
CA GLY E 150 29.68 26.48 -21.71
C GLY E 150 28.59 25.43 -21.79
N GLU E 151 27.58 25.70 -22.62
CA GLU E 151 26.50 24.74 -22.85
C GLU E 151 27.02 23.45 -23.47
N TYR E 152 27.92 23.61 -24.43
CA TYR E 152 28.55 22.49 -25.12
C TYR E 152 29.32 21.60 -24.13
N VAL E 153 30.15 22.22 -23.30
CA VAL E 153 30.94 21.52 -22.31
C VAL E 153 30.05 20.86 -21.24
N ALA E 154 29.01 21.58 -20.82
CA ALA E 154 28.11 21.10 -19.78
C ALA E 154 27.40 19.81 -20.18
N ALA E 155 26.98 19.73 -21.44
CA ALA E 155 26.26 18.56 -21.94
C ALA E 155 27.19 17.34 -22.00
N LEU E 156 28.43 17.58 -22.39
CA LEU E 156 29.41 16.50 -22.49
C LEU E 156 29.89 16.05 -21.10
N ASP E 157 29.98 16.99 -20.16
CA ASP E 157 30.30 16.66 -18.78
C ASP E 157 29.21 15.79 -18.18
N TYR E 158 27.97 16.05 -18.60
CA TYR E 158 26.81 15.29 -18.13
C TYR E 158 26.93 13.83 -18.55
N ILE E 159 27.38 13.62 -19.79
CA ILE E 159 27.57 12.27 -20.32
C ILE E 159 28.70 11.55 -19.59
N VAL E 160 29.81 12.24 -19.36
CA VAL E 160 30.97 11.66 -18.70
C VAL E 160 30.64 11.27 -17.26
N ASN E 161 29.94 12.15 -16.55
CA ASN E 161 29.49 11.86 -15.19
C ASN E 161 28.54 10.68 -15.14
N ALA E 162 27.75 10.50 -16.18
CA ALA E 162 26.81 9.39 -16.27
C ALA E 162 27.55 8.09 -16.59
N LEU E 163 28.77 8.21 -17.08
CA LEU E 163 29.59 7.06 -17.46
C LEU E 163 30.54 6.65 -16.35
N THR E 164 30.70 7.52 -15.36
CA THR E 164 31.63 7.30 -14.27
C THR E 164 30.97 7.47 -12.91
N MET F 1 -27.16 5.99 1.49
CA MET F 1 -28.22 6.62 2.27
C MET F 1 -28.16 6.23 3.74
N LYS F 2 -27.53 7.09 4.55
CA LYS F 2 -27.35 6.80 5.96
C LYS F 2 -28.68 6.77 6.71
N SER F 3 -28.96 5.63 7.33
CA SER F 3 -30.11 5.46 8.21
C SER F 3 -29.73 4.49 9.31
N VAL F 4 -30.67 4.16 10.18
CA VAL F 4 -30.41 3.17 11.21
C VAL F 4 -30.11 1.82 10.58
N MET F 5 -30.94 1.45 9.60
CA MET F 5 -30.82 0.16 8.94
C MET F 5 -29.56 0.04 8.09
N THR F 6 -29.24 1.08 7.33
CA THR F 6 -28.07 1.03 6.44
C THR F 6 -26.76 1.12 7.22
N THR F 7 -26.77 1.86 8.33
CA THR F 7 -25.59 1.98 9.16
C THR F 7 -25.25 0.65 9.84
N THR F 8 -26.26 0.01 10.40
CA THR F 8 -26.05 -1.22 11.15
C THR F 8 -25.77 -2.41 10.23
N ILE F 9 -26.25 -2.33 8.99
CA ILE F 9 -26.02 -3.39 8.01
C ILE F 9 -24.61 -3.30 7.45
N SER F 10 -24.18 -2.09 7.13
CA SER F 10 -22.83 -1.85 6.60
C SER F 10 -21.77 -2.22 7.63
N ALA F 11 -22.08 -2.00 8.91
CA ALA F 11 -21.17 -2.34 9.98
C ALA F 11 -20.98 -3.86 10.08
N ALA F 12 -22.09 -4.58 9.97
CA ALA F 12 -22.05 -6.04 10.00
C ALA F 12 -21.37 -6.60 8.76
N ASP F 13 -21.64 -5.97 7.61
CA ASP F 13 -21.06 -6.41 6.35
C ASP F 13 -19.55 -6.22 6.33
N ALA F 14 -19.09 -5.17 7.00
CA ALA F 14 -17.65 -4.88 7.09
C ALA F 14 -16.93 -5.95 7.89
N ALA F 15 -17.68 -6.64 8.74
CA ALA F 15 -17.11 -7.69 9.59
C ALA F 15 -17.55 -9.07 9.12
N GLY F 16 -18.33 -9.11 8.04
CA GLY F 16 -18.83 -10.36 7.49
C GLY F 16 -19.77 -11.08 8.43
N ARG F 17 -20.56 -10.32 9.17
CA ARG F 17 -21.47 -10.87 10.16
C ARG F 17 -22.92 -10.93 9.68
N PHE F 18 -23.62 -11.98 10.08
CA PHE F 18 -25.08 -11.98 10.02
C PHE F 18 -25.58 -10.91 10.98
N PRO F 19 -26.78 -10.37 10.74
CA PRO F 19 -27.38 -9.46 11.73
C PRO F 19 -27.49 -10.13 13.09
N SER F 20 -27.04 -9.45 14.14
CA SER F 20 -27.11 -9.98 15.48
C SER F 20 -28.03 -9.12 16.35
N SER F 21 -28.01 -9.38 17.66
CA SER F 21 -28.93 -8.73 18.60
C SER F 21 -28.87 -7.21 18.54
N SER F 22 -27.66 -6.65 18.53
CA SER F 22 -27.49 -5.20 18.54
C SER F 22 -28.01 -4.56 17.25
N ASP F 23 -27.91 -5.28 16.14
CA ASP F 23 -28.44 -4.81 14.86
C ASP F 23 -29.96 -4.74 14.91
N LEU F 24 -30.56 -5.79 15.46
CA LEU F 24 -32.01 -5.86 15.59
C LEU F 24 -32.52 -4.82 16.59
N GLU F 25 -31.77 -4.62 17.66
CA GLU F 25 -32.13 -3.64 18.68
C GLU F 25 -32.10 -2.22 18.12
N SER F 26 -31.16 -1.95 17.22
CA SER F 26 -31.06 -0.65 16.58
C SER F 26 -32.28 -0.36 15.73
N VAL F 27 -32.72 -1.36 14.98
CA VAL F 27 -33.86 -1.22 14.08
C VAL F 27 -35.17 -1.00 14.87
N GLN F 28 -35.20 -1.50 16.10
CA GLN F 28 -36.34 -1.27 16.98
C GLN F 28 -36.48 0.24 17.27
N GLY F 29 -35.35 0.93 17.29
CA GLY F 29 -35.35 2.37 17.50
C GLY F 29 -35.97 3.10 16.33
N ASN F 30 -35.84 2.51 15.15
CA ASN F 30 -36.49 3.03 13.95
C ASN F 30 -38.01 2.95 14.08
N ILE F 31 -38.47 1.88 14.72
CA ILE F 31 -39.90 1.63 14.91
C ILE F 31 -40.53 2.61 15.89
N GLN F 32 -39.82 2.87 16.99
CA GLN F 32 -40.33 3.73 18.05
C GLN F 32 -40.34 5.20 17.66
N ARG F 33 -39.37 5.60 16.85
CA ARG F 33 -39.12 7.01 16.57
C ARG F 33 -39.78 7.46 15.27
N ALA F 34 -40.27 6.50 14.48
CA ALA F 34 -40.83 6.79 13.17
C ALA F 34 -42.03 7.72 13.23
N ALA F 35 -42.90 7.51 14.21
CA ALA F 35 -44.13 8.27 14.34
C ALA F 35 -43.87 9.78 14.44
N ALA F 36 -42.85 10.15 15.21
CA ALA F 36 -42.50 11.55 15.39
C ALA F 36 -41.99 12.18 14.10
N ARG F 37 -41.02 11.52 13.47
CA ARG F 37 -40.39 12.08 12.28
C ARG F 37 -41.27 11.99 11.04
N LEU F 38 -42.16 11.00 11.00
CA LEU F 38 -43.10 10.89 9.89
C LEU F 38 -44.18 11.96 9.99
N GLU F 39 -44.51 12.35 11.23
CA GLU F 39 -45.44 13.45 11.44
C GLU F 39 -44.85 14.72 10.84
N ALA F 40 -43.66 15.08 11.31
CA ALA F 40 -42.96 16.28 10.85
C ALA F 40 -42.81 16.32 9.33
N ALA F 41 -42.56 15.16 8.74
CA ALA F 41 -42.42 15.05 7.30
C ALA F 41 -43.75 15.35 6.60
N GLU F 42 -44.84 14.91 7.20
CA GLU F 42 -46.18 15.09 6.64
C GLU F 42 -46.62 16.55 6.67
N LYS F 43 -46.34 17.24 7.79
CA LYS F 43 -46.70 18.64 7.92
C LYS F 43 -45.96 19.47 6.89
N LEU F 44 -44.68 19.16 6.70
CA LEU F 44 -43.84 19.86 5.74
C LEU F 44 -44.35 19.62 4.32
N ALA F 45 -44.67 18.38 4.01
CA ALA F 45 -45.15 18.02 2.68
C ALA F 45 -46.47 18.70 2.35
N SER F 46 -47.29 18.92 3.37
CA SER F 46 -48.62 19.49 3.18
C SER F 46 -48.57 21.00 2.98
N ASN F 47 -47.52 21.64 3.49
CA ASN F 47 -47.47 23.11 3.49
C ASN F 47 -46.06 23.65 3.20
N HIS F 48 -45.32 22.99 2.31
CA HIS F 48 -43.94 23.38 2.06
C HIS F 48 -43.83 24.69 1.29
N GLU F 49 -44.80 24.96 0.41
CA GLU F 49 -44.76 26.18 -0.39
C GLU F 49 -44.80 27.44 0.46
N ALA F 50 -45.53 27.38 1.57
CA ALA F 50 -45.64 28.51 2.49
C ALA F 50 -44.36 28.65 3.32
N VAL F 51 -43.84 27.50 3.78
CA VAL F 51 -42.61 27.49 4.57
C VAL F 51 -41.42 27.97 3.74
N VAL F 52 -41.38 27.53 2.48
CA VAL F 52 -40.32 27.94 1.56
C VAL F 52 -40.35 29.44 1.32
N LYS F 53 -41.55 29.98 1.10
CA LYS F 53 -41.72 31.41 0.87
C LYS F 53 -41.18 32.22 2.05
N GLU F 54 -41.52 31.77 3.26
CA GLU F 54 -41.04 32.44 4.47
C GLU F 54 -39.52 32.31 4.62
N GLY F 55 -38.99 31.19 4.16
CA GLY F 55 -37.56 30.95 4.23
C GLY F 55 -36.79 31.90 3.33
N GLY F 56 -37.22 32.00 2.08
CA GLY F 56 -36.59 32.90 1.13
C GLY F 56 -36.80 34.36 1.50
N ASP F 57 -37.97 34.67 2.04
CA ASP F 57 -38.28 36.03 2.48
C ASP F 57 -37.33 36.49 3.57
N ALA F 58 -37.09 35.60 4.54
CA ALA F 58 -36.22 35.92 5.67
C ALA F 58 -34.79 36.18 5.21
N CYS F 59 -34.38 35.49 4.15
CA CYS F 59 -33.04 35.67 3.60
C CYS F 59 -32.84 37.07 3.04
N PHE F 60 -33.76 37.49 2.17
CA PHE F 60 -33.65 38.79 1.51
C PHE F 60 -34.05 39.93 2.43
N ALA F 61 -34.81 39.62 3.48
CA ALA F 61 -35.17 40.63 4.48
C ALA F 61 -33.97 40.96 5.34
N LYS F 62 -33.14 39.96 5.61
CA LYS F 62 -31.94 40.15 6.43
C LYS F 62 -30.78 40.68 5.60
N TYR F 63 -30.75 40.31 4.33
CA TYR F 63 -29.68 40.74 3.43
C TYR F 63 -30.22 41.40 2.17
N SER F 64 -30.65 42.65 2.30
CA SER F 64 -31.21 43.39 1.17
C SER F 64 -30.15 43.68 0.11
N TYR F 65 -28.88 43.63 0.51
CA TYR F 65 -27.77 43.92 -0.39
C TYR F 65 -27.70 42.93 -1.56
N LEU F 66 -28.30 41.76 -1.37
CA LEU F 66 -28.32 40.72 -2.40
C LEU F 66 -29.04 41.19 -3.66
N LYS F 67 -29.92 42.19 -3.51
CA LYS F 67 -30.69 42.71 -4.63
C LYS F 67 -29.88 43.73 -5.45
N ASN F 68 -28.77 44.18 -4.91
CA ASN F 68 -27.90 45.12 -5.62
C ASN F 68 -27.30 44.50 -6.87
N PRO F 69 -27.08 45.32 -7.91
CA PRO F 69 -26.43 44.87 -9.15
C PRO F 69 -25.10 44.19 -8.90
N GLY F 70 -24.91 43.01 -9.48
CA GLY F 70 -23.68 42.26 -9.30
C GLY F 70 -23.78 41.23 -8.18
N GLU F 71 -24.84 41.33 -7.38
CA GLU F 71 -25.04 40.40 -6.27
C GLU F 71 -25.98 39.27 -6.68
N ALA F 72 -26.05 38.24 -5.83
CA ALA F 72 -26.71 36.98 -6.18
C ALA F 72 -28.20 37.09 -6.51
N GLY F 73 -28.85 38.17 -6.09
CA GLY F 73 -30.26 38.32 -6.32
C GLY F 73 -30.64 39.59 -7.07
N ASP F 74 -29.82 39.98 -8.04
CA ASP F 74 -30.03 41.24 -8.76
C ASP F 74 -30.93 41.10 -9.97
N SER F 75 -31.59 39.94 -10.10
CA SER F 75 -32.57 39.73 -11.16
C SER F 75 -33.68 38.82 -10.67
N GLN F 76 -34.84 38.89 -11.32
CA GLN F 76 -35.99 38.09 -10.91
C GLN F 76 -35.72 36.59 -11.07
N GLU F 77 -35.00 36.23 -12.12
CA GLU F 77 -34.66 34.84 -12.38
C GLU F 77 -33.76 34.29 -11.29
N LYS F 78 -32.79 35.10 -10.86
CA LYS F 78 -31.87 34.72 -9.80
C LYS F 78 -32.60 34.57 -8.47
N VAL F 79 -33.51 35.49 -8.19
CA VAL F 79 -34.31 35.44 -6.97
C VAL F 79 -35.16 34.18 -6.95
N ASN F 80 -35.73 33.83 -8.10
CA ASN F 80 -36.53 32.62 -8.22
C ASN F 80 -35.71 31.35 -7.96
N LYS F 81 -34.45 31.39 -8.36
CA LYS F 81 -33.55 30.25 -8.11
C LYS F 81 -33.22 30.13 -6.64
N CYS F 82 -33.25 31.25 -5.93
CA CYS F 82 -32.97 31.25 -4.50
C CYS F 82 -34.07 30.55 -3.72
N TYR F 83 -35.32 30.91 -4.02
CA TYR F 83 -36.47 30.27 -3.40
C TYR F 83 -36.54 28.80 -3.81
N ARG F 84 -36.15 28.51 -5.05
CA ARG F 84 -36.08 27.14 -5.54
C ARG F 84 -35.05 26.34 -4.73
N ASP F 85 -33.92 26.97 -4.46
CA ASP F 85 -32.86 26.35 -3.66
C ASP F 85 -33.36 26.03 -2.25
N VAL F 86 -34.12 26.94 -1.66
CA VAL F 86 -34.69 26.72 -0.35
C VAL F 86 -35.67 25.55 -0.40
N ASP F 87 -36.43 25.48 -1.48
CA ASP F 87 -37.37 24.37 -1.69
C ASP F 87 -36.62 23.05 -1.83
N HIS F 88 -35.47 23.08 -2.50
CA HIS F 88 -34.60 21.93 -2.63
C HIS F 88 -34.23 21.35 -1.28
N TYR F 89 -33.68 22.22 -0.42
CA TYR F 89 -33.28 21.82 0.93
C TYR F 89 -34.44 21.26 1.74
N MET F 90 -35.56 21.97 1.75
CA MET F 90 -36.71 21.58 2.55
C MET F 90 -37.31 20.26 2.06
N ARG F 91 -37.23 20.01 0.76
CA ARG F 91 -37.67 18.73 0.21
C ARG F 91 -36.73 17.64 0.69
N LEU F 92 -35.44 17.97 0.80
CA LEU F 92 -34.44 17.04 1.30
C LEU F 92 -34.57 16.87 2.81
N VAL F 93 -35.13 17.89 3.48
CA VAL F 93 -35.46 17.79 4.88
C VAL F 93 -36.60 16.79 5.06
N ASN F 94 -37.60 16.90 4.18
CA ASN F 94 -38.70 15.95 4.15
C ASN F 94 -38.20 14.52 3.94
N TYR F 95 -37.25 14.37 3.02
CA TYR F 95 -36.66 13.07 2.73
C TYR F 95 -35.90 12.52 3.94
N SER F 96 -35.11 13.38 4.58
CA SER F 96 -34.31 12.99 5.73
C SER F 96 -35.17 12.57 6.90
N LEU F 97 -36.35 13.18 7.01
CA LEU F 97 -37.29 12.84 8.08
C LEU F 97 -37.92 11.48 7.83
N VAL F 98 -38.16 11.16 6.56
CA VAL F 98 -38.75 9.88 6.19
C VAL F 98 -37.74 8.75 6.35
N VAL F 99 -36.51 9.00 5.90
CA VAL F 99 -35.43 8.01 6.01
C VAL F 99 -35.06 7.76 7.47
N GLY F 100 -35.05 8.83 8.27
CA GLY F 100 -34.64 8.72 9.66
C GLY F 100 -33.14 8.90 9.78
N GLY F 101 -32.55 9.52 8.77
CA GLY F 101 -31.12 9.79 8.74
C GLY F 101 -30.82 10.99 7.87
N THR F 102 -29.59 11.49 7.96
CA THR F 102 -29.21 12.69 7.22
C THR F 102 -28.81 12.38 5.78
N GLY F 103 -28.98 11.13 5.40
CA GLY F 103 -28.63 10.64 4.07
C GLY F 103 -28.95 11.54 2.88
N PRO F 104 -30.24 11.84 2.67
CA PRO F 104 -30.67 12.69 1.56
C PRO F 104 -29.98 14.07 1.56
N LEU F 105 -29.86 14.69 2.72
CA LEU F 105 -29.22 15.99 2.83
C LEU F 105 -27.72 15.90 2.52
N ASP F 106 -27.09 14.84 3.03
CA ASP F 106 -25.66 14.63 2.82
C ASP F 106 -25.31 14.50 1.34
N GLU F 107 -25.95 13.54 0.67
CA GLU F 107 -25.59 13.19 -0.70
C GLU F 107 -26.06 14.21 -1.73
N TRP F 108 -27.21 14.81 -1.51
CA TRP F 108 -27.88 15.58 -2.56
C TRP F 108 -27.81 17.10 -2.38
N ALA F 109 -27.47 17.57 -1.19
CA ALA F 109 -27.39 19.01 -0.96
C ALA F 109 -26.02 19.45 -0.46
N ILE F 110 -25.53 18.79 0.59
CA ILE F 110 -24.31 19.22 1.27
C ILE F 110 -23.04 18.91 0.49
N ALA F 111 -22.94 17.69 -0.01
CA ALA F 111 -21.76 17.27 -0.76
C ALA F 111 -21.54 18.14 -1.99
N GLY F 112 -20.44 18.88 -1.99
CA GLY F 112 -20.08 19.72 -3.13
C GLY F 112 -20.61 21.14 -3.03
N ALA F 113 -21.41 21.41 -2.00
CA ALA F 113 -22.06 22.71 -1.85
C ALA F 113 -21.06 23.86 -1.67
N ARG F 114 -19.97 23.59 -0.95
CA ARG F 114 -18.94 24.60 -0.72
C ARG F 114 -18.34 25.10 -2.03
N GLU F 115 -17.95 24.16 -2.88
CA GLU F 115 -17.35 24.50 -4.17
C GLU F 115 -18.32 25.26 -5.07
N VAL F 116 -19.57 24.83 -5.08
CA VAL F 116 -20.59 25.43 -5.93
C VAL F 116 -20.90 26.87 -5.52
N TYR F 117 -21.12 27.07 -4.22
CA TYR F 117 -21.50 28.39 -3.72
C TYR F 117 -20.32 29.36 -3.79
N ARG F 118 -19.11 28.82 -3.78
CA ARG F 118 -17.91 29.64 -3.85
C ARG F 118 -17.72 30.18 -5.27
N THR F 119 -17.97 29.32 -6.26
CA THR F 119 -17.77 29.66 -7.65
C THR F 119 -18.85 30.61 -8.16
N LEU F 120 -20.06 30.50 -7.60
CA LEU F 120 -21.22 31.22 -8.11
C LEU F 120 -21.60 32.43 -7.27
N ASN F 121 -20.70 32.84 -6.37
CA ASN F 121 -20.94 33.98 -5.49
C ASN F 121 -22.25 33.86 -4.71
N LEU F 122 -22.48 32.71 -4.10
CA LEU F 122 -23.66 32.49 -3.27
C LEU F 122 -23.25 32.45 -1.81
N PRO F 123 -23.45 33.55 -1.09
CA PRO F 123 -23.07 33.66 0.33
C PRO F 123 -23.79 32.62 1.19
N SER F 124 -23.03 31.89 1.99
CA SER F 124 -23.58 30.82 2.82
C SER F 124 -24.49 31.38 3.91
N ALA F 125 -24.18 32.59 4.38
CA ALA F 125 -24.96 33.23 5.43
C ALA F 125 -26.40 33.45 4.99
N SER F 126 -26.59 33.66 3.69
CA SER F 126 -27.92 33.83 3.12
C SER F 126 -28.76 32.57 3.30
N TYR F 127 -28.16 31.41 3.03
CA TYR F 127 -28.82 30.14 3.25
C TYR F 127 -29.08 29.92 4.73
N VAL F 128 -28.09 30.24 5.56
CA VAL F 128 -28.23 30.13 7.01
C VAL F 128 -29.43 30.91 7.51
N ALA F 129 -29.59 32.14 7.00
CA ALA F 129 -30.70 33.01 7.38
C ALA F 129 -32.04 32.35 7.12
N ALA F 130 -32.16 31.66 5.99
CA ALA F 130 -33.40 31.01 5.60
C ALA F 130 -33.77 29.87 6.54
N PHE F 131 -32.78 29.05 6.90
CA PHE F 131 -33.04 27.85 7.69
C PHE F 131 -32.98 28.11 9.19
N ALA F 132 -32.31 29.18 9.59
CA ALA F 132 -32.35 29.61 10.98
C ALA F 132 -33.74 30.12 11.30
N PHE F 133 -34.31 30.87 10.36
CA PHE F 133 -35.67 31.36 10.47
C PHE F 133 -36.67 30.22 10.50
N THR F 134 -36.53 29.32 9.53
CA THR F 134 -37.41 28.16 9.39
C THR F 134 -37.41 27.34 10.67
N ARG F 135 -36.24 27.19 11.27
CA ARG F 135 -36.08 26.44 12.51
C ARG F 135 -36.78 27.12 13.68
N ASP F 136 -36.56 28.42 13.82
CA ASP F 136 -37.09 29.17 14.95
C ASP F 136 -38.57 29.52 14.78
N ARG F 137 -39.08 29.35 13.56
CA ARG F 137 -40.48 29.66 13.26
C ARG F 137 -41.44 28.65 13.87
N LEU F 138 -40.91 27.47 14.21
CA LEU F 138 -41.72 26.39 14.76
C LEU F 138 -42.42 26.79 16.06
N CYS F 139 -43.70 26.43 16.16
CA CYS F 139 -44.46 26.63 17.39
C CYS F 139 -45.16 25.34 17.79
N VAL F 140 -44.77 24.79 18.92
CA VAL F 140 -45.34 23.54 19.44
C VAL F 140 -46.31 23.85 20.58
N PRO F 141 -47.49 23.21 20.59
CA PRO F 141 -47.97 22.15 19.68
C PRO F 141 -48.75 22.66 18.48
N ARG F 142 -48.63 23.95 18.17
CA ARG F 142 -49.40 24.55 17.08
C ARG F 142 -49.18 23.88 15.74
N ASP F 143 -47.92 23.68 15.38
CA ASP F 143 -47.56 23.16 14.06
C ASP F 143 -47.44 21.64 14.06
N MET F 144 -46.95 21.08 15.16
CA MET F 144 -46.80 19.64 15.30
C MET F 144 -46.54 19.27 16.76
N SER F 145 -46.48 17.97 17.04
CA SER F 145 -46.20 17.50 18.39
C SER F 145 -44.78 17.86 18.80
N ALA F 146 -44.48 17.71 20.09
CA ALA F 146 -43.18 18.08 20.63
C ALA F 146 -42.05 17.29 20.00
N GLN F 147 -42.23 15.98 19.87
CA GLN F 147 -41.20 15.11 19.32
C GLN F 147 -41.05 15.30 17.82
N ALA F 148 -42.15 15.58 17.14
CA ALA F 148 -42.11 15.89 15.72
C ALA F 148 -41.33 17.17 15.50
N GLY F 149 -41.55 18.14 16.39
CA GLY F 149 -40.86 19.41 16.33
C GLY F 149 -39.37 19.26 16.60
N GLY F 150 -39.04 18.33 17.48
CA GLY F 150 -37.64 18.03 17.78
C GLY F 150 -36.92 17.51 16.56
N GLU F 151 -37.61 16.70 15.77
CA GLU F 151 -37.07 16.16 14.53
C GLU F 151 -36.88 17.26 13.48
N TYR F 152 -37.91 18.10 13.36
CA TYR F 152 -37.90 19.22 12.42
C TYR F 152 -36.72 20.15 12.68
N VAL F 153 -36.55 20.53 13.95
CA VAL F 153 -35.48 21.43 14.36
C VAL F 153 -34.10 20.79 14.18
N ALA F 154 -33.98 19.51 14.52
CA ALA F 154 -32.71 18.79 14.44
C ALA F 154 -32.19 18.76 13.01
N ALA F 155 -33.08 18.51 12.05
CA ALA F 155 -32.71 18.47 10.65
C ALA F 155 -32.23 19.82 10.16
N LEU F 156 -32.91 20.87 10.61
CA LEU F 156 -32.55 22.24 10.24
C LEU F 156 -31.26 22.67 10.91
N ASP F 157 -31.05 22.22 12.14
CA ASP F 157 -29.81 22.49 12.87
C ASP F 157 -28.63 21.80 12.20
N TYR F 158 -28.89 20.65 11.59
CA TYR F 158 -27.86 19.90 10.88
C TYR F 158 -27.39 20.68 9.67
N ILE F 159 -28.34 21.30 8.97
CA ILE F 159 -28.03 22.11 7.80
C ILE F 159 -27.24 23.36 8.17
N VAL F 160 -27.65 24.02 9.24
CA VAL F 160 -27.01 25.25 9.70
C VAL F 160 -25.55 25.00 10.11
N ASN F 161 -25.33 23.95 10.90
CA ASN F 161 -23.98 23.60 11.33
C ASN F 161 -23.08 23.24 10.17
N ALA F 162 -23.64 22.62 9.15
CA ALA F 162 -22.90 22.26 7.95
C ALA F 162 -22.58 23.50 7.12
N LEU F 163 -23.40 24.54 7.29
CA LEU F 163 -23.23 25.79 6.56
C LEU F 163 -22.31 26.74 7.30
N THR F 164 -21.95 26.37 8.53
CA THR F 164 -21.01 27.14 9.32
C THR F 164 -19.92 26.25 9.91
N MET G 1 -16.04 -3.88 22.10
CA MET G 1 -17.26 -4.48 22.62
C MET G 1 -18.48 -4.09 21.79
N LYS G 2 -18.91 -5.00 20.91
CA LYS G 2 -20.02 -4.69 20.02
C LYS G 2 -21.34 -4.57 20.77
N SER G 3 -21.93 -3.39 20.68
CA SER G 3 -23.25 -3.12 21.21
C SER G 3 -23.95 -2.14 20.27
N VAL G 4 -25.15 -1.72 20.63
CA VAL G 4 -25.84 -0.70 19.84
C VAL G 4 -25.04 0.60 19.84
N MET G 5 -24.64 1.04 21.03
CA MET G 5 -23.95 2.31 21.19
C MET G 5 -22.55 2.29 20.57
N THR G 6 -21.79 1.23 20.80
CA THR G 6 -20.42 1.16 20.31
C THR G 6 -20.37 1.00 18.78
N THR G 7 -21.41 0.40 18.22
CA THR G 7 -21.46 0.22 16.76
C THR G 7 -21.74 1.53 16.05
N THR G 8 -22.74 2.26 16.53
CA THR G 8 -23.14 3.51 15.91
C THR G 8 -22.10 4.61 16.12
N ILE G 9 -21.47 4.61 17.28
CA ILE G 9 -20.43 5.59 17.59
C ILE G 9 -19.19 5.36 16.74
N SER G 10 -18.79 4.10 16.60
CA SER G 10 -17.62 3.76 15.80
C SER G 10 -17.87 4.09 14.33
N ALA G 11 -19.10 3.90 13.89
CA ALA G 11 -19.50 4.23 12.52
C ALA G 11 -19.45 5.73 12.31
N ALA G 12 -19.87 6.48 13.31
CA ALA G 12 -19.82 7.94 13.27
C ALA G 12 -18.38 8.42 13.29
N ASP G 13 -17.56 7.77 14.10
CA ASP G 13 -16.16 8.15 14.25
C ASP G 13 -15.37 7.89 12.97
N ALA G 14 -15.72 6.81 12.27
CA ALA G 14 -15.04 6.46 11.02
C ALA G 14 -15.30 7.52 9.95
N ALA G 15 -16.46 8.15 10.01
CA ALA G 15 -16.83 9.18 9.06
C ALA G 15 -16.54 10.57 9.62
N GLY G 16 -16.04 10.62 10.84
CA GLY G 16 -15.71 11.87 11.49
C GLY G 16 -16.94 12.73 11.76
N ARG G 17 -18.04 12.08 12.09
CA ARG G 17 -19.31 12.77 12.29
C ARG G 17 -19.69 12.88 13.77
N PHE G 18 -20.40 13.96 14.09
CA PHE G 18 -21.11 14.03 15.37
C PHE G 18 -22.26 13.02 15.33
N PRO G 19 -22.73 12.59 16.51
CA PRO G 19 -23.97 11.79 16.53
C PRO G 19 -25.11 12.53 15.86
N SER G 20 -25.80 11.87 14.94
CA SER G 20 -26.90 12.49 14.22
C SER G 20 -28.22 11.74 14.49
N SER G 21 -29.21 11.99 13.65
CA SER G 21 -30.55 11.42 13.81
C SER G 21 -30.54 9.90 13.97
N SER G 22 -29.94 9.20 13.00
CA SER G 22 -29.95 7.74 13.00
C SER G 22 -29.19 7.16 14.19
N ASP G 23 -28.17 7.87 14.65
CA ASP G 23 -27.38 7.42 15.80
C ASP G 23 -28.23 7.42 17.06
N LEU G 24 -28.98 8.49 17.26
CA LEU G 24 -29.83 8.65 18.44
C LEU G 24 -31.00 7.67 18.41
N GLU G 25 -31.54 7.42 17.22
CA GLU G 25 -32.64 6.49 17.06
C GLU G 25 -32.23 5.07 17.43
N SER G 26 -31.02 4.68 17.04
CA SER G 26 -30.51 3.34 17.34
C SER G 26 -30.46 3.09 18.84
N VAL G 27 -30.01 4.09 19.59
CA VAL G 27 -29.93 3.99 21.05
C VAL G 27 -31.31 3.89 21.67
N GLN G 28 -32.30 4.53 21.04
CA GLN G 28 -33.68 4.45 21.51
C GLN G 28 -34.18 3.01 21.48
N GLY G 29 -33.75 2.26 20.47
CA GLY G 29 -34.11 0.86 20.35
C GLY G 29 -33.44 0.03 21.43
N ASN G 30 -32.27 0.46 21.88
CA ASN G 30 -31.59 -0.18 22.97
C ASN G 30 -32.38 -0.02 24.27
N ILE G 31 -32.99 1.14 24.42
CA ILE G 31 -33.84 1.44 25.58
C ILE G 31 -35.07 0.51 25.61
N GLN G 32 -35.63 0.26 24.44
CA GLN G 32 -36.86 -0.51 24.32
C GLN G 32 -36.68 -2.01 24.54
N ARG G 33 -35.55 -2.53 24.07
CA ARG G 33 -35.29 -3.97 24.16
C ARG G 33 -34.55 -4.33 25.44
N ALA G 34 -34.12 -3.30 26.18
CA ALA G 34 -33.32 -3.50 27.39
C ALA G 34 -34.01 -4.37 28.43
N ALA G 35 -35.28 -4.10 28.68
CA ALA G 35 -36.04 -4.81 29.71
C ALA G 35 -36.12 -6.31 29.44
N ALA G 36 -36.28 -6.67 28.17
CA ALA G 36 -36.40 -8.07 27.79
C ALA G 36 -35.11 -8.86 28.05
N ARG G 37 -33.98 -8.29 27.65
CA ARG G 37 -32.70 -8.99 27.79
C ARG G 37 -32.15 -8.94 29.21
N LEU G 38 -32.45 -7.86 29.92
CA LEU G 38 -32.00 -7.74 31.31
C LEU G 38 -32.70 -8.74 32.22
N GLU G 39 -33.95 -9.04 31.90
CA GLU G 39 -34.70 -10.05 32.64
C GLU G 39 -34.08 -11.42 32.43
N ALA G 40 -33.70 -11.71 31.20
CA ALA G 40 -33.06 -12.97 30.87
C ALA G 40 -31.73 -13.10 31.60
N ALA G 41 -30.99 -11.99 31.68
CA ALA G 41 -29.70 -11.97 32.35
C ALA G 41 -29.85 -12.23 33.85
N GLU G 42 -30.83 -11.58 34.47
CA GLU G 42 -31.08 -11.75 35.90
C GLU G 42 -31.47 -13.18 36.24
N LYS G 43 -32.40 -13.73 35.47
CA LYS G 43 -32.88 -15.09 35.68
C LYS G 43 -31.75 -16.09 35.54
N LEU G 44 -30.80 -15.77 34.64
CA LEU G 44 -29.63 -16.61 34.45
C LEU G 44 -28.66 -16.47 35.61
N ALA G 45 -28.48 -15.24 36.07
CA ALA G 45 -27.53 -14.96 37.14
C ALA G 45 -27.98 -15.55 38.48
N SER G 46 -29.27 -15.83 38.61
CA SER G 46 -29.83 -16.30 39.87
C SER G 46 -29.92 -17.82 39.93
N ASN G 47 -29.73 -18.48 38.79
CA ASN G 47 -29.93 -19.93 38.71
C ASN G 47 -28.96 -20.60 37.74
N HIS G 48 -27.78 -20.02 37.57
CA HIS G 48 -26.85 -20.50 36.55
C HIS G 48 -26.25 -21.87 36.86
N GLU G 49 -26.03 -22.17 38.14
CA GLU G 49 -25.45 -23.44 38.54
C GLU G 49 -26.32 -24.63 38.14
N ALA G 50 -27.63 -24.46 38.28
CA ALA G 50 -28.56 -25.49 37.85
C ALA G 50 -28.58 -25.60 36.33
N VAL G 51 -28.50 -24.46 35.65
CA VAL G 51 -28.48 -24.42 34.20
C VAL G 51 -27.21 -25.08 33.65
N VAL G 52 -26.07 -24.71 34.21
CA VAL G 52 -24.78 -25.24 33.78
C VAL G 52 -24.71 -26.76 33.97
N LYS G 53 -25.17 -27.23 35.13
CA LYS G 53 -25.16 -28.65 35.44
C LYS G 53 -25.96 -29.45 34.41
N GLU G 54 -27.12 -28.93 34.03
CA GLU G 54 -27.97 -29.60 33.05
C GLU G 54 -27.34 -29.60 31.67
N GLY G 55 -26.61 -28.53 31.35
CA GLY G 55 -25.92 -28.44 30.08
C GLY G 55 -24.78 -29.43 29.99
N GLY G 56 -23.99 -29.51 31.07
CA GLY G 56 -22.89 -30.44 31.14
C GLY G 56 -23.36 -31.88 31.15
N ASP G 57 -24.43 -32.14 31.89
CA ASP G 57 -25.03 -33.49 31.95
C ASP G 57 -25.50 -33.92 30.57
N ALA G 58 -26.11 -32.98 29.83
CA ALA G 58 -26.63 -33.26 28.50
C ALA G 58 -25.50 -33.65 27.55
N CYS G 59 -24.35 -33.02 27.72
CA CYS G 59 -23.18 -33.31 26.89
C CYS G 59 -22.71 -34.76 27.03
N PHE G 60 -22.54 -35.19 28.28
CA PHE G 60 -22.03 -36.53 28.55
C PHE G 60 -23.10 -37.61 28.41
N ALA G 61 -24.36 -37.20 28.48
CA ALA G 61 -25.47 -38.14 28.27
C ALA G 61 -25.52 -38.52 26.80
N LYS G 62 -25.25 -37.56 25.93
CA LYS G 62 -25.28 -37.76 24.50
C LYS G 62 -24.00 -38.42 24.00
N TYR G 63 -22.87 -37.98 24.52
CA TYR G 63 -21.57 -38.51 24.10
C TYR G 63 -20.81 -39.17 25.25
N SER G 64 -21.22 -40.39 25.59
CA SER G 64 -20.58 -41.13 26.68
C SER G 64 -19.17 -41.58 26.32
N TYR G 65 -18.84 -41.51 25.03
CA TYR G 65 -17.52 -41.93 24.56
C TYR G 65 -16.43 -41.01 25.07
N LEU G 66 -16.83 -39.83 25.54
CA LEU G 66 -15.90 -38.83 26.04
C LEU G 66 -15.14 -39.32 27.27
N LYS G 67 -15.71 -40.29 27.99
CA LYS G 67 -15.09 -40.78 29.21
C LYS G 67 -14.10 -41.92 28.94
N ASN G 68 -13.98 -42.31 27.68
CA ASN G 68 -13.00 -43.32 27.28
C ASN G 68 -11.58 -42.76 27.38
N PRO G 69 -10.60 -43.64 27.68
CA PRO G 69 -9.19 -43.24 27.78
C PRO G 69 -8.69 -42.44 26.58
N GLY G 70 -8.08 -41.30 26.84
CA GLY G 70 -7.53 -40.46 25.79
C GLY G 70 -8.50 -39.41 25.28
N GLU G 71 -9.74 -39.48 25.74
CA GLU G 71 -10.75 -38.51 25.32
C GLU G 71 -10.90 -37.38 26.34
N ALA G 72 -11.70 -36.38 25.99
CA ALA G 72 -11.77 -35.14 26.76
C ALA G 72 -12.41 -35.29 28.14
N GLY G 73 -12.96 -36.46 28.45
CA GLY G 73 -13.59 -36.67 29.74
C GLY G 73 -13.12 -37.91 30.46
N ASP G 74 -11.87 -38.31 30.22
CA ASP G 74 -11.36 -39.56 30.77
C ASP G 74 -10.81 -39.40 32.19
N SER G 75 -11.16 -38.29 32.82
CA SER G 75 -10.82 -38.07 34.23
C SER G 75 -11.83 -37.10 34.85
N GLN G 76 -11.94 -37.13 36.17
CA GLN G 76 -12.89 -36.27 36.86
C GLN G 76 -12.48 -34.80 36.71
N GLU G 77 -11.18 -34.55 36.72
CA GLU G 77 -10.66 -33.19 36.56
C GLU G 77 -11.03 -32.62 35.20
N LYS G 78 -10.93 -33.45 34.17
CA LYS G 78 -11.30 -33.04 32.82
C LYS G 78 -12.80 -32.82 32.70
N VAL G 79 -13.58 -33.70 33.33
CA VAL G 79 -15.02 -33.56 33.37
C VAL G 79 -15.40 -32.26 34.07
N ASN G 80 -14.70 -31.94 35.15
CA ASN G 80 -14.93 -30.70 35.89
C ASN G 80 -14.64 -29.46 35.03
N LYS G 81 -13.62 -29.55 34.20
CA LYS G 81 -13.27 -28.44 33.31
C LYS G 81 -14.34 -28.24 32.23
N CYS G 82 -15.03 -29.32 31.87
CA CYS G 82 -16.09 -29.23 30.87
C CYS G 82 -17.28 -28.46 31.42
N TYR G 83 -17.67 -28.78 32.65
CA TYR G 83 -18.72 -28.03 33.32
C TYR G 83 -18.29 -26.59 33.57
N ARG G 84 -17.00 -26.41 33.83
CA ARG G 84 -16.42 -25.07 33.97
C ARG G 84 -16.55 -24.29 32.68
N ASP G 85 -16.32 -24.97 31.56
CA ASP G 85 -16.43 -24.36 30.24
C ASP G 85 -17.85 -23.92 29.94
N VAL G 86 -18.81 -24.78 30.28
CA VAL G 86 -20.22 -24.46 30.09
C VAL G 86 -20.58 -23.22 30.92
N ASP G 87 -20.04 -23.15 32.13
CA ASP G 87 -20.26 -22.00 33.00
C ASP G 87 -19.66 -20.74 32.41
N HIS G 88 -18.51 -20.89 31.75
CA HIS G 88 -17.83 -19.78 31.09
C HIS G 88 -18.73 -19.16 30.02
N TYR G 89 -19.25 -20.01 29.14
CA TYR G 89 -20.14 -19.55 28.07
C TYR G 89 -21.39 -18.89 28.62
N MET G 90 -22.02 -19.53 29.61
CA MET G 90 -23.26 -19.03 30.17
C MET G 90 -23.06 -17.72 30.91
N ARG G 91 -21.89 -17.55 31.51
CA ARG G 91 -21.56 -16.28 32.15
C ARG G 91 -21.40 -15.19 31.10
N LEU G 92 -20.86 -15.58 29.93
CA LEU G 92 -20.68 -14.66 28.83
C LEU G 92 -22.01 -14.42 28.11
N VAL G 93 -22.94 -15.35 28.24
CA VAL G 93 -24.30 -15.15 27.76
C VAL G 93 -24.97 -14.09 28.61
N ASN G 94 -24.77 -14.19 29.93
CA ASN G 94 -25.24 -13.18 30.87
C ASN G 94 -24.67 -11.81 30.54
N TYR G 95 -23.38 -11.76 30.23
CA TYR G 95 -22.71 -10.51 29.86
C TYR G 95 -23.29 -9.94 28.57
N SER G 96 -23.50 -10.80 27.59
CA SER G 96 -23.99 -10.39 26.28
C SER G 96 -25.43 -9.88 26.36
N LEU G 97 -26.20 -10.41 27.30
CA LEU G 97 -27.57 -9.96 27.50
C LEU G 97 -27.61 -8.59 28.16
N VAL G 98 -26.67 -8.35 29.08
CA VAL G 98 -26.58 -7.05 29.75
C VAL G 98 -26.12 -5.97 28.76
N VAL G 99 -25.09 -6.29 27.99
CA VAL G 99 -24.54 -5.35 27.00
C VAL G 99 -25.54 -5.09 25.87
N GLY G 100 -26.25 -6.14 25.45
CA GLY G 100 -27.18 -6.02 24.36
C GLY G 100 -26.48 -6.25 23.03
N GLY G 101 -25.33 -6.92 23.09
CA GLY G 101 -24.56 -7.24 21.91
C GLY G 101 -23.80 -8.54 22.12
N THR G 102 -23.26 -9.10 21.04
CA THR G 102 -22.55 -10.37 21.12
C THR G 102 -21.08 -10.19 21.51
N GLY G 103 -20.70 -8.94 21.77
CA GLY G 103 -19.34 -8.58 22.14
C GLY G 103 -18.62 -9.50 23.11
N PRO G 104 -19.20 -9.71 24.31
CA PRO G 104 -18.61 -10.60 25.32
C PRO G 104 -18.33 -12.01 24.80
N LEU G 105 -19.26 -12.58 24.04
CA LEU G 105 -19.07 -13.92 23.49
C LEU G 105 -18.04 -13.92 22.36
N ASP G 106 -18.08 -12.89 21.53
CA ASP G 106 -17.15 -12.75 20.41
C ASP G 106 -15.70 -12.68 20.87
N GLU G 107 -15.43 -11.81 21.83
CA GLU G 107 -14.07 -11.53 22.26
C GLU G 107 -13.50 -12.58 23.21
N TRP G 108 -14.34 -13.09 24.11
CA TRP G 108 -13.85 -13.88 25.23
C TRP G 108 -14.12 -15.38 25.12
N ALA G 109 -14.93 -15.78 24.14
CA ALA G 109 -15.27 -17.20 23.98
C ALA G 109 -14.99 -17.72 22.58
N ILE G 110 -15.51 -17.03 21.59
CA ILE G 110 -15.50 -17.51 20.21
C ILE G 110 -14.14 -17.31 19.52
N ALA G 111 -13.53 -16.14 19.73
CA ALA G 111 -12.24 -15.84 19.13
C ALA G 111 -11.17 -16.81 19.62
N GLY G 112 -10.58 -17.56 18.69
CA GLY G 112 -9.52 -18.49 19.01
C GLY G 112 -10.00 -19.86 19.47
N ALA G 113 -11.33 -20.01 19.54
CA ALA G 113 -11.92 -21.26 20.03
C ALA G 113 -11.64 -22.43 19.10
N ARG G 114 -11.68 -22.18 17.79
CA ARG G 114 -11.42 -23.22 16.80
C ARG G 114 -10.01 -23.78 16.97
N GLU G 115 -9.05 -22.88 17.18
CA GLU G 115 -7.65 -23.26 17.33
C GLU G 115 -7.43 -24.06 18.62
N VAL G 116 -7.99 -23.57 19.71
CA VAL G 116 -7.84 -24.20 21.02
C VAL G 116 -8.44 -25.61 21.05
N TYR G 117 -9.68 -25.72 20.59
CA TYR G 117 -10.44 -26.97 20.70
C TYR G 117 -9.88 -28.07 19.81
N ARG G 118 -9.29 -27.69 18.68
CA ARG G 118 -8.68 -28.66 17.78
C ARG G 118 -7.38 -29.19 18.36
N THR G 119 -6.59 -28.30 18.94
CA THR G 119 -5.29 -28.65 19.52
C THR G 119 -5.46 -29.53 20.77
N LEU G 120 -6.55 -29.29 21.51
CA LEU G 120 -6.76 -30.00 22.77
C LEU G 120 -7.76 -31.15 22.66
N ASN G 121 -8.13 -31.49 21.43
CA ASN G 121 -9.08 -32.58 21.17
C ASN G 121 -10.40 -32.35 21.90
N LEU G 122 -10.99 -31.18 21.70
CA LEU G 122 -12.29 -30.87 22.26
C LEU G 122 -13.32 -30.77 21.15
N PRO G 123 -14.08 -31.84 20.92
CA PRO G 123 -15.07 -31.89 19.83
C PRO G 123 -16.16 -30.84 19.98
N SER G 124 -16.37 -30.04 18.94
CA SER G 124 -17.32 -28.94 19.00
C SER G 124 -18.75 -29.42 19.18
N ALA G 125 -19.03 -30.63 18.70
CA ALA G 125 -20.37 -31.21 18.80
C ALA G 125 -20.77 -31.41 20.26
N SER G 126 -19.78 -31.62 21.11
CA SER G 126 -20.03 -31.79 22.54
C SER G 126 -20.51 -30.49 23.16
N TYR G 127 -19.89 -29.38 22.78
CA TYR G 127 -20.33 -28.07 23.23
C TYR G 127 -21.72 -27.78 22.69
N VAL G 128 -21.92 -28.04 21.40
CA VAL G 128 -23.21 -27.87 20.76
C VAL G 128 -24.31 -28.62 21.53
N ALA G 129 -24.00 -29.84 21.94
CA ALA G 129 -24.94 -30.66 22.70
C ALA G 129 -25.34 -29.99 24.01
N ALA G 130 -24.40 -29.30 24.65
CA ALA G 130 -24.65 -28.64 25.91
C ALA G 130 -25.56 -27.43 25.76
N PHE G 131 -25.37 -26.68 24.68
CA PHE G 131 -26.12 -25.43 24.49
C PHE G 131 -27.41 -25.63 23.71
N ALA G 132 -27.45 -26.66 22.87
CA ALA G 132 -28.69 -27.01 22.18
C ALA G 132 -29.73 -27.44 23.21
N PHE G 133 -29.28 -28.19 24.21
CA PHE G 133 -30.14 -28.60 25.31
C PHE G 133 -30.58 -27.40 26.13
N THR G 134 -29.60 -26.58 26.52
CA THR G 134 -29.85 -25.39 27.32
C THR G 134 -30.87 -24.48 26.63
N ARG G 135 -30.75 -24.37 25.32
CA ARG G 135 -31.67 -23.57 24.52
C ARG G 135 -33.08 -24.15 24.53
N ASP G 136 -33.18 -25.46 24.33
CA ASP G 136 -34.47 -26.12 24.19
C ASP G 136 -35.16 -26.40 25.53
N ARG G 137 -34.38 -26.43 26.60
CA ARG G 137 -34.92 -26.65 27.94
C ARG G 137 -35.87 -25.52 28.34
N LEU G 138 -35.55 -24.31 27.89
CA LEU G 138 -36.35 -23.12 28.17
C LEU G 138 -37.77 -23.26 27.64
N CYS G 139 -38.74 -22.83 28.44
CA CYS G 139 -40.09 -22.64 27.95
C CYS G 139 -40.75 -21.48 28.67
N VAL G 140 -41.45 -20.64 27.92
CA VAL G 140 -42.12 -19.47 28.46
C VAL G 140 -43.60 -19.77 28.68
N PRO G 141 -44.21 -19.18 29.71
CA PRO G 141 -43.68 -18.17 30.64
C PRO G 141 -43.05 -18.74 31.92
N ARG G 142 -42.86 -20.06 31.97
CA ARG G 142 -42.38 -20.70 33.19
C ARG G 142 -41.06 -20.12 33.71
N ASP G 143 -40.09 -19.98 32.81
CA ASP G 143 -38.76 -19.56 33.20
C ASP G 143 -38.57 -18.05 33.07
N MET G 144 -39.23 -17.46 32.10
CA MET G 144 -39.16 -16.02 31.86
C MET G 144 -40.24 -15.58 30.88
N SER G 145 -40.34 -14.27 30.66
CA SER G 145 -41.31 -13.73 29.70
C SER G 145 -40.94 -14.13 28.28
N ALA G 146 -41.87 -13.96 27.35
CA ALA G 146 -41.68 -14.37 25.97
C ALA G 146 -40.49 -13.69 25.31
N GLN G 147 -40.42 -12.37 25.42
CA GLN G 147 -39.34 -11.61 24.78
C GLN G 147 -38.00 -11.86 25.46
N ALA G 148 -38.05 -12.17 26.76
CA ALA G 148 -36.84 -12.54 27.48
C ALA G 148 -36.33 -13.89 26.97
N GLY G 149 -37.27 -14.81 26.73
CA GLY G 149 -36.94 -16.12 26.21
C GLY G 149 -36.39 -16.04 24.80
N GLY G 150 -36.82 -15.04 24.05
CA GLY G 150 -36.33 -14.82 22.71
C GLY G 150 -34.86 -14.42 22.73
N GLU G 151 -34.51 -13.54 23.66
CA GLU G 151 -33.13 -13.10 23.83
C GLU G 151 -32.24 -14.26 24.30
N TYR G 152 -32.75 -15.02 25.25
CA TYR G 152 -32.06 -16.18 25.81
C TYR G 152 -31.70 -17.20 24.72
N VAL G 153 -32.70 -17.58 23.94
CA VAL G 153 -32.53 -18.53 22.84
C VAL G 153 -31.61 -17.98 21.76
N ALA G 154 -31.75 -16.70 21.45
CA ALA G 154 -30.95 -16.07 20.40
C ALA G 154 -29.46 -16.10 20.71
N ALA G 155 -29.11 -15.86 21.96
CA ALA G 155 -27.72 -15.86 22.39
C ALA G 155 -27.11 -17.26 22.29
N LEU G 156 -27.93 -18.26 22.60
CA LEU G 156 -27.48 -19.65 22.56
C LEU G 156 -27.38 -20.16 21.13
N ASP G 157 -28.28 -19.70 20.26
CA ASP G 157 -28.22 -20.03 18.84
C ASP G 157 -26.98 -19.42 18.20
N TYR G 158 -26.60 -18.24 18.68
CA TYR G 158 -25.40 -17.56 18.20
C TYR G 158 -24.16 -18.39 18.51
N ILE G 159 -24.15 -19.00 19.69
CA ILE G 159 -23.06 -19.89 20.09
C ILE G 159 -23.07 -21.16 19.24
N VAL G 160 -24.25 -21.74 19.06
CA VAL G 160 -24.41 -22.95 18.26
C VAL G 160 -23.93 -22.74 16.83
N ASN G 161 -24.33 -21.63 16.22
CA ASN G 161 -23.88 -21.30 14.87
C ASN G 161 -22.36 -21.06 14.82
N ALA G 162 -21.83 -20.50 15.89
CA ALA G 162 -20.39 -20.23 15.96
C ALA G 162 -19.59 -21.53 16.07
N LEU G 163 -20.25 -22.59 16.50
CA LEU G 163 -19.60 -23.89 16.68
C LEU G 163 -19.83 -24.79 15.47
N THR G 164 -20.74 -24.41 14.60
CA THR G 164 -21.08 -25.23 13.45
C THR G 164 -20.89 -24.49 12.14
N MET H 1 11.20 23.72 1.92
CA MET H 1 12.53 24.33 1.93
C MET H 1 12.46 25.83 1.69
N LEU H 2 13.56 26.52 1.98
CA LEU H 2 13.65 27.96 1.75
C LEU H 2 14.82 28.29 0.85
N ASP H 3 14.74 29.41 0.15
CA ASP H 3 15.88 29.94 -0.59
C ASP H 3 16.31 31.26 0.05
N ALA H 4 17.26 31.94 -0.58
CA ALA H 4 17.80 33.18 -0.04
C ALA H 4 16.72 34.25 0.12
N PHE H 5 15.74 34.24 -0.79
CA PHE H 5 14.68 35.24 -0.78
C PHE H 5 13.59 34.92 0.24
N SER H 6 13.15 33.67 0.27
CA SER H 6 12.10 33.26 1.20
C SER H 6 12.60 33.24 2.63
N ARG H 7 13.91 33.15 2.81
CA ARG H 7 14.52 33.22 4.13
C ARG H 7 14.35 34.63 4.71
N VAL H 8 14.59 35.64 3.88
CA VAL H 8 14.38 37.03 4.26
C VAL H 8 12.91 37.27 4.59
N VAL H 9 12.04 36.66 3.79
CA VAL H 9 10.60 36.77 3.99
C VAL H 9 10.17 36.16 5.33
N VAL H 10 10.75 35.01 5.67
CA VAL H 10 10.44 34.35 6.94
C VAL H 10 10.83 35.23 8.12
N ASN H 11 12.02 35.82 8.06
CA ASN H 11 12.50 36.72 9.10
C ASN H 11 11.63 37.97 9.24
N SER H 12 11.24 38.52 8.09
CA SER H 12 10.38 39.71 8.07
C SER H 12 8.98 39.38 8.58
N ASP H 13 8.49 38.20 8.23
CA ASP H 13 7.17 37.75 8.66
C ASP H 13 7.10 37.58 10.17
N ALA H 14 8.22 37.20 10.77
CA ALA H 14 8.29 36.97 12.21
C ALA H 14 8.08 38.28 12.98
N LYS H 15 8.37 39.40 12.33
CA LYS H 15 8.20 40.71 12.96
C LYS H 15 7.07 41.49 12.29
N ALA H 16 6.26 40.79 11.48
CA ALA H 16 5.12 41.36 10.80
C ALA H 16 5.48 42.61 10.00
N ALA H 17 6.63 42.57 9.34
CA ALA H 17 7.12 43.73 8.60
C ALA H 17 7.19 43.44 7.10
N TYR H 18 6.87 44.45 6.31
CA TYR H 18 7.03 44.38 4.86
C TYR H 18 8.51 44.32 4.50
N VAL H 19 8.83 43.68 3.38
CA VAL H 19 10.19 43.70 2.87
C VAL H 19 10.38 44.96 2.04
N GLY H 20 11.12 45.92 2.59
CA GLY H 20 11.30 47.21 1.94
C GLY H 20 12.69 47.40 1.35
N GLY H 21 12.94 48.61 0.85
CA GLY H 21 14.19 48.93 0.20
C GLY H 21 15.43 48.67 1.04
N SER H 22 15.34 48.97 2.33
CA SER H 22 16.45 48.77 3.26
C SER H 22 16.86 47.30 3.33
N ASP H 23 15.87 46.41 3.36
CA ASP H 23 16.12 44.99 3.55
C ASP H 23 16.43 44.26 2.24
N LEU H 24 16.63 45.02 1.18
CA LEU H 24 16.68 44.44 -0.16
C LEU H 24 18.05 44.47 -0.84
N GLN H 25 18.99 45.25 -0.30
CA GLN H 25 20.29 45.44 -0.95
C GLN H 25 21.07 44.14 -1.10
N ALA H 26 20.99 43.26 -0.12
CA ALA H 26 21.67 41.98 -0.19
C ALA H 26 21.03 41.09 -1.25
N LEU H 27 19.70 41.12 -1.32
CA LEU H 27 18.96 40.33 -2.30
C LEU H 27 19.18 40.88 -3.71
N LYS H 28 19.28 42.20 -3.83
CA LYS H 28 19.58 42.83 -5.10
C LYS H 28 20.96 42.41 -5.61
N LYS H 29 21.92 42.34 -4.70
CA LYS H 29 23.27 41.90 -5.03
C LYS H 29 23.29 40.41 -5.36
N PHE H 30 22.43 39.66 -4.68
CA PHE H 30 22.26 38.23 -4.94
C PHE H 30 21.87 38.01 -6.40
N ILE H 31 21.01 38.90 -6.90
CA ILE H 31 20.54 38.84 -8.28
C ILE H 31 21.63 39.29 -9.25
N THR H 32 22.36 40.33 -8.87
CA THR H 32 23.44 40.85 -9.69
C THR H 32 24.54 39.80 -9.88
N ASP H 33 24.91 39.13 -8.80
CA ASP H 33 25.92 38.08 -8.86
C ASP H 33 25.31 36.73 -9.19
N GLY H 34 24.13 36.75 -9.78
CA GLY H 34 23.39 35.52 -10.09
C GLY H 34 24.09 34.59 -11.06
N ASN H 35 24.68 35.17 -12.11
CA ASN H 35 25.38 34.38 -13.11
C ASN H 35 26.59 33.67 -12.53
N LYS H 36 27.23 34.30 -11.55
CA LYS H 36 28.37 33.69 -10.86
C LYS H 36 27.92 32.48 -10.05
N ARG H 37 26.77 32.59 -9.40
CA ARG H 37 26.24 31.52 -8.59
C ARG H 37 25.86 30.33 -9.47
N LEU H 38 25.31 30.61 -10.64
CA LEU H 38 24.94 29.57 -11.59
C LEU H 38 26.18 28.84 -12.11
N ASP H 39 27.26 29.60 -12.30
CA ASP H 39 28.54 29.02 -12.69
C ASP H 39 29.09 28.11 -11.61
N SER H 40 28.98 28.54 -10.36
CA SER H 40 29.49 27.79 -9.22
C SER H 40 28.80 26.45 -9.08
N VAL H 41 27.49 26.43 -9.32
CA VAL H 41 26.71 25.20 -9.26
C VAL H 41 27.09 24.29 -10.43
N SER H 42 27.23 24.90 -11.60
CA SER H 42 27.60 24.14 -12.81
C SER H 42 28.98 23.51 -12.69
N PHE H 43 29.92 24.25 -12.10
CA PHE H 43 31.30 23.77 -11.99
C PHE H 43 31.41 22.59 -11.03
N VAL H 44 30.59 22.61 -9.97
CA VAL H 44 30.57 21.51 -9.01
C VAL H 44 29.91 20.27 -9.62
N VAL H 45 28.73 20.47 -10.19
CA VAL H 45 27.96 19.38 -10.78
C VAL H 45 28.70 18.70 -11.93
N SER H 46 29.35 19.51 -12.77
CA SER H 46 30.05 18.98 -13.93
C SER H 46 31.27 18.13 -13.55
N ASN H 47 31.69 18.24 -12.29
CA ASN H 47 32.81 17.45 -11.79
C ASN H 47 32.41 16.55 -10.63
N ALA H 48 31.12 16.27 -10.53
CA ALA H 48 30.56 15.53 -9.39
C ALA H 48 31.18 14.14 -9.21
N SER H 49 31.33 13.40 -10.32
CA SER H 49 31.86 12.04 -10.25
C SER H 49 33.30 12.03 -9.76
N CYS H 50 34.08 13.00 -10.21
CA CYS H 50 35.46 13.11 -9.77
C CYS H 50 35.55 13.54 -8.32
N ILE H 51 34.73 14.51 -7.93
CA ILE H 51 34.70 15.01 -6.55
C ILE H 51 34.40 13.90 -5.55
N VAL H 52 33.37 13.11 -5.82
CA VAL H 52 32.93 12.07 -4.91
C VAL H 52 33.91 10.91 -4.83
N SER H 53 34.32 10.39 -5.99
CA SER H 53 35.23 9.24 -6.04
C SER H 53 36.58 9.57 -5.42
N ASP H 54 37.09 10.77 -5.69
CA ASP H 54 38.38 11.18 -5.15
C ASP H 54 38.34 11.37 -3.64
N ALA H 55 37.22 11.90 -3.14
CA ALA H 55 37.07 12.15 -1.72
C ALA H 55 36.90 10.85 -0.93
N VAL H 56 36.08 9.95 -1.45
CA VAL H 56 35.86 8.66 -0.81
C VAL H 56 37.14 7.84 -0.83
N SER H 57 37.81 7.82 -1.97
CA SER H 57 39.09 7.12 -2.11
C SER H 57 40.14 7.73 -1.20
N GLY H 58 40.10 9.05 -1.03
CA GLY H 58 41.01 9.74 -0.15
C GLY H 58 40.79 9.34 1.30
N MET H 59 39.53 9.22 1.67
CA MET H 59 39.16 8.77 3.00
C MET H 59 39.70 7.39 3.30
N ILE H 60 39.57 6.49 2.33
CA ILE H 60 40.06 5.12 2.47
C ILE H 60 41.58 5.08 2.53
N CYS H 61 42.23 5.82 1.64
CA CYS H 61 43.69 5.78 1.59
C CYS H 61 44.29 6.51 2.79
N GLU H 62 43.44 7.23 3.54
CA GLU H 62 43.85 7.84 4.81
C GLU H 62 43.36 7.03 6.01
N ASN H 63 42.48 6.06 5.77
CA ASN H 63 41.96 5.20 6.82
C ASN H 63 41.88 3.74 6.37
N PRO H 64 43.04 3.07 6.33
CA PRO H 64 43.16 1.69 5.81
C PRO H 64 42.27 0.68 6.54
N GLY H 65 41.94 0.97 7.79
CA GLY H 65 41.11 0.08 8.59
C GLY H 65 39.71 -0.08 8.05
N LEU H 66 39.30 0.85 7.18
CA LEU H 66 37.96 0.84 6.60
C LEU H 66 37.74 -0.34 5.66
N ILE H 67 38.82 -0.82 5.05
CA ILE H 67 38.70 -1.90 4.07
C ILE H 67 39.29 -3.22 4.60
N ALA H 68 39.48 -3.29 5.91
CA ALA H 68 39.86 -4.53 6.56
C ALA H 68 38.59 -5.28 6.95
N PRO H 69 38.70 -6.60 7.22
CA PRO H 69 37.53 -7.34 7.71
C PRO H 69 36.88 -6.69 8.92
N GLY H 70 35.59 -6.40 8.82
CA GLY H 70 34.88 -5.70 9.88
C GLY H 70 34.83 -4.21 9.61
N GLY H 71 35.66 -3.75 8.69
CA GLY H 71 35.68 -2.35 8.30
C GLY H 71 34.38 -1.94 7.65
N ASN H 72 34.00 -0.69 7.81
CA ASN H 72 32.70 -0.23 7.34
C ASN H 72 32.64 -0.07 5.83
N CYS H 73 33.78 -0.20 5.16
CA CYS H 73 33.82 -0.15 3.69
C CYS H 73 34.28 -1.50 3.14
N TYR H 74 34.31 -2.50 4.00
CA TYR H 74 34.63 -3.87 3.61
C TYR H 74 33.47 -4.46 2.80
N THR H 75 33.80 -5.27 1.80
CA THR H 75 32.88 -5.79 0.78
C THR H 75 32.40 -4.70 -0.17
N ASN H 76 32.07 -5.09 -1.39
CA ASN H 76 31.61 -4.15 -2.42
C ASN H 76 30.30 -3.48 -2.04
N ARG H 77 29.46 -4.18 -1.29
CA ARG H 77 28.16 -3.65 -0.90
C ARG H 77 28.30 -2.41 -0.03
N ARG H 78 29.20 -2.48 0.95
CA ARG H 78 29.42 -1.35 1.85
C ARG H 78 30.15 -0.21 1.16
N MET H 79 31.11 -0.55 0.32
CA MET H 79 31.86 0.46 -0.44
C MET H 79 30.91 1.24 -1.35
N ALA H 80 29.96 0.54 -1.95
CA ALA H 80 28.98 1.16 -2.83
C ALA H 80 28.07 2.11 -2.05
N ALA H 81 27.69 1.70 -0.85
CA ALA H 81 26.81 2.50 -0.01
C ALA H 81 27.50 3.76 0.48
N CYS H 82 28.80 3.68 0.69
CA CYS H 82 29.59 4.83 1.11
C CYS H 82 29.73 5.83 -0.03
N LEU H 83 29.99 5.31 -1.23
CA LEU H 83 30.07 6.13 -2.43
C LEU H 83 28.73 6.81 -2.71
N ARG H 84 27.65 6.09 -2.43
CA ARG H 84 26.30 6.63 -2.59
C ARG H 84 26.07 7.79 -1.65
N ASP H 85 26.47 7.63 -0.40
CA ASP H 85 26.34 8.67 0.61
C ASP H 85 27.13 9.92 0.24
N GLY H 86 28.32 9.72 -0.31
CA GLY H 86 29.16 10.82 -0.74
C GLY H 86 28.51 11.64 -1.82
N GLU H 87 27.96 10.96 -2.83
CA GLU H 87 27.27 11.62 -3.92
C GLU H 87 26.01 12.34 -3.43
N ILE H 88 25.28 11.69 -2.54
CA ILE H 88 24.08 12.25 -1.95
C ILE H 88 24.36 13.56 -1.22
N ILE H 89 25.41 13.54 -0.38
CA ILE H 89 25.80 14.71 0.39
C ILE H 89 26.17 15.88 -0.52
N LEU H 90 26.95 15.60 -1.55
CA LEU H 90 27.35 16.63 -2.51
C LEU H 90 26.15 17.18 -3.26
N ARG H 91 25.17 16.32 -3.52
CA ARG H 91 23.97 16.70 -4.25
C ARG H 91 23.14 17.71 -3.49
N TYR H 92 22.98 17.49 -2.18
CA TYR H 92 22.22 18.41 -1.35
C TYR H 92 23.00 19.68 -1.05
N ALA H 93 24.33 19.59 -1.13
CA ALA H 93 25.18 20.77 -0.97
C ALA H 93 25.06 21.66 -2.20
N SER H 94 24.90 21.03 -3.36
CA SER H 94 24.72 21.78 -4.61
C SER H 94 23.33 22.40 -4.65
N TYR H 95 22.35 21.71 -4.06
CA TYR H 95 21.01 22.25 -3.91
C TYR H 95 21.06 23.53 -3.09
N ALA H 96 21.81 23.48 -1.99
CA ALA H 96 21.93 24.62 -1.08
C ALA H 96 22.65 25.78 -1.73
N LEU H 97 23.62 25.46 -2.59
CA LEU H 97 24.37 26.49 -3.31
C LEU H 97 23.47 27.18 -4.33
N LEU H 98 22.63 26.39 -5.00
CA LEU H 98 21.73 26.91 -6.01
C LEU H 98 20.65 27.81 -5.39
N ALA H 99 20.15 27.40 -4.23
CA ALA H 99 19.09 28.15 -3.57
C ALA H 99 19.64 29.31 -2.75
N GLY H 100 20.92 29.25 -2.41
CA GLY H 100 21.54 30.26 -1.58
C GLY H 100 21.05 30.16 -0.15
N ASP H 101 20.71 28.95 0.27
CA ASP H 101 20.20 28.70 1.61
C ASP H 101 20.41 27.25 2.01
N PRO H 102 20.83 27.01 3.27
CA PRO H 102 21.16 25.66 3.74
C PRO H 102 19.96 24.81 4.17
N SER H 103 18.74 25.34 4.08
CA SER H 103 17.56 24.64 4.60
C SER H 103 17.33 23.29 3.95
N VAL H 104 17.47 23.21 2.62
CA VAL H 104 17.25 21.96 1.91
C VAL H 104 18.27 20.90 2.36
N LEU H 105 19.48 21.35 2.68
CA LEU H 105 20.52 20.47 3.17
C LEU H 105 20.20 19.99 4.59
N GLU H 106 19.71 20.92 5.41
CA GLU H 106 19.36 20.61 6.80
C GLU H 106 18.10 19.75 6.89
N ASP H 107 17.10 20.10 6.09
CA ASP H 107 15.80 19.42 6.17
C ASP H 107 15.80 18.01 5.60
N ARG H 108 16.40 17.84 4.42
CA ARG H 108 16.25 16.60 3.67
C ARG H 108 17.50 15.73 3.64
N CYS H 109 18.57 16.15 4.31
CA CYS H 109 19.80 15.36 4.32
C CYS H 109 20.35 15.15 5.73
N LEU H 110 20.69 16.24 6.40
CA LEU H 110 21.31 16.18 7.72
C LEU H 110 20.32 15.75 8.79
N ASN H 111 19.05 16.04 8.56
CA ASN H 111 17.98 15.69 9.51
C ASN H 111 17.96 14.20 9.84
N GLY H 112 18.38 13.88 11.05
CA GLY H 112 18.38 12.50 11.51
C GLY H 112 19.53 11.67 10.95
N LEU H 113 20.45 12.32 10.24
CA LEU H 113 21.58 11.61 9.65
C LEU H 113 22.53 11.08 10.71
N LYS H 114 22.72 11.87 11.78
CA LYS H 114 23.62 11.49 12.86
C LYS H 114 23.17 10.20 13.55
N GLU H 115 21.87 10.06 13.77
CA GLU H 115 21.36 8.93 14.55
C GLU H 115 21.33 7.63 13.75
N THR H 116 21.21 7.72 12.42
CA THR H 116 21.26 6.51 11.60
C THR H 116 22.71 6.05 11.46
N TYR H 117 23.63 7.01 11.37
CA TYR H 117 25.05 6.69 11.32
C TYR H 117 25.50 6.03 12.63
N ILE H 118 24.94 6.48 13.74
CA ILE H 118 25.21 5.89 15.04
C ILE H 118 24.65 4.47 15.09
N ALA H 119 23.42 4.31 14.66
CA ALA H 119 22.75 3.01 14.66
C ALA H 119 23.44 2.01 13.74
N LEU H 120 23.90 2.49 12.59
CA LEU H 120 24.59 1.64 11.62
C LEU H 120 26.03 1.39 12.00
N GLY H 121 26.62 2.33 12.73
CA GLY H 121 27.99 2.20 13.18
C GLY H 121 29.01 2.59 12.14
N VAL H 122 28.65 3.54 11.27
CA VAL H 122 29.61 4.09 10.33
C VAL H 122 30.46 5.12 11.08
N PRO H 123 31.79 5.01 10.94
CA PRO H 123 32.75 5.83 11.71
C PRO H 123 32.61 7.32 11.43
N THR H 124 32.47 8.10 12.48
CA THR H 124 32.22 9.54 12.36
C THR H 124 33.43 10.28 11.79
N ASN H 125 34.61 9.97 12.30
CA ASN H 125 35.83 10.66 11.87
C ASN H 125 36.15 10.43 10.40
N SER H 126 35.90 9.21 9.90
CA SER H 126 36.10 8.91 8.50
C SER H 126 35.06 9.60 7.63
N SER H 127 33.84 9.70 8.14
CA SER H 127 32.76 10.38 7.44
C SER H 127 33.04 11.87 7.32
N VAL H 128 33.58 12.44 8.40
CA VAL H 128 33.97 13.85 8.42
C VAL H 128 35.08 14.11 7.40
N ARG H 129 36.03 13.19 7.33
CA ARG H 129 37.15 13.35 6.40
C ARG H 129 36.69 13.31 4.95
N ALA H 130 35.69 12.47 4.66
CA ALA H 130 35.12 12.39 3.33
C ALA H 130 34.53 13.75 2.92
N VAL H 131 33.84 14.38 3.87
CA VAL H 131 33.23 15.68 3.64
C VAL H 131 34.28 16.78 3.47
N SER H 132 35.30 16.76 4.32
CA SER H 132 36.34 17.77 4.29
C SER H 132 37.14 17.73 2.98
N ILE H 133 37.32 16.54 2.44
CA ILE H 133 38.00 16.39 1.16
C ILE H 133 37.10 16.85 0.02
N MET H 134 35.82 16.50 0.10
CA MET H 134 34.83 16.98 -0.86
C MET H 134 34.79 18.50 -0.84
N LYS H 135 34.87 19.07 0.36
CA LYS H 135 34.89 20.53 0.52
C LYS H 135 36.10 21.15 -0.18
N ALA H 136 37.25 20.49 -0.06
CA ALA H 136 38.47 20.98 -0.67
C ALA H 136 38.35 21.03 -2.19
N SER H 137 37.92 19.92 -2.78
CA SER H 137 37.81 19.81 -4.23
C SER H 137 36.69 20.66 -4.80
N ALA H 138 35.52 20.63 -4.17
CA ALA H 138 34.36 21.36 -4.66
C ALA H 138 34.58 22.88 -4.65
N THR H 139 35.13 23.38 -3.56
CA THR H 139 35.43 24.82 -3.47
C THR H 139 36.56 25.20 -4.40
N ALA H 140 37.39 24.23 -4.75
CA ALA H 140 38.48 24.44 -5.70
C ALA H 140 37.92 24.66 -7.10
N PHE H 141 36.87 23.93 -7.44
CA PHE H 141 36.23 24.07 -8.74
C PHE H 141 35.44 25.37 -8.83
N VAL H 142 34.93 25.83 -7.70
CA VAL H 142 34.23 27.10 -7.65
C VAL H 142 35.21 28.26 -7.77
N SER H 143 36.36 28.13 -7.10
CA SER H 143 37.37 29.18 -7.11
C SER H 143 38.21 29.13 -8.39
N GLY H 144 38.00 28.10 -9.19
CA GLY H 144 38.78 27.90 -10.40
C GLY H 144 40.24 27.65 -10.07
N THR H 145 40.47 26.88 -9.02
CA THR H 145 41.82 26.66 -8.51
C THR H 145 42.22 25.19 -8.56
N ALA H 146 41.30 24.34 -9.03
CA ALA H 146 41.55 22.91 -9.18
C ALA H 146 42.78 22.63 -10.04
N SER H 147 43.65 21.77 -9.55
CA SER H 147 44.97 21.57 -10.16
C SER H 147 44.94 21.00 -11.59
N ASP H 148 44.04 20.07 -11.87
CA ASP H 148 44.05 19.40 -13.17
C ASP H 148 42.87 19.78 -14.07
N ARG H 149 42.09 20.76 -13.66
CA ARG H 149 41.01 21.28 -14.50
C ARG H 149 40.56 22.68 -14.10
N LYS H 150 40.58 23.59 -15.07
CA LYS H 150 40.05 24.93 -14.87
C LYS H 150 38.79 25.10 -15.73
N MET H 151 37.68 25.45 -15.11
CA MET H 151 36.44 25.66 -15.84
C MET H 151 36.42 27.06 -16.47
N ALA H 152 36.07 27.11 -17.75
CA ALA H 152 36.05 28.37 -18.49
C ALA H 152 34.98 29.33 -17.94
N CYS H 153 35.37 30.59 -17.79
CA CYS H 153 34.50 31.62 -17.23
C CYS H 153 35.19 32.98 -17.28
N PRO H 154 34.41 34.07 -17.24
CA PRO H 154 35.03 35.39 -17.06
C PRO H 154 35.79 35.43 -15.74
N ASP H 155 37.05 35.86 -15.78
CA ASP H 155 37.87 35.86 -14.57
C ASP H 155 37.34 36.86 -13.55
N GLY H 156 37.14 36.41 -12.33
CA GLY H 156 36.62 37.25 -11.28
C GLY H 156 36.70 36.65 -9.89
N ASP H 157 36.01 37.27 -8.94
CA ASP H 157 36.07 36.88 -7.53
C ASP H 157 34.85 36.09 -7.10
N CYS H 158 35.04 34.79 -6.85
CA CYS H 158 33.97 33.93 -6.38
C CYS H 158 34.26 33.40 -4.97
N SER H 159 35.08 34.11 -4.22
CA SER H 159 35.48 33.67 -2.89
C SER H 159 34.28 33.54 -1.95
N ALA H 160 33.34 34.46 -2.07
CA ALA H 160 32.13 34.43 -1.24
C ALA H 160 31.30 33.19 -1.52
N LEU H 161 31.23 32.80 -2.79
CA LEU H 161 30.49 31.61 -3.18
C LEU H 161 31.22 30.33 -2.73
N ALA H 162 32.55 30.35 -2.81
CA ALA H 162 33.35 29.24 -2.35
C ALA H 162 33.25 29.10 -0.84
N SER H 163 33.25 30.23 -0.15
CA SER H 163 33.09 30.25 1.30
C SER H 163 31.70 29.78 1.70
N GLU H 164 30.70 30.15 0.90
CA GLU H 164 29.32 29.74 1.16
C GLU H 164 29.17 28.23 1.02
N LEU H 165 29.69 27.68 -0.07
CA LEU H 165 29.67 26.25 -0.30
C LEU H 165 30.45 25.53 0.80
N GLY H 166 31.57 26.11 1.20
CA GLY H 166 32.40 25.56 2.26
C GLY H 166 31.65 25.51 3.58
N SER H 167 30.79 26.50 3.80
CA SER H 167 29.99 26.55 5.02
C SER H 167 28.95 25.43 5.02
N TYR H 168 28.45 25.08 3.84
CA TYR H 168 27.47 24.01 3.70
C TYR H 168 28.10 22.65 4.01
N CYS H 169 29.34 22.47 3.58
CA CYS H 169 30.07 21.24 3.87
C CYS H 169 30.36 21.14 5.36
N ASP H 170 30.64 22.29 5.98
CA ASP H 170 30.92 22.34 7.41
C ASP H 170 29.67 22.01 8.23
N ARG H 171 28.51 22.36 7.70
CA ARG H 171 27.24 22.00 8.35
C ARG H 171 27.07 20.49 8.37
N VAL H 172 27.48 19.85 7.28
CA VAL H 172 27.43 18.39 7.18
C VAL H 172 28.37 17.77 8.20
N ALA H 173 29.58 18.30 8.28
CA ALA H 173 30.59 17.80 9.20
C ALA H 173 30.12 17.94 10.65
N ALA H 174 29.58 19.09 10.97
CA ALA H 174 29.12 19.38 12.33
C ALA H 174 27.94 18.50 12.74
N ALA H 175 27.07 18.19 11.77
CA ALA H 175 25.89 17.39 12.05
C ALA H 175 26.22 15.94 12.36
N ILE H 176 27.22 15.39 11.66
CA ILE H 176 27.59 14.00 11.82
C ILE H 176 28.80 13.82 12.75
N SER H 177 29.36 14.93 13.21
CA SER H 177 30.54 14.88 14.07
C SER H 177 30.25 14.16 15.38
N MET I 1 20.13 -15.58 7.44
CA MET I 1 20.45 -16.60 8.42
C MET I 1 21.70 -17.38 8.05
N LEU I 2 22.28 -18.06 9.04
CA LEU I 2 23.45 -18.90 8.80
C LEU I 2 23.13 -20.36 9.08
N ASP I 3 23.92 -21.26 8.48
CA ASP I 3 23.88 -22.66 8.87
C ASP I 3 25.26 -23.04 9.42
N ALA I 4 25.46 -24.32 9.71
CA ALA I 4 26.72 -24.79 10.29
C ALA I 4 27.92 -24.44 9.41
N PHE I 5 27.71 -24.44 8.10
CA PHE I 5 28.79 -24.22 7.16
C PHE I 5 29.11 -22.74 6.96
N SER I 6 28.08 -21.93 6.80
CA SER I 6 28.27 -20.49 6.62
C SER I 6 28.75 -19.83 7.91
N ARG I 7 28.48 -20.48 9.05
CA ARG I 7 28.98 -19.99 10.34
C ARG I 7 30.50 -20.05 10.38
N VAL I 8 31.05 -21.19 9.96
CA VAL I 8 32.50 -21.35 9.86
C VAL I 8 33.07 -20.33 8.87
N VAL I 9 32.39 -20.16 7.75
CA VAL I 9 32.77 -19.19 6.74
C VAL I 9 32.81 -17.77 7.31
N VAL I 10 31.79 -17.42 8.08
CA VAL I 10 31.72 -16.10 8.70
C VAL I 10 32.87 -15.89 9.68
N ASN I 11 33.15 -16.91 10.50
CA ASN I 11 34.24 -16.83 11.46
C ASN I 11 35.61 -16.73 10.77
N SER I 12 35.76 -17.39 9.63
CA SER I 12 37.00 -17.35 8.88
C SER I 12 37.17 -16.02 8.16
N ASP I 13 36.05 -15.48 7.67
CA ASP I 13 36.06 -14.22 6.94
C ASP I 13 36.49 -13.05 7.83
N ALA I 14 36.22 -13.17 9.13
CA ALA I 14 36.64 -12.16 10.09
C ALA I 14 38.15 -12.11 10.19
N LYS I 15 38.80 -13.19 9.77
CA LYS I 15 40.26 -13.29 9.81
C LYS I 15 40.85 -13.21 8.41
N ALA I 16 39.99 -12.93 7.43
CA ALA I 16 40.37 -12.92 6.01
C ALA I 16 41.08 -14.21 5.62
N ALA I 17 40.59 -15.32 6.17
CA ALA I 17 41.25 -16.61 5.99
C ALA I 17 40.42 -17.57 5.15
N TYR I 18 41.10 -18.36 4.33
CA TYR I 18 40.45 -19.44 3.60
C TYR I 18 40.01 -20.53 4.56
N VAL I 19 38.94 -21.24 4.20
CA VAL I 19 38.54 -22.41 4.97
C VAL I 19 39.27 -23.63 4.41
N GLY I 20 40.22 -24.14 5.18
CA GLY I 20 41.07 -25.24 4.72
C GLY I 20 40.80 -26.57 5.40
N GLY I 21 41.68 -27.52 5.16
CA GLY I 21 41.52 -28.88 5.67
C GLY I 21 41.35 -29.00 7.17
N SER I 22 42.14 -28.23 7.92
CA SER I 22 42.10 -28.27 9.38
C SER I 22 40.73 -27.84 9.92
N ASP I 23 40.05 -26.97 9.17
CA ASP I 23 38.79 -26.40 9.62
C ASP I 23 37.58 -27.24 9.22
N LEU I 24 37.80 -28.27 8.42
CA LEU I 24 36.68 -29.04 7.86
C LEU I 24 36.37 -30.32 8.61
N GLN I 25 37.11 -30.59 9.68
CA GLN I 25 36.92 -31.82 10.43
C GLN I 25 35.53 -31.89 11.08
N ALA I 26 35.01 -30.73 11.50
CA ALA I 26 33.70 -30.67 12.13
C ALA I 26 32.58 -30.71 11.09
N LEU I 27 32.85 -30.12 9.92
CA LEU I 27 31.87 -30.08 8.83
C LEU I 27 31.73 -31.43 8.16
N LYS I 28 32.84 -32.15 7.99
CA LYS I 28 32.81 -33.49 7.43
C LYS I 28 32.01 -34.42 8.34
N LYS I 29 32.11 -34.18 9.64
CA LYS I 29 31.39 -34.97 10.63
C LYS I 29 29.89 -34.64 10.57
N PHE I 30 29.59 -33.37 10.27
CA PHE I 30 28.23 -32.93 10.06
C PHE I 30 27.58 -33.70 8.91
N ILE I 31 28.37 -33.90 7.84
CA ILE I 31 27.92 -34.66 6.68
C ILE I 31 27.74 -36.13 7.03
N THR I 32 28.69 -36.68 7.76
CA THR I 32 28.68 -38.09 8.14
C THR I 32 27.45 -38.44 8.99
N ASP I 33 27.13 -37.58 9.95
CA ASP I 33 25.98 -37.80 10.81
C ASP I 33 24.74 -37.07 10.30
N GLY I 34 24.72 -36.80 9.00
CA GLY I 34 23.65 -36.05 8.38
C GLY I 34 22.31 -36.75 8.41
N ASN I 35 22.31 -38.06 8.16
CA ASN I 35 21.08 -38.84 8.16
C ASN I 35 20.43 -38.87 9.54
N LYS I 36 21.27 -38.88 10.59
CA LYS I 36 20.77 -38.85 11.95
C LYS I 36 20.12 -37.51 12.26
N ARG I 37 20.73 -36.44 11.74
CA ARG I 37 20.20 -35.10 11.92
C ARG I 37 18.84 -34.96 11.24
N LEU I 38 18.73 -35.52 10.04
CA LEU I 38 17.47 -35.51 9.30
C LEU I 38 16.39 -36.29 10.04
N ASP I 39 16.80 -37.39 10.67
CA ASP I 39 15.90 -38.18 11.49
C ASP I 39 15.44 -37.38 12.72
N SER I 40 16.39 -36.70 13.35
CA SER I 40 16.10 -35.92 14.55
C SER I 40 15.09 -34.82 14.27
N VAL I 41 15.22 -34.18 13.11
CA VAL I 41 14.27 -33.15 12.70
C VAL I 41 12.91 -33.75 12.39
N SER I 42 12.91 -34.83 11.61
CA SER I 42 11.68 -35.50 11.22
C SER I 42 10.89 -35.99 12.43
N PHE I 43 11.60 -36.47 13.45
CA PHE I 43 10.96 -37.01 14.64
C PHE I 43 10.28 -35.91 15.46
N VAL I 44 10.92 -34.75 15.55
CA VAL I 44 10.36 -33.62 16.27
C VAL I 44 9.12 -33.08 15.54
N VAL I 45 9.27 -32.86 14.24
CA VAL I 45 8.19 -32.34 13.41
C VAL I 45 6.98 -33.27 13.38
N SER I 46 7.23 -34.57 13.29
CA SER I 46 6.15 -35.55 13.18
C SER I 46 5.33 -35.65 14.47
N ASN I 47 5.86 -35.11 15.57
CA ASN I 47 5.13 -35.08 16.85
C ASN I 47 4.91 -33.66 17.33
N ALA I 48 4.93 -32.70 16.41
CA ALA I 48 4.85 -31.28 16.76
C ALA I 48 3.60 -30.92 17.54
N SER I 49 2.45 -31.43 17.10
CA SER I 49 1.18 -31.12 17.76
C SER I 49 1.16 -31.63 19.19
N CYS I 50 1.67 -32.85 19.38
CA CYS I 50 1.73 -33.44 20.71
C CYS I 50 2.69 -32.69 21.62
N ILE I 51 3.86 -32.34 21.08
CA ILE I 51 4.88 -31.62 21.84
C ILE I 51 4.36 -30.28 22.38
N VAL I 52 3.75 -29.49 21.49
CA VAL I 52 3.29 -28.16 21.85
C VAL I 52 2.10 -28.20 22.81
N SER I 53 1.09 -29.00 22.46
CA SER I 53 -0.13 -29.08 23.27
C SER I 53 0.16 -29.59 24.68
N ASP I 54 1.02 -30.60 24.78
CA ASP I 54 1.37 -31.18 26.07
C ASP I 54 2.15 -30.19 26.94
N ALA I 55 3.00 -29.39 26.31
CA ALA I 55 3.83 -28.43 27.03
C ALA I 55 3.02 -27.27 27.58
N VAL I 56 2.16 -26.70 26.75
CA VAL I 56 1.29 -25.61 27.17
C VAL I 56 0.33 -26.09 28.24
N SER I 57 -0.16 -27.32 28.09
CA SER I 57 -1.04 -27.91 29.09
C SER I 57 -0.29 -28.19 30.38
N GLY I 58 0.98 -28.58 30.25
CA GLY I 58 1.83 -28.83 31.40
C GLY I 58 2.09 -27.55 32.18
N MET I 59 2.37 -26.48 31.44
CA MET I 59 2.56 -25.17 32.02
C MET I 59 1.32 -24.72 32.79
N ILE I 60 0.16 -25.02 32.23
CA ILE I 60 -1.11 -24.61 32.80
C ILE I 60 -1.54 -25.48 33.98
N CYS I 61 -1.33 -26.79 33.87
CA CYS I 61 -1.74 -27.67 34.94
C CYS I 61 -0.80 -27.51 36.15
N GLU I 62 0.38 -26.93 35.93
CA GLU I 62 1.29 -26.62 37.02
C GLU I 62 1.03 -25.22 37.59
N ASN I 63 0.44 -24.35 36.77
CA ASN I 63 0.07 -23.01 37.20
C ASN I 63 -1.32 -22.63 36.70
N PRO I 64 -2.36 -23.14 37.38
CA PRO I 64 -3.76 -22.92 37.00
C PRO I 64 -4.18 -21.44 37.03
N GLY I 65 -3.35 -20.59 37.63
CA GLY I 65 -3.63 -19.17 37.67
C GLY I 65 -3.66 -18.54 36.29
N LEU I 66 -2.98 -19.19 35.34
CA LEU I 66 -2.91 -18.70 33.97
C LEU I 66 -4.26 -18.68 33.27
N ILE I 67 -5.16 -19.57 33.66
CA ILE I 67 -6.45 -19.69 33.00
C ILE I 67 -7.60 -19.14 33.85
N ALA I 68 -7.26 -18.47 34.94
CA ALA I 68 -8.25 -17.77 35.75
C ALA I 68 -8.32 -16.31 35.28
N PRO I 69 -9.41 -15.60 35.61
CA PRO I 69 -9.48 -14.18 35.28
C PRO I 69 -8.27 -13.40 35.81
N GLY I 70 -7.64 -12.62 34.94
CA GLY I 70 -6.41 -11.94 35.29
C GLY I 70 -5.21 -12.77 34.87
N GLY I 71 -5.47 -14.00 34.44
CA GLY I 71 -4.44 -14.86 33.93
C GLY I 71 -4.18 -14.57 32.47
N ASN I 72 -2.95 -14.83 32.02
CA ASN I 72 -2.55 -14.47 30.66
C ASN I 72 -3.04 -15.46 29.60
N CYS I 73 -3.62 -16.58 30.04
CA CYS I 73 -4.18 -17.55 29.12
C CYS I 73 -5.70 -17.59 29.22
N TYR I 74 -6.26 -16.67 30.01
CA TYR I 74 -7.71 -16.56 30.16
C TYR I 74 -8.36 -16.15 28.84
N THR I 75 -9.56 -16.66 28.59
CA THR I 75 -10.28 -16.55 27.30
C THR I 75 -9.62 -17.40 26.22
N ASN I 76 -10.41 -17.82 25.23
CA ASN I 76 -9.92 -18.63 24.13
C ASN I 76 -8.94 -17.87 23.23
N ARG I 77 -9.07 -16.56 23.19
CA ARG I 77 -8.21 -15.73 22.34
C ARG I 77 -6.76 -15.78 22.82
N ARG I 78 -6.57 -15.67 24.13
CA ARG I 78 -5.23 -15.69 24.71
C ARG I 78 -4.64 -17.10 24.68
N MET I 79 -5.47 -18.10 24.99
CA MET I 79 -5.03 -19.48 24.98
C MET I 79 -4.53 -19.88 23.59
N ALA I 80 -5.25 -19.44 22.56
CA ALA I 80 -4.88 -19.72 21.18
C ALA I 80 -3.56 -19.04 20.83
N ALA I 81 -3.38 -17.81 21.32
CA ALA I 81 -2.16 -17.06 21.07
C ALA I 81 -0.95 -17.72 21.73
N CYS I 82 -1.17 -18.28 22.91
CA CYS I 82 -0.12 -18.97 23.64
C CYS I 82 0.25 -20.28 22.95
N LEU I 83 -0.77 -21.02 22.50
CA LEU I 83 -0.55 -22.25 21.74
C LEU I 83 0.17 -21.95 20.43
N ARG I 84 -0.17 -20.80 19.84
CA ARG I 84 0.48 -20.36 18.61
C ARG I 84 1.96 -20.07 18.87
N ASP I 85 2.24 -19.37 19.96
CA ASP I 85 3.61 -19.04 20.35
C ASP I 85 4.44 -20.28 20.59
N GLY I 86 3.84 -21.28 21.21
CA GLY I 86 4.52 -22.54 21.48
C GLY I 86 4.90 -23.25 20.19
N GLU I 87 3.98 -23.24 19.23
CA GLU I 87 4.21 -23.86 17.94
C GLU I 87 5.30 -23.13 17.15
N ILE I 88 5.26 -21.80 17.21
CA ILE I 88 6.24 -20.98 16.52
C ILE I 88 7.65 -21.20 17.06
N ILE I 89 7.77 -21.22 18.38
CA ILE I 89 9.06 -21.46 19.04
C ILE I 89 9.64 -22.82 18.65
N LEU I 90 8.80 -23.84 18.68
CA LEU I 90 9.23 -25.19 18.28
C LEU I 90 9.61 -25.23 16.80
N ARG I 91 8.89 -24.46 15.99
CA ARG I 91 9.14 -24.42 14.55
C ARG I 91 10.51 -23.84 14.24
N TYR I 92 10.86 -22.72 14.89
CA TYR I 92 12.16 -22.11 14.70
C TYR I 92 13.26 -22.95 15.34
N ALA I 93 12.91 -23.67 16.40
CA ALA I 93 13.85 -24.59 17.04
C ALA I 93 14.20 -25.73 16.10
N SER I 94 13.19 -26.21 15.36
CA SER I 94 13.40 -27.27 14.39
C SER I 94 14.20 -26.76 13.20
N TYR I 95 14.01 -25.48 12.87
CA TYR I 95 14.80 -24.83 11.82
C TYR I 95 16.28 -24.85 12.18
N ALA I 96 16.58 -24.48 13.42
CA ALA I 96 17.96 -24.44 13.90
C ALA I 96 18.60 -25.82 13.86
N LEU I 97 17.81 -26.84 14.18
CA LEU I 97 18.30 -28.22 14.18
C LEU I 97 18.62 -28.69 12.77
N LEU I 98 17.81 -28.28 11.81
CA LEU I 98 18.01 -28.65 10.42
C LEU I 98 19.23 -27.94 9.82
N ALA I 99 19.48 -26.72 10.27
CA ALA I 99 20.58 -25.92 9.74
C ALA I 99 21.86 -26.15 10.52
N GLY I 100 21.74 -26.65 11.75
CA GLY I 100 22.89 -26.86 12.60
C GLY I 100 23.45 -25.55 13.10
N ASP I 101 22.57 -24.57 13.29
CA ASP I 101 22.96 -23.24 13.72
C ASP I 101 21.76 -22.47 14.26
N PRO I 102 21.95 -21.75 15.38
CA PRO I 102 20.86 -21.04 16.05
C PRO I 102 20.53 -19.66 15.47
N SER I 103 21.21 -19.26 14.39
CA SER I 103 21.03 -17.91 13.85
C SER I 103 19.59 -17.62 13.41
N VAL I 104 18.94 -18.60 12.78
CA VAL I 104 17.57 -18.43 12.33
C VAL I 104 16.63 -18.24 13.52
N LEU I 105 16.97 -18.90 14.63
CA LEU I 105 16.19 -18.79 15.85
C LEU I 105 16.38 -17.44 16.51
N GLU I 106 17.62 -16.98 16.54
CA GLU I 106 17.95 -15.69 17.15
C GLU I 106 17.42 -14.51 16.34
N ASP I 107 17.64 -14.56 15.03
CA ASP I 107 17.32 -13.42 14.16
C ASP I 107 15.83 -13.24 13.91
N ARG I 108 15.12 -14.34 13.69
CA ARG I 108 13.74 -14.27 13.24
C ARG I 108 12.71 -14.56 14.32
N CYS I 109 13.14 -15.07 15.46
CA CYS I 109 12.21 -15.43 16.53
C CYS I 109 12.48 -14.70 17.84
N LEU I 110 13.68 -14.87 18.38
CA LEU I 110 14.01 -14.35 19.70
C LEU I 110 14.32 -12.86 19.69
N ASN I 111 14.67 -12.33 18.53
CA ASN I 111 14.98 -10.91 18.40
C ASN I 111 13.80 -10.02 18.76
N GLY I 112 13.86 -9.42 19.94
CA GLY I 112 12.83 -8.51 20.39
C GLY I 112 11.66 -9.19 21.07
N LEU I 113 11.80 -10.49 21.31
CA LEU I 113 10.73 -11.28 21.92
C LEU I 113 10.50 -10.88 23.38
N LYS I 114 11.57 -10.64 24.11
CA LYS I 114 11.46 -10.24 25.52
C LYS I 114 10.77 -8.89 25.64
N GLU I 115 11.13 -7.97 24.76
CA GLU I 115 10.50 -6.64 24.74
C GLU I 115 9.01 -6.76 24.46
N THR I 116 8.65 -7.64 23.54
CA THR I 116 7.26 -7.86 23.19
C THR I 116 6.48 -8.45 24.36
N TYR I 117 7.05 -9.45 25.00
CA TYR I 117 6.40 -10.12 26.13
C TYR I 117 6.23 -9.18 27.32
N ILE I 118 7.20 -8.30 27.53
CA ILE I 118 7.11 -7.30 28.59
C ILE I 118 5.97 -6.32 28.29
N ALA I 119 5.86 -5.92 27.03
CA ALA I 119 4.83 -4.99 26.59
C ALA I 119 3.42 -5.56 26.79
N LEU I 120 3.26 -6.84 26.47
CA LEU I 120 1.95 -7.50 26.55
C LEU I 120 1.66 -8.00 27.96
N GLY I 121 2.71 -8.31 28.70
CA GLY I 121 2.54 -8.81 30.05
C GLY I 121 2.54 -10.33 30.12
N VAL I 122 3.24 -10.95 29.17
CA VAL I 122 3.39 -12.40 29.18
C VAL I 122 4.36 -12.81 30.28
N PRO I 123 3.87 -13.59 31.26
CA PRO I 123 4.69 -14.02 32.40
C PRO I 123 5.88 -14.86 31.96
N THR I 124 7.08 -14.36 32.24
CA THR I 124 8.32 -15.00 31.80
C THR I 124 8.50 -16.38 32.41
N ASN I 125 8.15 -16.52 33.69
CA ASN I 125 8.31 -17.79 34.39
C ASN I 125 7.53 -18.93 33.74
N SER I 126 6.29 -18.66 33.37
CA SER I 126 5.46 -19.66 32.71
C SER I 126 5.93 -19.91 31.27
N SER I 127 6.41 -18.85 30.63
CA SER I 127 6.95 -18.95 29.28
C SER I 127 8.17 -19.86 29.25
N VAL I 128 9.03 -19.71 30.25
CA VAL I 128 10.23 -20.55 30.38
C VAL I 128 9.82 -22.00 30.63
N ARG I 129 8.78 -22.19 31.44
CA ARG I 129 8.32 -23.52 31.80
C ARG I 129 7.80 -24.27 30.58
N ALA I 130 7.06 -23.58 29.72
CA ALA I 130 6.55 -24.18 28.48
C ALA I 130 7.69 -24.64 27.59
N VAL I 131 8.73 -23.80 27.50
CA VAL I 131 9.92 -24.13 26.73
C VAL I 131 10.65 -25.32 27.35
N SER I 132 10.72 -25.34 28.68
CA SER I 132 11.39 -26.41 29.40
C SER I 132 10.72 -27.76 29.16
N ILE I 133 9.40 -27.77 29.12
CA ILE I 133 8.66 -29.00 28.87
C ILE I 133 8.81 -29.40 27.40
N MET I 134 8.81 -28.42 26.52
CA MET I 134 9.04 -28.68 25.09
C MET I 134 10.42 -29.26 24.87
N LYS I 135 11.39 -28.81 25.66
CA LYS I 135 12.74 -29.35 25.58
C LYS I 135 12.75 -30.84 25.97
N ALA I 136 12.09 -31.16 27.07
CA ALA I 136 12.05 -32.52 27.56
C ALA I 136 11.42 -33.48 26.54
N SER I 137 10.30 -33.05 25.96
CA SER I 137 9.56 -33.91 25.03
C SER I 137 10.26 -34.04 23.67
N ALA I 138 10.71 -32.92 23.12
CA ALA I 138 11.34 -32.92 21.80
C ALA I 138 12.65 -33.70 21.81
N THR I 139 13.48 -33.48 22.83
CA THR I 139 14.75 -34.18 22.94
C THR I 139 14.53 -35.66 23.22
N ALA I 140 13.40 -35.99 23.84
CA ALA I 140 13.05 -37.38 24.09
C ALA I 140 12.73 -38.10 22.78
N PHE I 141 12.08 -37.40 21.87
CA PHE I 141 11.78 -37.95 20.56
C PHE I 141 13.04 -38.10 19.72
N VAL I 142 14.00 -37.20 19.95
CA VAL I 142 15.29 -37.29 19.28
C VAL I 142 16.09 -38.46 19.84
N SER I 143 16.06 -38.61 21.16
CA SER I 143 16.80 -39.68 21.82
C SER I 143 16.11 -41.04 21.66
N GLY I 144 14.81 -41.00 21.38
CA GLY I 144 14.03 -42.22 21.22
C GLY I 144 13.58 -42.77 22.56
N THR I 145 13.46 -41.89 23.55
CA THR I 145 13.07 -42.30 24.90
C THR I 145 11.67 -41.83 25.27
N ALA I 146 10.91 -41.38 24.28
CA ALA I 146 9.53 -40.95 24.51
C ALA I 146 8.69 -42.12 25.01
N SER I 147 7.94 -41.88 26.08
CA SER I 147 7.24 -42.95 26.79
C SER I 147 6.18 -43.67 25.96
N ASP I 148 5.45 -42.92 25.13
CA ASP I 148 4.32 -43.51 24.42
C ASP I 148 4.52 -43.63 22.90
N ARG I 149 5.74 -43.35 22.44
CA ARG I 149 6.07 -43.56 21.03
C ARG I 149 7.58 -43.65 20.79
N LYS I 150 7.99 -44.73 20.15
CA LYS I 150 9.36 -44.87 19.67
C LYS I 150 9.39 -44.86 18.14
N MET I 151 10.00 -43.84 17.57
CA MET I 151 10.13 -43.74 16.12
C MET I 151 11.07 -44.82 15.60
N ALA I 152 10.68 -45.47 14.51
CA ALA I 152 11.51 -46.53 13.92
C ALA I 152 12.76 -45.95 13.27
N CYS I 153 13.90 -46.56 13.56
CA CYS I 153 15.19 -46.11 13.04
C CYS I 153 16.27 -47.13 13.38
N PRO I 154 17.39 -47.12 12.64
CA PRO I 154 18.52 -47.98 13.03
C PRO I 154 19.05 -47.61 14.40
N ASP I 155 19.42 -48.61 15.19
CA ASP I 155 19.93 -48.37 16.53
C ASP I 155 21.22 -47.56 16.47
N GLY I 156 21.39 -46.63 17.41
CA GLY I 156 22.57 -45.79 17.43
C GLY I 156 22.49 -44.65 18.42
N ASP I 157 23.52 -43.81 18.41
CA ASP I 157 23.65 -42.72 19.37
C ASP I 157 23.37 -41.35 18.76
N CYS I 158 22.31 -40.70 19.23
CA CYS I 158 21.97 -39.34 18.79
C CYS I 158 22.01 -38.36 19.95
N SER I 159 22.80 -38.67 20.98
CA SER I 159 22.85 -37.82 22.17
C SER I 159 23.33 -36.41 21.85
N ALA I 160 24.22 -36.31 20.86
CA ALA I 160 24.75 -35.01 20.44
C ALA I 160 23.68 -34.14 19.80
N LEU I 161 22.82 -34.77 18.97
CA LEU I 161 21.72 -34.05 18.34
C LEU I 161 20.73 -33.52 19.37
N ALA I 162 20.37 -34.38 20.32
CA ALA I 162 19.42 -34.03 21.37
C ALA I 162 19.96 -32.90 22.25
N SER I 163 21.25 -32.97 22.56
CA SER I 163 21.90 -31.93 23.35
C SER I 163 21.89 -30.60 22.61
N GLU I 164 22.02 -30.67 21.28
CA GLU I 164 22.01 -29.48 20.45
C GLU I 164 20.62 -28.84 20.43
N LEU I 165 19.59 -29.67 20.33
CA LEU I 165 18.21 -29.21 20.36
C LEU I 165 17.92 -28.55 21.71
N GLY I 166 18.41 -29.18 22.77
CA GLY I 166 18.24 -28.67 24.12
C GLY I 166 18.89 -27.32 24.31
N SER I 167 19.99 -27.10 23.60
CA SER I 167 20.70 -25.82 23.67
C SER I 167 19.90 -24.72 22.96
N TYR I 168 19.19 -25.10 21.91
CA TYR I 168 18.34 -24.16 21.18
C TYR I 168 17.16 -23.75 22.05
N CYS I 169 16.60 -24.70 22.78
CA CYS I 169 15.51 -24.41 23.71
C CYS I 169 16.00 -23.53 24.85
N ASP I 170 17.22 -23.79 25.33
CA ASP I 170 17.82 -22.99 26.39
C ASP I 170 18.00 -21.54 25.95
N ARG I 171 18.36 -21.35 24.68
CA ARG I 171 18.53 -20.02 24.12
C ARG I 171 17.22 -19.23 24.15
N VAL I 172 16.10 -19.93 23.95
CA VAL I 172 14.80 -19.31 24.01
C VAL I 172 14.48 -18.83 25.42
N ALA I 173 14.70 -19.71 26.40
CA ALA I 173 14.45 -19.39 27.80
C ALA I 173 15.34 -18.24 28.27
N ALA I 174 16.60 -18.25 27.82
CA ALA I 174 17.56 -17.23 28.20
C ALA I 174 17.18 -15.85 27.66
N ALA I 175 16.70 -15.82 26.43
CA ALA I 175 16.39 -14.57 25.75
C ALA I 175 15.23 -13.81 26.37
N ILE I 176 14.31 -14.53 27.01
CA ILE I 176 13.11 -13.91 27.57
C ILE I 176 13.17 -13.79 29.09
N SER I 177 14.27 -14.24 29.69
CA SER I 177 14.44 -14.16 31.14
C SER I 177 15.36 -13.00 31.52
N MET J 1 5.57 14.21 -21.48
CA MET J 1 5.01 15.26 -22.32
C MET J 1 6.10 15.92 -23.17
N LEU J 2 5.66 16.58 -24.25
CA LEU J 2 6.58 17.31 -25.12
C LEU J 2 6.23 18.79 -25.11
N ASP J 3 7.20 19.62 -25.47
CA ASP J 3 6.94 21.03 -25.74
C ASP J 3 7.29 21.32 -27.19
N ALA J 4 7.29 22.59 -27.57
CA ALA J 4 7.54 22.99 -28.95
C ALA J 4 8.94 22.56 -29.42
N PHE J 5 9.89 22.54 -28.49
CA PHE J 5 11.28 22.25 -28.83
C PHE J 5 11.56 20.76 -28.94
N SER J 6 10.99 19.98 -28.02
CA SER J 6 11.20 18.53 -28.04
C SER J 6 10.35 17.88 -29.12
N ARG J 7 9.29 18.57 -29.54
CA ARG J 7 8.46 18.11 -30.65
C ARG J 7 9.28 18.07 -31.94
N VAL J 8 10.03 19.14 -32.17
CA VAL J 8 10.94 19.22 -33.31
C VAL J 8 12.03 18.15 -33.19
N VAL J 9 12.54 17.97 -31.99
CA VAL J 9 13.55 16.97 -31.71
C VAL J 9 13.04 15.56 -32.01
N VAL J 10 11.83 15.27 -31.56
CA VAL J 10 11.20 13.97 -31.81
C VAL J 10 11.05 13.72 -33.31
N ASN J 11 10.60 14.73 -34.03
CA ASN J 11 10.42 14.62 -35.48
C ASN J 11 11.76 14.46 -36.20
N SER J 12 12.79 15.16 -35.73
CA SER J 12 14.11 15.07 -36.31
C SER J 12 14.75 13.71 -35.99
N ASP J 13 14.46 13.19 -34.80
CA ASP J 13 15.01 11.93 -34.36
C ASP J 13 14.49 10.76 -35.20
N ALA J 14 13.28 10.93 -35.74
CA ALA J 14 12.67 9.91 -36.59
C ALA J 14 13.44 9.77 -37.91
N LYS J 15 14.17 10.81 -38.28
CA LYS J 15 14.95 10.80 -39.51
C LYS J 15 16.45 10.73 -39.22
N ALA J 16 16.78 10.54 -37.94
CA ALA J 16 18.18 10.52 -37.49
C ALA J 16 18.92 11.76 -37.93
N ALA J 17 18.24 12.91 -37.86
CA ALA J 17 18.81 14.16 -38.34
C ALA J 17 19.13 15.11 -37.20
N TYR J 18 20.25 15.82 -37.34
CA TYR J 18 20.59 16.89 -36.41
C TYR J 18 19.62 18.05 -36.59
N VAL J 19 19.37 18.79 -35.52
CA VAL J 19 18.58 20.01 -35.63
C VAL J 19 19.51 21.17 -35.98
N GLY J 20 19.40 21.66 -37.20
CA GLY J 20 20.27 22.72 -37.67
C GLY J 20 19.57 24.04 -37.90
N GLY J 21 20.29 25.01 -38.45
CA GLY J 21 19.76 26.34 -38.68
C GLY J 21 18.53 26.38 -39.55
N SER J 22 18.45 25.48 -40.52
CA SER J 22 17.31 25.44 -41.43
C SER J 22 16.05 24.91 -40.75
N ASP J 23 16.23 24.36 -39.55
CA ASP J 23 15.10 23.79 -38.82
C ASP J 23 14.76 24.61 -37.57
N LEU J 24 15.43 25.74 -37.40
CA LEU J 24 15.33 26.47 -36.14
C LEU J 24 14.68 27.86 -36.24
N GLN J 25 14.30 28.27 -37.44
CA GLN J 25 13.70 29.59 -37.61
C GLN J 25 12.34 29.68 -36.92
N ALA J 26 11.59 28.59 -36.95
CA ALA J 26 10.28 28.55 -36.29
C ALA J 26 10.45 28.55 -34.78
N LEU J 27 11.54 27.96 -34.30
CA LEU J 27 11.82 27.90 -32.86
C LEU J 27 12.47 29.20 -32.37
N LYS J 28 13.21 29.86 -33.25
CA LYS J 28 13.75 31.17 -32.93
C LYS J 28 12.62 32.18 -32.80
N LYS J 29 11.62 32.04 -33.66
CA LYS J 29 10.44 32.88 -33.59
C LYS J 29 9.64 32.57 -32.34
N PHE J 30 9.69 31.31 -31.91
CA PHE J 30 9.02 30.89 -30.68
C PHE J 30 9.63 31.63 -29.49
N ILE J 31 10.95 31.77 -29.49
CA ILE J 31 11.65 32.46 -28.42
C ILE J 31 11.40 33.97 -28.46
N THR J 32 11.50 34.56 -29.65
CA THR J 32 11.36 36.01 -29.79
C THR J 32 9.93 36.46 -29.50
N ASP J 33 8.97 35.54 -29.61
CA ASP J 33 7.58 35.84 -29.29
C ASP J 33 7.22 35.28 -27.92
N GLY J 34 8.24 34.91 -27.16
CA GLY J 34 8.04 34.26 -25.86
C GLY J 34 7.26 35.07 -24.84
N ASN J 35 7.49 36.37 -24.80
CA ASN J 35 6.83 37.23 -23.83
C ASN J 35 5.33 37.34 -24.07
N LYS J 36 4.93 37.34 -25.34
CA LYS J 36 3.51 37.35 -25.69
C LYS J 36 2.85 36.06 -25.23
N ARG J 37 3.55 34.95 -25.41
CA ARG J 37 3.06 33.65 -24.98
C ARG J 37 2.89 33.58 -23.47
N LEU J 38 3.85 34.16 -22.74
CA LEU J 38 3.77 34.20 -21.29
C LEU J 38 2.62 35.09 -20.84
N ASP J 39 2.36 36.16 -21.59
CA ASP J 39 1.22 37.01 -21.33
C ASP J 39 -0.08 36.26 -21.56
N SER J 40 -0.15 35.52 -22.66
CA SER J 40 -1.35 34.78 -23.04
C SER J 40 -1.74 33.77 -21.97
N VAL J 41 -0.74 33.08 -21.41
CA VAL J 41 -1.00 32.14 -20.33
C VAL J 41 -1.46 32.87 -19.08
N SER J 42 -0.79 33.97 -18.77
CA SER J 42 -1.12 34.76 -17.59
C SER J 42 -2.53 35.32 -17.66
N PHE J 43 -2.92 35.79 -18.86
CA PHE J 43 -4.24 36.39 -19.05
C PHE J 43 -5.36 35.37 -18.86
N VAL J 44 -5.09 34.13 -19.23
CA VAL J 44 -6.07 33.05 -19.07
C VAL J 44 -6.18 32.63 -17.61
N VAL J 45 -5.03 32.38 -16.99
CA VAL J 45 -4.97 31.96 -15.59
C VAL J 45 -5.57 33.02 -14.66
N SER J 46 -5.30 34.29 -14.95
CA SER J 46 -5.79 35.39 -14.12
C SER J 46 -7.32 35.49 -14.12
N ASN J 47 -7.94 34.94 -15.15
CA ASN J 47 -9.39 34.97 -15.26
C ASN J 47 -10.00 33.56 -15.27
N ALA J 48 -9.26 32.60 -14.70
CA ALA J 48 -9.66 31.19 -14.73
C ALA J 48 -11.02 30.94 -14.10
N SER J 49 -11.25 31.51 -12.91
CA SER J 49 -12.51 31.30 -12.20
C SER J 49 -13.70 31.84 -12.99
N CYS J 50 -13.51 32.99 -13.62
CA CYS J 50 -14.56 33.59 -14.43
C CYS J 50 -14.85 32.76 -15.68
N ILE J 51 -13.79 32.33 -16.36
CA ILE J 51 -13.93 31.54 -17.57
C ILE J 51 -14.72 30.25 -17.34
N VAL J 52 -14.40 29.56 -16.25
CA VAL J 52 -15.05 28.28 -15.94
C VAL J 52 -16.51 28.44 -15.52
N SER J 53 -16.74 29.31 -14.55
CA SER J 53 -18.10 29.55 -14.03
C SER J 53 -19.05 30.01 -15.13
N ASP J 54 -18.59 30.97 -15.92
CA ASP J 54 -19.40 31.55 -16.98
C ASP J 54 -19.78 30.52 -18.05
N ALA J 55 -18.85 29.62 -18.36
CA ALA J 55 -19.10 28.61 -19.38
C ALA J 55 -20.05 27.53 -18.89
N VAL J 56 -19.86 27.10 -17.64
CA VAL J 56 -20.73 26.10 -17.05
C VAL J 56 -22.14 26.67 -16.86
N SER J 57 -22.22 27.93 -16.47
CA SER J 57 -23.49 28.62 -16.31
C SER J 57 -24.18 28.80 -17.67
N GLY J 58 -23.38 29.11 -18.68
CA GLY J 58 -23.90 29.27 -20.03
C GLY J 58 -24.43 27.97 -20.57
N MET J 59 -23.71 26.89 -20.27
CA MET J 59 -24.12 25.54 -20.63
C MET J 59 -25.49 25.22 -20.04
N ILE J 60 -25.65 25.53 -18.76
CA ILE J 60 -26.88 25.24 -18.03
C ILE J 60 -28.04 26.11 -18.47
N CYS J 61 -27.78 27.39 -18.66
CA CYS J 61 -28.85 28.34 -18.97
C CYS J 61 -29.32 28.20 -20.43
N GLU J 62 -28.58 27.41 -21.22
CA GLU J 62 -28.98 27.11 -22.59
C GLU J 62 -29.68 25.75 -22.68
N ASN J 63 -29.54 24.95 -21.62
CA ASN J 63 -30.20 23.66 -21.52
C ASN J 63 -30.51 23.36 -20.07
N PRO J 64 -31.64 23.90 -19.58
CA PRO J 64 -32.08 23.79 -18.17
C PRO J 64 -32.36 22.36 -17.73
N GLY J 65 -32.39 21.43 -18.68
CA GLY J 65 -32.63 20.04 -18.36
C GLY J 65 -31.52 19.43 -17.52
N LEU J 66 -30.33 20.04 -17.61
CA LEU J 66 -29.18 19.57 -16.85
C LEU J 66 -29.37 19.66 -15.34
N ILE J 67 -30.17 20.61 -14.90
CA ILE J 67 -30.38 20.82 -13.48
C ILE J 67 -31.76 20.35 -13.03
N ALA J 68 -32.45 19.65 -13.92
CA ALA J 68 -33.70 18.97 -13.57
C ALA J 68 -33.35 17.61 -12.98
N PRO J 69 -34.28 17.00 -12.22
CA PRO J 69 -34.04 15.64 -11.72
C PRO J 69 -33.69 14.67 -12.83
N GLY J 70 -32.60 13.92 -12.66
CA GLY J 70 -32.13 13.03 -13.69
C GLY J 70 -31.10 13.72 -14.57
N GLY J 71 -31.07 15.04 -14.51
CA GLY J 71 -30.08 15.82 -15.23
C GLY J 71 -28.70 15.58 -14.64
N ASN J 72 -27.67 15.72 -15.47
CA ASN J 72 -26.32 15.37 -15.04
C ASN J 72 -25.67 16.44 -14.17
N CYS J 73 -26.33 17.58 -14.03
CA CYS J 73 -25.84 18.63 -13.12
C CYS J 73 -26.76 18.78 -11.93
N TYR J 74 -27.67 17.83 -11.76
CA TYR J 74 -28.60 17.82 -10.64
C TYR J 74 -27.86 17.50 -9.34
N THR J 75 -28.30 18.12 -8.25
CA THR J 75 -27.64 18.11 -6.94
C THR J 75 -26.29 18.84 -6.97
N ASN J 76 -25.88 19.32 -5.80
CA ASN J 76 -24.63 20.06 -5.67
C ASN J 76 -23.39 19.23 -6.03
N ARG J 77 -23.44 17.94 -5.71
CA ARG J 77 -22.31 17.05 -5.95
C ARG J 77 -21.95 16.99 -7.43
N ARG J 78 -22.95 16.75 -8.27
CA ARG J 78 -22.73 16.69 -9.71
C ARG J 78 -22.31 18.05 -10.26
N MET J 79 -22.94 19.11 -9.76
CA MET J 79 -22.61 20.47 -10.19
C MET J 79 -21.16 20.79 -9.85
N ALA J 80 -20.72 20.37 -8.68
CA ALA J 80 -19.34 20.59 -8.25
C ALA J 80 -18.36 19.84 -9.14
N ALA J 81 -18.68 18.59 -9.44
CA ALA J 81 -17.83 17.77 -10.29
C ALA J 81 -17.75 18.34 -11.71
N CYS J 82 -18.85 18.94 -12.16
CA CYS J 82 -18.91 19.56 -13.48
C CYS J 82 -18.01 20.80 -13.55
N LEU J 83 -18.12 21.64 -12.53
CA LEU J 83 -17.26 22.83 -12.41
C LEU J 83 -15.80 22.41 -12.32
N ARG J 84 -15.56 21.32 -11.60
CA ARG J 84 -14.22 20.77 -11.43
C ARG J 84 -13.63 20.36 -12.77
N ASP J 85 -14.42 19.67 -13.57
CA ASP J 85 -13.99 19.22 -14.90
C ASP J 85 -13.65 20.39 -15.82
N GLY J 86 -14.47 21.44 -15.77
CA GLY J 86 -14.24 22.62 -16.58
C GLY J 86 -12.93 23.30 -16.22
N GLU J 87 -12.67 23.39 -14.93
CA GLU J 87 -11.42 23.97 -14.43
C GLU J 87 -10.23 23.11 -14.84
N ILE J 88 -10.40 21.81 -14.76
CA ILE J 88 -9.35 20.85 -15.12
C ILE J 88 -9.01 20.95 -16.60
N ILE J 89 -10.03 21.00 -17.45
CA ILE J 89 -9.83 21.11 -18.89
C ILE J 89 -9.11 22.41 -19.25
N LEU J 90 -9.53 23.51 -18.63
CA LEU J 90 -8.89 24.80 -18.86
C LEU J 90 -7.44 24.79 -18.37
N ARG J 91 -7.20 24.06 -17.28
CA ARG J 91 -5.87 23.98 -16.69
C ARG J 91 -4.89 23.28 -17.63
N TYR J 92 -5.32 22.17 -18.21
CA TYR J 92 -4.49 21.43 -19.14
C TYR J 92 -4.36 22.16 -20.47
N ALA J 93 -5.35 22.98 -20.78
CA ALA J 93 -5.29 23.83 -21.97
C ALA J 93 -4.26 24.93 -21.77
N SER J 94 -4.19 25.44 -20.54
CA SER J 94 -3.19 26.45 -20.19
C SER J 94 -1.79 25.84 -20.18
N TYR J 95 -1.71 24.56 -19.79
CA TYR J 95 -0.46 23.82 -19.84
C TYR J 95 0.07 23.76 -21.27
N ALA J 96 -0.81 23.40 -22.19
CA ALA J 96 -0.45 23.24 -23.59
C ALA J 96 -0.01 24.56 -24.21
N LEU J 97 -0.65 25.66 -23.80
CA LEU J 97 -0.32 26.97 -24.31
C LEU J 97 1.06 27.42 -23.84
N LEU J 98 1.41 27.06 -22.62
CA LEU J 98 2.71 27.40 -22.06
C LEU J 98 3.83 26.61 -22.74
N ALA J 99 3.55 25.35 -23.04
CA ALA J 99 4.55 24.47 -23.64
C ALA J 99 4.62 24.64 -25.15
N GLY J 100 3.54 25.12 -25.75
CA GLY J 100 3.47 25.27 -27.19
C GLY J 100 3.32 23.94 -27.89
N ASP J 101 2.68 23.00 -27.19
CA ASP J 101 2.47 21.65 -27.72
C ASP J 101 1.29 20.98 -27.01
N PRO J 102 0.44 20.28 -27.77
CA PRO J 102 -0.79 19.69 -27.21
C PRO J 102 -0.59 18.37 -26.47
N SER J 103 0.64 17.87 -26.39
CA SER J 103 0.90 16.53 -25.84
C SER J 103 0.43 16.38 -24.39
N VAL J 104 0.65 17.39 -23.57
CA VAL J 104 0.26 17.32 -22.16
C VAL J 104 -1.25 17.25 -22.02
N LEU J 105 -1.96 17.87 -22.97
CA LEU J 105 -3.41 17.87 -22.97
C LEU J 105 -3.95 16.51 -23.41
N GLU J 106 -3.33 15.96 -24.44
CA GLU J 106 -3.76 14.68 -25.00
C GLU J 106 -3.45 13.50 -24.08
N ASP J 107 -2.27 13.53 -23.47
CA ASP J 107 -1.80 12.40 -22.67
C ASP J 107 -2.39 12.36 -21.26
N ARG J 108 -2.45 13.53 -20.61
CA ARG J 108 -2.78 13.57 -19.19
C ARG J 108 -4.20 14.08 -18.91
N CYS J 109 -5.00 14.25 -19.96
CA CYS J 109 -6.38 14.72 -19.77
C CYS J 109 -7.36 14.04 -20.73
N LEU J 110 -7.04 14.07 -22.02
CA LEU J 110 -7.97 13.58 -23.03
C LEU J 110 -7.96 12.06 -23.17
N ASN J 111 -6.85 11.43 -22.79
CA ASN J 111 -6.72 9.98 -22.91
C ASN J 111 -7.71 9.23 -22.04
N GLY J 112 -8.75 8.69 -22.67
CA GLY J 112 -9.73 7.88 -21.98
C GLY J 112 -10.90 8.67 -21.44
N LEU J 113 -10.89 9.99 -21.63
CA LEU J 113 -11.93 10.86 -21.10
C LEU J 113 -13.30 10.56 -21.68
N LYS J 114 -13.36 10.35 -23.00
CA LYS J 114 -14.63 10.04 -23.65
C LYS J 114 -15.22 8.75 -23.11
N GLU J 115 -14.37 7.76 -22.86
CA GLU J 115 -14.81 6.46 -22.35
C GLU J 115 -15.40 6.58 -20.95
N THR J 116 -14.75 7.37 -20.09
CA THR J 116 -15.24 7.58 -18.73
C THR J 116 -16.53 8.39 -18.77
N TYR J 117 -16.62 9.31 -19.71
CA TYR J 117 -17.82 10.13 -19.87
C TYR J 117 -19.01 9.30 -20.31
N ILE J 118 -18.78 8.39 -21.26
CA ILE J 118 -19.81 7.47 -21.71
C ILE J 118 -20.26 6.57 -20.56
N ALA J 119 -19.29 6.08 -19.80
CA ALA J 119 -19.55 5.18 -18.68
C ALA J 119 -20.32 5.87 -17.56
N LEU J 120 -19.95 7.11 -17.26
CA LEU J 120 -20.61 7.87 -16.21
C LEU J 120 -21.95 8.42 -16.67
N GLY J 121 -22.06 8.69 -17.97
CA GLY J 121 -23.29 9.20 -18.54
C GLY J 121 -23.26 10.71 -18.71
N VAL J 122 -22.08 11.30 -18.59
CA VAL J 122 -21.91 12.73 -18.84
C VAL J 122 -22.22 13.02 -20.31
N PRO J 123 -23.27 13.83 -20.55
CA PRO J 123 -23.71 14.13 -21.91
C PRO J 123 -22.64 14.87 -22.71
N THR J 124 -22.33 14.36 -23.90
CA THR J 124 -21.24 14.89 -24.70
C THR J 124 -21.57 16.25 -25.32
N ASN J 125 -22.83 16.43 -25.70
CA ASN J 125 -23.26 17.66 -26.35
C ASN J 125 -23.15 18.86 -25.42
N SER J 126 -23.50 18.66 -24.15
CA SER J 126 -23.39 19.71 -23.15
C SER J 126 -21.92 20.01 -22.84
N SER J 127 -21.11 18.96 -22.80
CA SER J 127 -19.69 19.10 -22.53
C SER J 127 -19.00 19.90 -23.63
N VAL J 128 -19.34 19.60 -24.88
CA VAL J 128 -18.80 20.32 -26.02
C VAL J 128 -19.17 21.81 -25.94
N ARG J 129 -20.40 22.07 -25.49
CA ARG J 129 -20.88 23.44 -25.35
C ARG J 129 -20.09 24.21 -24.30
N ALA J 130 -19.86 23.58 -23.15
CA ALA J 130 -19.09 24.18 -22.07
C ALA J 130 -17.66 24.49 -22.55
N VAL J 131 -17.09 23.56 -23.30
CA VAL J 131 -15.76 23.76 -23.89
C VAL J 131 -15.80 24.91 -24.90
N SER J 132 -16.84 24.93 -25.71
CA SER J 132 -17.00 25.95 -26.74
C SER J 132 -17.06 27.36 -26.15
N ILE J 133 -17.80 27.50 -25.05
CA ILE J 133 -17.92 28.80 -24.39
C ILE J 133 -16.59 29.18 -23.74
N MET J 134 -15.92 28.20 -23.12
CA MET J 134 -14.62 28.44 -22.53
C MET J 134 -13.62 28.90 -23.59
N LYS J 135 -13.72 28.33 -24.79
CA LYS J 135 -12.87 28.73 -25.89
C LYS J 135 -13.07 30.19 -26.24
N ALA J 136 -14.33 30.61 -26.34
CA ALA J 136 -14.66 31.99 -26.69
C ALA J 136 -14.09 32.98 -25.68
N SER J 137 -14.33 32.72 -24.40
CA SER J 137 -13.87 33.62 -23.34
C SER J 137 -12.35 33.64 -23.19
N ALA J 138 -11.74 32.47 -23.20
CA ALA J 138 -10.29 32.37 -23.04
C ALA J 138 -9.55 33.02 -24.20
N THR J 139 -9.98 32.72 -25.42
CA THR J 139 -9.38 33.32 -26.60
C THR J 139 -9.62 34.83 -26.62
N ALA J 140 -10.69 35.26 -25.97
CA ALA J 140 -11.02 36.68 -25.87
C ALA J 140 -10.01 37.40 -24.99
N PHE J 141 -9.68 36.79 -23.85
CA PHE J 141 -8.72 37.38 -22.92
C PHE J 141 -7.32 37.41 -23.53
N VAL J 142 -7.03 36.44 -24.40
CA VAL J 142 -5.76 36.40 -25.10
C VAL J 142 -5.73 37.47 -26.20
N SER J 143 -6.82 37.58 -26.94
CA SER J 143 -6.92 38.57 -28.01
C SER J 143 -7.15 39.97 -27.46
N GLY J 144 -7.41 40.04 -26.16
CA GLY J 144 -7.67 41.31 -25.51
C GLY J 144 -8.98 41.92 -25.98
N THR J 145 -9.97 41.07 -26.22
CA THR J 145 -11.25 41.52 -26.74
C THR J 145 -12.40 41.23 -25.78
N ALA J 146 -12.06 40.72 -24.59
CA ALA J 146 -13.07 40.44 -23.56
C ALA J 146 -13.85 41.70 -23.19
N SER J 147 -15.17 41.58 -23.18
CA SER J 147 -16.06 42.73 -23.07
C SER J 147 -15.95 43.51 -21.76
N ASP J 148 -15.67 42.82 -20.66
CA ASP J 148 -15.69 43.46 -19.35
C ASP J 148 -14.30 43.72 -18.76
N ARG J 149 -13.27 43.12 -19.35
CA ARG J 149 -11.91 43.32 -18.83
C ARG J 149 -10.84 43.19 -19.90
N LYS J 150 -9.99 44.21 -19.99
CA LYS J 150 -8.80 44.17 -20.85
C LYS J 150 -7.55 44.11 -19.98
N MET J 151 -6.71 43.11 -20.23
CA MET J 151 -5.45 42.98 -19.49
C MET J 151 -4.40 43.92 -20.07
N ALA J 152 -3.65 44.57 -19.18
CA ALA J 152 -2.62 45.52 -19.60
C ALA J 152 -1.46 44.82 -20.29
N CYS J 153 -1.01 45.41 -21.39
CA CYS J 153 0.09 44.87 -22.20
C CYS J 153 0.44 45.83 -23.33
N PRO J 154 1.68 45.77 -23.81
CA PRO J 154 2.04 46.53 -25.02
C PRO J 154 1.18 46.11 -26.20
N ASP J 155 0.73 47.07 -26.99
CA ASP J 155 -0.16 46.77 -28.12
C ASP J 155 0.56 45.95 -29.19
N GLY J 156 -0.12 44.93 -29.70
CA GLY J 156 0.43 44.06 -30.71
C GLY J 156 -0.52 42.94 -31.10
N ASP J 157 -0.04 42.05 -31.96
CA ASP J 157 -0.88 40.98 -32.50
C ASP J 157 -0.64 39.64 -31.80
N CYS J 158 -1.71 39.07 -31.26
CA CYS J 158 -1.64 37.77 -30.61
C CYS J 158 -2.67 36.82 -31.20
N SER J 159 -3.02 37.03 -32.47
CA SER J 159 -4.00 36.19 -33.15
C SER J 159 -3.53 34.74 -33.24
N ALA J 160 -2.23 34.55 -33.42
CA ALA J 160 -1.64 33.21 -33.52
C ALA J 160 -1.80 32.43 -32.22
N LEU J 161 -1.51 33.08 -31.10
CA LEU J 161 -1.63 32.45 -29.79
C LEU J 161 -3.09 32.17 -29.46
N ALA J 162 -3.97 33.05 -29.89
CA ALA J 162 -5.41 32.88 -29.69
C ALA J 162 -5.91 31.67 -30.49
N SER J 163 -5.43 31.55 -31.72
CA SER J 163 -5.80 30.43 -32.58
C SER J 163 -5.24 29.12 -32.03
N GLU J 164 -4.02 29.18 -31.49
CA GLU J 164 -3.39 28.00 -30.90
C GLU J 164 -4.19 27.49 -29.71
N LEU J 165 -4.58 28.41 -28.83
CA LEU J 165 -5.40 28.07 -27.68
C LEU J 165 -6.75 27.52 -28.12
N GLY J 166 -7.33 28.15 -29.13
CA GLY J 166 -8.59 27.71 -29.70
C GLY J 166 -8.52 26.29 -30.24
N SER J 167 -7.38 25.95 -30.84
CA SER J 167 -7.18 24.62 -31.38
C SER J 167 -7.06 23.59 -30.27
N TYR J 168 -6.51 24.01 -29.12
CA TYR J 168 -6.41 23.14 -27.96
C TYR J 168 -7.79 22.81 -27.42
N CYS J 169 -8.67 23.81 -27.40
CA CYS J 169 -10.05 23.61 -26.97
C CYS J 169 -10.80 22.74 -27.97
N ASP J 170 -10.47 22.90 -29.25
CA ASP J 170 -11.09 22.10 -30.31
C ASP J 170 -10.68 20.64 -30.18
N ARG J 171 -9.46 20.41 -29.72
CA ARG J 171 -8.97 19.05 -29.48
C ARG J 171 -9.82 18.36 -28.41
N VAL J 172 -10.18 19.12 -27.38
CA VAL J 172 -11.01 18.60 -26.30
C VAL J 172 -12.38 18.18 -26.83
N ALA J 173 -12.96 19.02 -27.68
CA ALA J 173 -14.26 18.75 -28.27
C ALA J 173 -14.23 17.51 -29.15
N ALA J 174 -13.18 17.38 -29.95
CA ALA J 174 -13.05 16.26 -30.88
C ALA J 174 -12.86 14.94 -30.15
N ALA J 175 -12.14 14.97 -29.04
CA ALA J 175 -11.82 13.77 -28.28
C ALA J 175 -13.07 13.18 -27.61
N ILE J 176 -13.97 14.05 -27.17
CA ILE J 176 -15.16 13.60 -26.44
C ILE J 176 -16.39 13.50 -27.33
N SER J 177 -16.24 13.86 -28.61
CA SER J 177 -17.34 13.76 -29.57
C SER J 177 -17.26 12.45 -30.34
N MET K 1 -26.27 1.77 -0.28
CA MET K 1 -27.45 0.92 -0.24
C MET K 1 -28.68 1.70 0.20
N LEU K 2 -29.85 1.22 -0.20
CA LEU K 2 -31.12 1.81 0.21
C LEU K 2 -31.87 0.88 1.14
N ASP K 3 -32.78 1.42 1.94
CA ASP K 3 -33.73 0.61 2.68
C ASP K 3 -35.13 0.90 2.16
N ALA K 4 -36.14 0.39 2.86
CA ALA K 4 -37.52 0.54 2.42
C ALA K 4 -37.94 2.01 2.36
N PHE K 5 -37.33 2.83 3.22
CA PHE K 5 -37.69 4.24 3.32
C PHE K 5 -36.97 5.10 2.28
N SER K 6 -35.67 4.86 2.12
CA SER K 6 -34.88 5.63 1.17
C SER K 6 -35.21 5.26 -0.27
N ARG K 7 -35.79 4.07 -0.46
CA ARG K 7 -36.27 3.67 -1.78
C ARG K 7 -37.44 4.55 -2.19
N VAL K 8 -38.30 4.85 -1.23
CA VAL K 8 -39.45 5.70 -1.46
C VAL K 8 -39.02 7.12 -1.82
N VAL K 9 -37.99 7.63 -1.13
CA VAL K 9 -37.54 8.99 -1.39
C VAL K 9 -36.75 9.08 -2.69
N VAL K 10 -36.15 7.97 -3.12
CA VAL K 10 -35.44 7.94 -4.39
C VAL K 10 -36.44 8.02 -5.54
N ASN K 11 -37.54 7.29 -5.40
CA ASN K 11 -38.61 7.33 -6.39
C ASN K 11 -39.31 8.68 -6.43
N SER K 12 -39.47 9.30 -5.26
CA SER K 12 -40.08 10.61 -5.17
C SER K 12 -39.15 11.69 -5.72
N ASP K 13 -37.85 11.50 -5.52
CA ASP K 13 -36.85 12.46 -5.95
C ASP K 13 -36.78 12.56 -7.47
N ALA K 14 -37.07 11.45 -8.14
CA ALA K 14 -37.09 11.42 -9.60
C ALA K 14 -38.22 12.30 -10.13
N LYS K 15 -39.27 12.45 -9.32
CA LYS K 15 -40.40 13.29 -9.67
C LYS K 15 -40.32 14.64 -8.98
N ALA K 16 -39.21 14.87 -8.28
CA ALA K 16 -38.98 16.09 -7.50
C ALA K 16 -40.13 16.37 -6.54
N ALA K 17 -40.71 15.31 -6.00
CA ALA K 17 -41.90 15.43 -5.18
C ALA K 17 -41.62 15.15 -3.71
N TYR K 18 -42.37 15.83 -2.84
CA TYR K 18 -42.32 15.58 -1.41
C TYR K 18 -42.98 14.25 -1.09
N VAL K 19 -42.53 13.61 -0.02
CA VAL K 19 -43.18 12.39 0.46
C VAL K 19 -44.24 12.77 1.49
N GLY K 20 -45.50 12.76 1.07
CA GLY K 20 -46.59 13.15 1.94
C GLY K 20 -47.33 11.96 2.52
N GLY K 21 -48.45 12.22 3.18
CA GLY K 21 -49.26 11.18 3.78
C GLY K 21 -49.82 10.22 2.75
N SER K 22 -49.96 10.70 1.51
CA SER K 22 -50.48 9.88 0.43
C SER K 22 -49.48 8.82 -0.01
N ASP K 23 -48.21 9.03 0.30
CA ASP K 23 -47.15 8.13 -0.12
C ASP K 23 -46.67 7.21 1.01
N LEU K 24 -47.27 7.34 2.18
CA LEU K 24 -46.73 6.72 3.39
C LEU K 24 -47.54 5.56 3.95
N GLN K 25 -48.40 4.95 3.14
CA GLN K 25 -49.20 3.82 3.62
C GLN K 25 -48.37 2.57 3.85
N ALA K 26 -47.55 2.22 2.86
CA ALA K 26 -46.71 1.03 2.96
C ALA K 26 -45.65 1.18 4.04
N LEU K 27 -45.06 2.37 4.13
CA LEU K 27 -44.03 2.64 5.13
C LEU K 27 -44.62 2.63 6.54
N LYS K 28 -45.89 3.02 6.66
CA LYS K 28 -46.59 2.93 7.93
C LYS K 28 -46.78 1.46 8.28
N LYS K 29 -47.22 0.70 7.29
CA LYS K 29 -47.43 -0.74 7.45
C LYS K 29 -46.12 -1.44 7.81
N PHE K 30 -45.02 -0.90 7.28
CA PHE K 30 -43.69 -1.40 7.56
C PHE K 30 -43.36 -1.30 9.06
N ILE K 31 -43.73 -0.17 9.66
CA ILE K 31 -43.43 0.09 11.06
C ILE K 31 -44.23 -0.80 12.00
N THR K 32 -45.54 -0.89 11.79
CA THR K 32 -46.40 -1.71 12.65
C THR K 32 -46.11 -3.20 12.48
N ASP K 33 -45.54 -3.56 11.34
CA ASP K 33 -45.12 -4.94 11.11
C ASP K 33 -43.64 -5.12 11.43
N GLY K 34 -43.06 -4.11 12.09
CA GLY K 34 -41.63 -4.10 12.38
C GLY K 34 -41.15 -5.25 13.25
N ASN K 35 -41.92 -5.57 14.29
CA ASN K 35 -41.55 -6.64 15.20
C ASN K 35 -41.56 -8.01 14.52
N LYS K 36 -42.47 -8.20 13.59
CA LYS K 36 -42.54 -9.43 12.83
C LYS K 36 -41.33 -9.57 11.91
N ARG K 37 -40.91 -8.45 11.33
CA ARG K 37 -39.76 -8.43 10.43
C ARG K 37 -38.47 -8.75 11.19
N LEU K 38 -38.37 -8.22 12.42
CA LEU K 38 -37.20 -8.48 13.25
C LEU K 38 -37.16 -9.94 13.68
N ASP K 39 -38.33 -10.53 13.91
CA ASP K 39 -38.43 -11.95 14.24
C ASP K 39 -37.98 -12.80 13.06
N SER K 40 -38.39 -12.40 11.85
CA SER K 40 -38.07 -13.14 10.64
C SER K 40 -36.57 -13.19 10.39
N VAL K 41 -35.90 -12.04 10.58
CA VAL K 41 -34.46 -11.97 10.44
C VAL K 41 -33.78 -12.87 11.47
N SER K 42 -34.23 -12.78 12.71
CA SER K 42 -33.68 -13.57 13.81
C SER K 42 -33.81 -15.06 13.55
N PHE K 43 -34.94 -15.48 12.99
CA PHE K 43 -35.21 -16.89 12.76
C PHE K 43 -34.31 -17.45 11.67
N VAL K 44 -34.04 -16.64 10.65
CA VAL K 44 -33.13 -17.03 9.58
C VAL K 44 -31.70 -17.12 10.09
N VAL K 45 -31.28 -16.08 10.81
CA VAL K 45 -29.93 -15.99 11.34
C VAL K 45 -29.64 -17.08 12.38
N SER K 46 -30.63 -17.38 13.22
CA SER K 46 -30.45 -18.39 14.28
C SER K 46 -30.34 -19.81 13.73
N ASN K 47 -30.62 -19.97 12.44
CA ASN K 47 -30.52 -21.27 11.80
C ASN K 47 -29.66 -21.23 10.54
N ALA K 48 -28.77 -20.25 10.47
CA ALA K 48 -27.96 -20.00 9.28
C ALA K 48 -27.09 -21.19 8.90
N SER K 49 -26.46 -21.81 9.89
CA SER K 49 -25.57 -22.95 9.65
C SER K 49 -26.32 -24.12 9.04
N CYS K 50 -27.48 -24.44 9.61
CA CYS K 50 -28.30 -25.54 9.11
C CYS K 50 -28.79 -25.25 7.70
N ILE K 51 -29.25 -24.02 7.46
CA ILE K 51 -29.78 -23.63 6.16
C ILE K 51 -28.73 -23.81 5.06
N VAL K 52 -27.52 -23.28 5.29
CA VAL K 52 -26.46 -23.35 4.29
C VAL K 52 -25.95 -24.78 4.08
N SER K 53 -25.64 -25.46 5.18
CA SER K 53 -25.09 -26.81 5.09
C SER K 53 -26.06 -27.78 4.44
N ASP K 54 -27.34 -27.69 4.81
CA ASP K 54 -28.37 -28.58 4.26
C ASP K 54 -28.60 -28.32 2.78
N ALA K 55 -28.45 -27.06 2.36
CA ALA K 55 -28.71 -26.69 0.97
C ALA K 55 -27.58 -27.14 0.05
N VAL K 56 -26.34 -26.88 0.46
CA VAL K 56 -25.18 -27.28 -0.33
C VAL K 56 -25.13 -28.81 -0.41
N SER K 57 -25.45 -29.47 0.69
CA SER K 57 -25.51 -30.93 0.72
C SER K 57 -26.62 -31.44 -0.19
N GLY K 58 -27.74 -30.73 -0.20
CA GLY K 58 -28.86 -31.07 -1.06
C GLY K 58 -28.50 -30.94 -2.52
N MET K 59 -27.79 -29.86 -2.84
CA MET K 59 -27.31 -29.62 -4.20
C MET K 59 -26.41 -30.76 -4.68
N ILE K 60 -25.58 -31.26 -3.78
CA ILE K 60 -24.59 -32.28 -4.11
C ILE K 60 -25.21 -33.67 -4.18
N CYS K 61 -26.11 -33.96 -3.26
CA CYS K 61 -26.72 -35.29 -3.21
C CYS K 61 -27.73 -35.47 -4.36
N GLU K 62 -28.07 -34.36 -5.02
CA GLU K 62 -28.91 -34.41 -6.22
C GLU K 62 -28.07 -34.42 -7.49
N ASN K 63 -26.79 -34.07 -7.33
CA ASN K 63 -25.86 -34.04 -8.46
C ASN K 63 -24.49 -34.56 -8.02
N PRO K 64 -24.32 -35.89 -8.03
CA PRO K 64 -23.08 -36.55 -7.61
C PRO K 64 -21.87 -36.15 -8.45
N GLY K 65 -22.09 -35.52 -9.60
CA GLY K 65 -21.02 -35.11 -10.47
C GLY K 65 -20.13 -34.01 -9.89
N LEU K 66 -20.68 -33.22 -8.99
CA LEU K 66 -19.95 -32.11 -8.39
C LEU K 66 -18.76 -32.57 -7.55
N ILE K 67 -18.85 -33.77 -7.00
CA ILE K 67 -17.80 -34.27 -6.12
C ILE K 67 -16.94 -35.35 -6.80
N ALA K 68 -17.17 -35.54 -8.09
CA ALA K 68 -16.32 -36.41 -8.90
C ALA K 68 -15.11 -35.61 -9.36
N PRO K 69 -14.03 -36.29 -9.78
CA PRO K 69 -12.89 -35.56 -10.36
C PRO K 69 -13.32 -34.67 -11.52
N GLY K 70 -12.91 -33.41 -11.48
CA GLY K 70 -13.34 -32.45 -12.48
C GLY K 70 -14.57 -31.70 -12.00
N GLY K 71 -15.27 -32.28 -11.03
CA GLY K 71 -16.42 -31.64 -10.43
C GLY K 71 -16.00 -30.40 -9.67
N ASN K 72 -16.88 -29.40 -9.61
CA ASN K 72 -16.51 -28.11 -9.05
C ASN K 72 -16.49 -28.09 -7.52
N CYS K 73 -17.00 -29.15 -6.91
CA CYS K 73 -16.94 -29.28 -5.45
C CYS K 73 -15.92 -30.33 -5.05
N TYR K 74 -15.14 -30.79 -6.02
CA TYR K 74 -14.08 -31.77 -5.77
C TYR K 74 -12.95 -31.11 -4.98
N THR K 75 -12.34 -31.89 -4.08
CA THR K 75 -11.35 -31.43 -3.09
C THR K 75 -11.99 -30.52 -2.04
N ASN K 76 -11.39 -30.52 -0.84
CA ASN K 76 -11.92 -29.75 0.29
C ASN K 76 -11.87 -28.24 0.06
N ARG K 77 -10.89 -27.78 -0.70
CA ARG K 77 -10.73 -26.35 -0.95
C ARG K 77 -11.91 -25.79 -1.73
N ARG K 78 -12.38 -26.54 -2.72
CA ARG K 78 -13.52 -26.11 -3.53
C ARG K 78 -14.82 -26.23 -2.74
N MET K 79 -14.98 -27.33 -2.02
CA MET K 79 -16.17 -27.55 -1.21
C MET K 79 -16.34 -26.44 -0.18
N ALA K 80 -15.22 -26.05 0.45
CA ALA K 80 -15.24 -24.99 1.45
C ALA K 80 -15.61 -23.65 0.82
N ALA K 81 -15.12 -23.41 -0.40
CA ALA K 81 -15.42 -22.19 -1.11
C ALA K 81 -16.91 -22.13 -1.48
N CYS K 82 -17.48 -23.29 -1.77
CA CYS K 82 -18.91 -23.38 -2.10
C CYS K 82 -19.76 -23.10 -0.87
N LEU K 83 -19.39 -23.72 0.25
CA LEU K 83 -20.08 -23.52 1.51
C LEU K 83 -20.00 -22.05 1.94
N ARG K 84 -18.84 -21.45 1.72
CA ARG K 84 -18.63 -20.04 2.02
C ARG K 84 -19.57 -19.16 1.21
N ASP K 85 -19.64 -19.43 -0.10
CA ASP K 85 -20.52 -18.70 -1.00
C ASP K 85 -21.97 -18.79 -0.55
N GLY K 86 -22.39 -19.98 -0.15
CA GLY K 86 -23.74 -20.20 0.34
C GLY K 86 -24.03 -19.35 1.57
N GLU K 87 -23.06 -19.30 2.48
CA GLU K 87 -23.18 -18.49 3.69
C GLU K 87 -23.25 -17.00 3.35
N ILE K 88 -22.41 -16.58 2.40
CA ILE K 88 -22.37 -15.20 1.97
C ILE K 88 -23.71 -14.76 1.38
N ILE K 89 -24.25 -15.60 0.51
CA ILE K 89 -25.53 -15.31 -0.14
C ILE K 89 -26.66 -15.20 0.87
N LEU K 90 -26.71 -16.12 1.82
CA LEU K 90 -27.71 -16.10 2.88
C LEU K 90 -27.57 -14.85 3.73
N ARG K 91 -26.33 -14.43 3.95
CA ARG K 91 -26.04 -13.26 4.76
C ARG K 91 -26.61 -11.99 4.13
N TYR K 92 -26.34 -11.81 2.83
CA TYR K 92 -26.84 -10.63 2.12
C TYR K 92 -28.34 -10.67 1.94
N ALA K 93 -28.90 -11.88 1.86
CA ALA K 93 -30.35 -12.04 1.77
C ALA K 93 -31.00 -11.60 3.07
N SER K 94 -30.32 -11.88 4.19
CA SER K 94 -30.81 -11.48 5.50
C SER K 94 -30.68 -9.97 5.68
N TYR K 95 -29.65 -9.38 5.08
CA TYR K 95 -29.48 -7.93 5.06
C TYR K 95 -30.66 -7.27 4.37
N ALA K 96 -31.04 -7.81 3.22
CA ALA K 96 -32.13 -7.28 2.41
C ALA K 96 -33.46 -7.41 3.14
N LEU K 97 -33.62 -8.47 3.92
CA LEU K 97 -34.84 -8.67 4.69
C LEU K 97 -34.91 -7.68 5.84
N LEU K 98 -33.76 -7.38 6.44
CA LEU K 98 -33.70 -6.42 7.54
C LEU K 98 -33.98 -5.01 7.05
N ALA K 99 -33.52 -4.70 5.84
CA ALA K 99 -33.70 -3.37 5.27
C ALA K 99 -35.03 -3.23 4.55
N GLY K 100 -35.61 -4.36 4.14
CA GLY K 100 -36.84 -4.35 3.39
C GLY K 100 -36.60 -3.81 2.00
N ASP K 101 -35.41 -4.06 1.48
CA ASP K 101 -35.01 -3.56 0.17
C ASP K 101 -33.88 -4.41 -0.41
N PRO K 102 -33.93 -4.70 -1.72
CA PRO K 102 -32.95 -5.59 -2.35
C PRO K 102 -31.64 -4.92 -2.77
N SER K 103 -31.52 -3.60 -2.57
CA SER K 103 -30.36 -2.87 -3.09
C SER K 103 -29.03 -3.38 -2.56
N VAL K 104 -28.97 -3.70 -1.27
CA VAL K 104 -27.72 -4.17 -0.67
C VAL K 104 -27.30 -5.52 -1.25
N LEU K 105 -28.29 -6.33 -1.64
CA LEU K 105 -28.03 -7.63 -2.24
C LEU K 105 -27.50 -7.46 -3.65
N GLU K 106 -28.12 -6.55 -4.40
CA GLU K 106 -27.72 -6.28 -5.78
C GLU K 106 -26.34 -5.62 -5.85
N ASP K 107 -26.13 -4.61 -5.02
CA ASP K 107 -24.91 -3.83 -5.06
C ASP K 107 -23.67 -4.58 -4.57
N ARG K 108 -23.80 -5.22 -3.41
CA ARG K 108 -22.62 -5.75 -2.73
C ARG K 108 -22.42 -7.27 -2.90
N CYS K 109 -23.38 -7.94 -3.53
CA CYS K 109 -23.27 -9.39 -3.70
C CYS K 109 -23.43 -9.85 -5.14
N LEU K 110 -24.55 -9.47 -5.75
CA LEU K 110 -24.90 -9.98 -7.07
C LEU K 110 -24.16 -9.27 -8.20
N ASN K 111 -23.66 -8.06 -7.93
CA ASN K 111 -22.94 -7.30 -8.93
C ASN K 111 -21.65 -7.98 -9.37
N GLY K 112 -21.63 -8.44 -10.62
CA GLY K 112 -20.45 -9.07 -11.19
C GLY K 112 -20.25 -10.50 -10.76
N LEU K 113 -21.26 -11.08 -10.12
CA LEU K 113 -21.16 -12.44 -9.61
C LEU K 113 -21.23 -13.48 -10.73
N LYS K 114 -22.16 -13.30 -11.66
CA LYS K 114 -22.30 -14.21 -12.79
C LYS K 114 -21.03 -14.24 -13.63
N GLU K 115 -20.47 -13.06 -13.89
CA GLU K 115 -19.22 -12.94 -14.65
C GLU K 115 -18.09 -13.69 -13.95
N THR K 116 -18.06 -13.59 -12.63
CA THR K 116 -17.03 -14.25 -11.82
C THR K 116 -17.16 -15.77 -11.90
N TYR K 117 -18.38 -16.27 -11.76
CA TYR K 117 -18.64 -17.70 -11.81
C TYR K 117 -18.32 -18.28 -13.19
N ILE K 118 -18.61 -17.53 -14.24
CA ILE K 118 -18.30 -17.96 -15.61
C ILE K 118 -16.79 -18.07 -15.80
N ALA K 119 -16.06 -17.07 -15.29
CA ALA K 119 -14.61 -17.04 -15.39
C ALA K 119 -13.99 -18.17 -14.57
N LEU K 120 -14.61 -18.50 -13.44
CA LEU K 120 -14.10 -19.54 -12.56
C LEU K 120 -14.49 -20.95 -13.01
N GLY K 121 -15.61 -21.04 -13.72
CA GLY K 121 -16.11 -22.33 -14.17
C GLY K 121 -17.03 -22.97 -13.17
N VAL K 122 -17.67 -22.14 -12.35
CA VAL K 122 -18.67 -22.63 -11.40
C VAL K 122 -19.97 -22.94 -12.13
N PRO K 123 -20.44 -24.19 -12.01
CA PRO K 123 -21.69 -24.62 -12.64
C PRO K 123 -22.86 -23.82 -12.10
N THR K 124 -23.45 -23.02 -12.98
CA THR K 124 -24.43 -22.04 -12.55
C THR K 124 -25.80 -22.64 -12.26
N ASN K 125 -26.13 -23.74 -12.92
CA ASN K 125 -27.39 -24.43 -12.65
C ASN K 125 -27.38 -25.05 -11.25
N SER K 126 -26.20 -25.50 -10.82
CA SER K 126 -26.05 -26.07 -9.48
C SER K 126 -26.08 -24.98 -8.42
N SER K 127 -25.52 -23.82 -8.75
CA SER K 127 -25.54 -22.67 -7.86
C SER K 127 -26.98 -22.25 -7.55
N VAL K 128 -27.79 -22.18 -8.60
CA VAL K 128 -29.20 -21.86 -8.48
C VAL K 128 -29.91 -22.86 -7.57
N ARG K 129 -29.55 -24.13 -7.71
CA ARG K 129 -30.15 -25.18 -6.91
C ARG K 129 -29.84 -25.01 -5.43
N ALA K 130 -28.61 -24.58 -5.13
CA ALA K 130 -28.22 -24.33 -3.76
C ALA K 130 -29.03 -23.17 -3.17
N VAL K 131 -29.25 -22.14 -3.98
CA VAL K 131 -30.05 -20.99 -3.56
C VAL K 131 -31.50 -21.39 -3.36
N SER K 132 -32.01 -22.25 -4.24
CA SER K 132 -33.40 -22.69 -4.17
C SER K 132 -33.70 -23.44 -2.87
N ILE K 133 -32.78 -24.31 -2.46
CA ILE K 133 -32.98 -25.06 -1.22
C ILE K 133 -32.83 -24.13 -0.01
N MET K 134 -31.93 -23.16 -0.12
CA MET K 134 -31.79 -22.14 0.93
C MET K 134 -33.08 -21.35 1.06
N LYS K 135 -33.72 -21.05 -0.08
CA LYS K 135 -34.99 -20.35 -0.08
C LYS K 135 -36.07 -21.18 0.59
N ALA K 136 -36.07 -22.49 0.32
CA ALA K 136 -37.06 -23.39 0.88
C ALA K 136 -36.98 -23.45 2.40
N SER K 137 -35.76 -23.59 2.92
CA SER K 137 -35.55 -23.71 4.36
C SER K 137 -35.71 -22.38 5.09
N ALA K 138 -35.14 -21.32 4.53
CA ALA K 138 -35.19 -20.00 5.17
C ALA K 138 -36.61 -19.47 5.28
N THR K 139 -37.38 -19.59 4.20
CA THR K 139 -38.76 -19.12 4.21
C THR K 139 -39.63 -19.98 5.13
N ALA K 140 -39.23 -21.24 5.29
CA ALA K 140 -39.94 -22.14 6.19
C ALA K 140 -39.75 -21.71 7.65
N PHE K 141 -38.53 -21.32 7.99
CA PHE K 141 -38.22 -20.82 9.33
C PHE K 141 -38.95 -19.52 9.62
N VAL K 142 -39.15 -18.71 8.58
CA VAL K 142 -39.90 -17.46 8.72
C VAL K 142 -41.38 -17.75 8.91
N SER K 143 -41.89 -18.71 8.15
CA SER K 143 -43.30 -19.09 8.23
C SER K 143 -43.61 -19.91 9.48
N GLY K 144 -42.57 -20.53 10.05
CA GLY K 144 -42.73 -21.35 11.23
C GLY K 144 -43.15 -22.76 10.89
N THR K 145 -42.77 -23.23 9.70
CA THR K 145 -43.16 -24.54 9.23
C THR K 145 -41.97 -25.50 9.06
N ALA K 146 -40.81 -25.12 9.60
CA ALA K 146 -39.65 -25.98 9.56
C ALA K 146 -39.94 -27.27 10.30
N SER K 147 -39.67 -28.40 9.64
CA SER K 147 -40.10 -29.71 10.12
C SER K 147 -39.55 -30.09 11.50
N ASP K 148 -38.29 -29.75 11.76
CA ASP K 148 -37.66 -30.19 13.00
C ASP K 148 -37.37 -29.05 13.98
N ARG K 149 -37.86 -27.86 13.69
CA ARG K 149 -37.75 -26.76 14.65
C ARG K 149 -38.80 -25.66 14.42
N LYS K 150 -39.53 -25.33 15.47
CA LYS K 150 -40.45 -24.20 15.46
C LYS K 150 -39.97 -23.11 16.41
N MET K 151 -39.80 -21.91 15.88
CA MET K 151 -39.33 -20.79 16.69
C MET K 151 -40.46 -20.18 17.51
N ALA K 152 -40.22 -19.98 18.80
CA ALA K 152 -41.23 -19.42 19.70
C ALA K 152 -41.53 -17.97 19.37
N CYS K 153 -42.82 -17.64 19.36
CA CYS K 153 -43.30 -16.30 18.99
C CYS K 153 -44.81 -16.23 19.16
N PRO K 154 -45.36 -15.01 19.24
CA PRO K 154 -46.82 -14.87 19.19
C PRO K 154 -47.34 -15.31 17.82
N ASP K 155 -48.35 -16.17 17.81
CA ASP K 155 -48.88 -16.69 16.56
C ASP K 155 -49.51 -15.61 15.70
N GLY K 156 -49.29 -15.69 14.39
CA GLY K 156 -49.83 -14.73 13.45
C GLY K 156 -49.34 -15.01 12.03
N ASP K 157 -49.63 -14.10 11.12
CA ASP K 157 -49.31 -14.30 9.71
C ASP K 157 -47.99 -13.64 9.32
N CYS K 158 -47.03 -14.46 8.89
CA CYS K 158 -45.74 -13.97 8.40
C CYS K 158 -45.53 -14.33 6.94
N SER K 159 -46.63 -14.64 6.25
CA SER K 159 -46.56 -15.09 4.86
C SER K 159 -45.94 -14.03 3.95
N ALA K 160 -46.23 -12.77 4.22
CA ALA K 160 -45.70 -11.66 3.44
C ALA K 160 -44.18 -11.55 3.59
N LEU K 161 -43.70 -11.68 4.83
CA LEU K 161 -42.27 -11.67 5.10
C LEU K 161 -41.56 -12.82 4.40
N ALA K 162 -42.16 -14.01 4.49
CA ALA K 162 -41.60 -15.20 3.88
C ALA K 162 -41.54 -15.07 2.36
N SER K 163 -42.60 -14.50 1.78
CA SER K 163 -42.65 -14.27 0.34
C SER K 163 -41.61 -13.23 -0.10
N GLU K 164 -41.40 -12.23 0.75
CA GLU K 164 -40.42 -11.19 0.47
C GLU K 164 -39.00 -11.74 0.51
N LEU K 165 -38.71 -12.53 1.54
CA LEU K 165 -37.41 -13.19 1.66
C LEU K 165 -37.16 -14.10 0.46
N GLY K 166 -38.22 -14.75 0.01
CA GLY K 166 -38.14 -15.61 -1.16
C GLY K 166 -37.83 -14.83 -2.42
N SER K 167 -38.37 -13.62 -2.52
CA SER K 167 -38.13 -12.77 -3.69
C SER K 167 -36.68 -12.35 -3.76
N TYR K 168 -36.06 -12.17 -2.61
CA TYR K 168 -34.64 -11.84 -2.54
C TYR K 168 -33.81 -13.03 -3.01
N CYS K 169 -34.24 -14.23 -2.64
CA CYS K 169 -33.59 -15.44 -3.11
C CYS K 169 -33.81 -15.62 -4.60
N ASP K 170 -34.98 -15.22 -5.08
CA ASP K 170 -35.28 -15.24 -6.50
C ASP K 170 -34.32 -14.36 -7.28
N ARG K 171 -34.03 -13.18 -6.72
CA ARG K 171 -33.11 -12.24 -7.35
C ARG K 171 -31.71 -12.84 -7.48
N VAL K 172 -31.28 -13.57 -6.46
CA VAL K 172 -29.99 -14.26 -6.49
C VAL K 172 -29.97 -15.28 -7.62
N ALA K 173 -31.00 -16.12 -7.65
CA ALA K 173 -31.10 -17.19 -8.65
C ALA K 173 -31.15 -16.62 -10.07
N ALA K 174 -31.80 -15.47 -10.23
CA ALA K 174 -31.91 -14.84 -11.53
C ALA K 174 -30.59 -14.17 -11.94
N ALA K 175 -29.89 -13.62 -10.95
CA ALA K 175 -28.64 -12.91 -11.20
C ALA K 175 -27.53 -13.87 -11.61
N ILE K 176 -27.45 -15.02 -10.93
CA ILE K 176 -26.49 -16.05 -11.31
C ILE K 176 -27.13 -16.95 -12.34
N SER K 177 -26.29 -17.72 -13.04
CA SER K 177 -26.67 -18.43 -14.26
C SER K 177 -27.07 -17.46 -15.37
N MET L 1 -13.94 0.08 22.32
CA MET L 1 -14.48 1.00 23.32
C MET L 1 -15.49 0.32 24.23
N LEU L 2 -15.82 0.99 25.34
CA LEU L 2 -16.82 0.49 26.26
C LEU L 2 -17.96 1.50 26.42
N ASP L 3 -19.15 1.01 26.72
CA ASP L 3 -20.24 1.88 27.14
C ASP L 3 -20.55 1.59 28.61
N ALA L 4 -21.62 2.19 29.12
CA ALA L 4 -21.98 2.03 30.53
C ALA L 4 -22.25 0.57 30.89
N PHE L 5 -22.82 -0.17 29.96
CA PHE L 5 -23.17 -1.56 30.21
C PHE L 5 -21.96 -2.49 30.09
N SER L 6 -21.12 -2.24 29.10
CA SER L 6 -19.93 -3.06 28.89
C SER L 6 -18.89 -2.83 29.98
N ARG L 7 -18.89 -1.63 30.56
CA ARG L 7 -17.97 -1.32 31.66
C ARG L 7 -18.31 -2.16 32.89
N VAL L 8 -19.59 -2.34 33.15
CA VAL L 8 -20.06 -3.18 34.24
C VAL L 8 -19.64 -4.64 34.00
N VAL L 9 -19.80 -5.08 32.76
CA VAL L 9 -19.42 -6.44 32.37
C VAL L 9 -17.92 -6.68 32.54
N VAL L 10 -17.10 -5.74 32.09
CA VAL L 10 -15.66 -5.85 32.22
C VAL L 10 -15.25 -5.94 33.69
N ASN L 11 -15.87 -5.13 34.53
CA ASN L 11 -15.60 -5.16 35.97
C ASN L 11 -16.05 -6.48 36.59
N SER L 12 -17.21 -6.98 36.15
CA SER L 12 -17.75 -8.24 36.66
C SER L 12 -16.90 -9.42 36.21
N ASP L 13 -16.42 -9.36 34.97
CA ASP L 13 -15.59 -10.42 34.41
C ASP L 13 -14.28 -10.56 35.17
N ALA L 14 -13.79 -9.44 35.70
CA ALA L 14 -12.57 -9.43 36.49
C ALA L 14 -12.76 -10.19 37.79
N LYS L 15 -14.00 -10.24 38.28
CA LYS L 15 -14.32 -10.95 39.51
C LYS L 15 -14.93 -12.32 39.22
N ALA L 16 -14.94 -12.69 37.95
CA ALA L 16 -15.54 -13.94 37.49
C ALA L 16 -16.99 -14.07 37.95
N ALA L 17 -17.71 -12.96 37.94
CA ALA L 17 -19.07 -12.92 38.47
C ALA L 17 -20.11 -12.68 37.40
N TYR L 18 -21.28 -13.28 37.60
CA TYR L 18 -22.45 -12.96 36.79
C TYR L 18 -22.95 -11.57 37.16
N VAL L 19 -23.61 -10.90 36.23
CA VAL L 19 -24.26 -9.63 36.54
C VAL L 19 -25.71 -9.89 36.94
N GLY L 20 -26.00 -9.72 38.22
CA GLY L 20 -27.32 -10.01 38.74
C GLY L 20 -28.15 -8.76 39.02
N GLY L 21 -29.31 -8.95 39.65
CA GLY L 21 -30.21 -7.85 39.94
C GLY L 21 -29.59 -6.78 40.82
N SER L 22 -28.73 -7.20 41.74
CA SER L 22 -28.05 -6.28 42.64
C SER L 22 -27.16 -5.31 41.87
N ASP L 23 -26.60 -5.79 40.77
CA ASP L 23 -25.63 -5.03 39.99
C ASP L 23 -26.30 -4.12 38.96
N LEU L 24 -27.59 -4.32 38.72
CA LEU L 24 -28.26 -3.69 37.59
C LEU L 24 -29.06 -2.43 37.93
N GLN L 25 -28.97 -1.96 39.17
CA GLN L 25 -29.74 -0.79 39.59
C GLN L 25 -29.40 0.46 38.77
N ALA L 26 -28.11 0.77 38.69
CA ALA L 26 -27.65 1.95 37.96
C ALA L 26 -27.91 1.81 36.46
N LEU L 27 -27.77 0.60 35.95
CA LEU L 27 -27.97 0.36 34.52
C LEU L 27 -29.44 0.45 34.14
N LYS L 28 -30.33 0.05 35.04
CA LYS L 28 -31.76 0.24 34.84
C LYS L 28 -32.08 1.72 34.86
N LYS L 29 -31.45 2.44 35.78
CA LYS L 29 -31.58 3.89 35.87
C LYS L 29 -31.08 4.56 34.61
N PHE L 30 -30.04 3.98 34.01
CA PHE L 30 -29.49 4.47 32.76
C PHE L 30 -30.54 4.40 31.65
N ILE L 31 -31.36 3.35 31.69
CA ILE L 31 -32.40 3.14 30.69
C ILE L 31 -33.58 4.09 30.89
N THR L 32 -34.04 4.21 32.14
CA THR L 32 -35.17 5.08 32.47
C THR L 32 -34.84 6.54 32.13
N ASP L 33 -33.58 6.91 32.31
CA ASP L 33 -33.13 8.26 32.02
C ASP L 33 -32.55 8.35 30.61
N GLY L 34 -32.85 7.35 29.79
CA GLY L 34 -32.30 7.26 28.45
C GLY L 34 -32.68 8.41 27.53
N ASN L 35 -33.95 8.81 27.58
CA ASN L 35 -34.43 9.88 26.72
C ASN L 35 -33.79 11.23 27.04
N LYS L 36 -33.50 11.47 28.31
CA LYS L 36 -32.81 12.70 28.70
C LYS L 36 -31.38 12.73 28.16
N ARG L 37 -30.72 11.57 28.20
CA ARG L 37 -29.36 11.45 27.70
C ARG L 37 -29.31 11.73 26.21
N LEU L 38 -30.29 11.22 25.47
CA LEU L 38 -30.38 11.44 24.04
C LEU L 38 -30.61 12.92 23.73
N ASP L 39 -31.40 13.58 24.58
CA ASP L 39 -31.64 15.01 24.45
C ASP L 39 -30.36 15.80 24.68
N SER L 40 -29.63 15.42 25.73
CA SER L 40 -28.39 16.11 26.08
C SER L 40 -27.37 16.03 24.96
N VAL L 41 -27.25 14.86 24.34
CA VAL L 41 -26.37 14.67 23.20
C VAL L 41 -26.83 15.53 22.02
N SER L 42 -28.14 15.51 21.78
CA SER L 42 -28.73 16.28 20.68
C SER L 42 -28.54 17.78 20.87
N PHE L 43 -28.65 18.24 22.12
CA PHE L 43 -28.52 19.66 22.43
C PHE L 43 -27.10 20.15 22.17
N VAL L 44 -26.12 19.30 22.51
CA VAL L 44 -24.72 19.62 22.26
C VAL L 44 -24.40 19.62 20.77
N VAL L 45 -24.84 18.56 20.09
CA VAL L 45 -24.57 18.37 18.67
C VAL L 45 -25.22 19.47 17.82
N SER L 46 -26.46 19.83 18.16
CA SER L 46 -27.20 20.84 17.40
C SER L 46 -26.57 22.22 17.48
N ASN L 47 -25.71 22.43 18.47
CA ASN L 47 -25.03 23.71 18.65
C ASN L 47 -23.52 23.59 18.58
N ALA L 48 -23.04 22.55 17.90
CA ALA L 48 -21.61 22.24 17.84
C ALA L 48 -20.78 23.39 17.28
N SER L 49 -21.25 23.99 16.19
CA SER L 49 -20.51 25.06 15.52
C SER L 49 -20.35 26.29 16.42
N CYS L 50 -21.43 26.65 17.13
CA CYS L 50 -21.38 27.79 18.03
C CYS L 50 -20.46 27.52 19.21
N ILE L 51 -20.55 26.31 19.78
CA ILE L 51 -19.72 25.93 20.92
C ILE L 51 -18.24 26.01 20.62
N VAL L 52 -17.83 25.46 19.49
CA VAL L 52 -16.42 25.42 19.10
C VAL L 52 -15.89 26.81 18.73
N SER L 53 -16.62 27.50 17.86
CA SER L 53 -16.22 28.83 17.39
C SER L 53 -16.11 29.83 18.53
N ASP L 54 -17.08 29.79 19.44
CA ASP L 54 -17.10 30.71 20.58
C ASP L 54 -15.95 30.43 21.55
N ALA L 55 -15.62 29.15 21.71
CA ALA L 55 -14.55 28.75 22.62
C ALA L 55 -13.18 29.17 22.11
N VAL L 56 -12.91 28.89 20.85
CA VAL L 56 -11.65 29.25 20.23
C VAL L 56 -11.50 30.78 20.19
N SER L 57 -12.59 31.47 19.84
CA SER L 57 -12.59 32.92 19.84
C SER L 57 -12.41 33.48 21.24
N GLY L 58 -12.97 32.77 22.22
CA GLY L 58 -12.83 33.17 23.62
C GLY L 58 -11.41 33.00 24.09
N MET L 59 -10.79 31.88 23.71
CA MET L 59 -9.41 31.61 24.04
C MET L 59 -8.49 32.68 23.47
N ILE L 60 -8.82 33.14 22.27
CA ILE L 60 -8.02 34.13 21.56
C ILE L 60 -8.20 35.54 22.13
N CYS L 61 -9.45 35.92 22.41
CA CYS L 61 -9.73 37.25 22.90
C CYS L 61 -9.16 37.47 24.30
N GLU L 62 -8.90 36.38 25.02
CA GLU L 62 -8.29 36.45 26.34
C GLU L 62 -6.77 36.43 26.26
N ASN L 63 -6.25 35.95 25.14
CA ASN L 63 -4.81 35.88 24.92
C ASN L 63 -4.44 36.17 23.47
N PRO L 64 -4.38 37.46 23.11
CA PRO L 64 -4.06 37.91 21.74
C PRO L 64 -2.66 37.51 21.27
N GLY L 65 -1.86 36.96 22.17
CA GLY L 65 -0.53 36.49 21.81
C GLY L 65 -0.60 35.27 20.91
N LEU L 66 -1.76 34.63 20.89
CA LEU L 66 -1.98 33.44 20.06
C LEU L 66 -2.01 33.79 18.57
N ILE L 67 -2.47 34.99 18.25
CA ILE L 67 -2.59 35.40 16.85
C ILE L 67 -1.53 36.43 16.46
N ALA L 68 -0.51 36.56 17.30
CA ALA L 68 0.65 37.38 16.98
C ALA L 68 1.63 36.52 16.19
N PRO L 69 2.60 37.14 15.51
CA PRO L 69 3.67 36.33 14.90
C PRO L 69 4.38 35.49 15.95
N GLY L 70 4.53 34.19 15.67
CA GLY L 70 5.07 33.27 16.64
C GLY L 70 3.96 32.63 17.45
N GLY L 71 2.79 33.23 17.41
CA GLY L 71 1.61 32.69 18.07
C GLY L 71 1.17 31.42 17.36
N ASN L 72 0.52 30.53 18.11
CA ASN L 72 0.20 29.21 17.58
C ASN L 72 -1.09 29.18 16.76
N CYS L 73 -1.82 30.29 16.75
CA CYS L 73 -3.01 30.41 15.90
C CYS L 73 -2.75 31.38 14.76
N TYR L 74 -1.49 31.78 14.63
CA TYR L 74 -1.06 32.68 13.55
C TYR L 74 -1.21 31.99 12.20
N THR L 75 -1.61 32.76 11.19
CA THR L 75 -1.97 32.26 9.85
C THR L 75 -3.25 31.44 9.87
N ASN L 76 -3.95 31.42 8.73
CA ASN L 76 -5.21 30.69 8.60
C ASN L 76 -5.06 29.19 8.78
N ARG L 77 -3.90 28.66 8.40
CA ARG L 77 -3.66 27.22 8.49
C ARG L 77 -3.69 26.74 9.94
N ARG L 78 -3.01 27.48 10.81
CA ARG L 78 -2.98 27.13 12.23
C ARG L 78 -4.33 27.39 12.88
N MET L 79 -4.97 28.50 12.49
CA MET L 79 -6.29 28.82 13.03
C MET L 79 -7.30 27.74 12.68
N ALA L 80 -7.24 27.25 11.44
CA ALA L 80 -8.13 26.19 10.98
C ALA L 80 -7.87 24.91 11.74
N ALA L 81 -6.60 24.59 11.96
CA ALA L 81 -6.21 23.38 12.67
C ALA L 81 -6.65 23.41 14.13
N CYS L 82 -6.63 24.60 14.73
CA CYS L 82 -7.09 24.77 16.11
C CYS L 82 -8.59 24.60 16.20
N LEU L 83 -9.31 25.21 15.26
CA LEU L 83 -10.76 25.05 15.16
C LEU L 83 -11.10 23.58 14.92
N ARG L 84 -10.26 22.91 14.16
CA ARG L 84 -10.42 21.49 13.88
C ARG L 84 -10.33 20.68 15.17
N ASP L 85 -9.29 20.94 15.95
CA ASP L 85 -9.08 20.25 17.23
C ASP L 85 -10.24 20.45 18.19
N GLY L 86 -10.76 21.67 18.26
CA GLY L 86 -11.87 21.99 19.12
C GLY L 86 -13.10 21.17 18.78
N GLU L 87 -13.38 21.06 17.49
CA GLU L 87 -14.48 20.26 16.99
C GLU L 87 -14.30 18.79 17.35
N ILE L 88 -13.09 18.29 17.12
CA ILE L 88 -12.77 16.89 17.38
C ILE L 88 -12.94 16.54 18.86
N ILE L 89 -12.41 17.40 19.73
CA ILE L 89 -12.52 17.19 21.17
C ILE L 89 -13.99 17.17 21.61
N LEU L 90 -14.78 18.10 21.09
CA LEU L 90 -16.20 18.15 21.38
C LEU L 90 -16.91 16.91 20.84
N ARG L 91 -16.48 16.46 19.67
CA ARG L 91 -17.09 15.30 19.02
C ARG L 91 -16.88 14.03 19.84
N TYR L 92 -15.67 13.84 20.35
CA TYR L 92 -15.38 12.68 21.17
C TYR L 92 -16.03 12.80 22.55
N ALA L 93 -16.22 14.04 23.00
CA ALA L 93 -16.93 14.29 24.25
C ALA L 93 -18.40 13.92 24.08
N SER L 94 -18.95 14.21 22.90
CA SER L 94 -20.33 13.86 22.59
C SER L 94 -20.48 12.35 22.48
N TYR L 95 -19.45 11.69 21.99
CA TYR L 95 -19.43 10.23 21.92
C TYR L 95 -19.54 9.63 23.31
N ALA L 96 -18.72 10.14 24.23
CA ALA L 96 -18.68 9.65 25.59
C ALA L 96 -20.01 9.85 26.31
N LEU L 97 -20.66 10.98 26.04
CA LEU L 97 -21.95 11.28 26.64
C LEU L 97 -23.03 10.32 26.14
N LEU L 98 -22.93 9.95 24.88
CA LEU L 98 -23.89 9.03 24.27
C LEU L 98 -23.72 7.61 24.80
N ALA L 99 -22.48 7.22 25.07
CA ALA L 99 -22.18 5.87 25.52
C ALA L 99 -22.26 5.73 27.03
N GLY L 100 -22.15 6.86 27.74
CA GLY L 100 -22.16 6.86 29.18
C GLY L 100 -20.88 6.25 29.73
N ASP L 101 -19.78 6.53 29.06
CA ASP L 101 -18.47 6.00 29.44
C ASP L 101 -17.36 6.78 28.74
N PRO L 102 -16.26 7.06 29.47
CA PRO L 102 -15.17 7.89 28.93
C PRO L 102 -14.16 7.12 28.08
N SER L 103 -14.38 5.83 27.86
CA SER L 103 -13.39 5.00 27.17
C SER L 103 -13.08 5.44 25.75
N VAL L 104 -14.12 5.81 24.99
CA VAL L 104 -13.91 6.22 23.60
C VAL L 104 -13.12 7.52 23.53
N LEU L 105 -13.34 8.39 24.52
CA LEU L 105 -12.62 9.65 24.60
C LEU L 105 -11.16 9.42 24.96
N GLU L 106 -10.93 8.49 25.88
CA GLU L 106 -9.58 8.18 26.34
C GLU L 106 -8.77 7.41 25.30
N ASP L 107 -9.40 6.40 24.70
CA ASP L 107 -8.70 5.51 23.78
C ASP L 107 -8.42 6.15 22.42
N ARG L 108 -9.39 6.88 21.89
CA ARG L 108 -9.31 7.35 20.52
C ARG L 108 -8.92 8.82 20.39
N CYS L 109 -8.86 9.54 21.50
CA CYS L 109 -8.59 10.98 21.43
C CYS L 109 -7.49 11.44 22.38
N LEU L 110 -7.59 11.03 23.64
CA LEU L 110 -6.69 11.55 24.67
C LEU L 110 -5.35 10.82 24.73
N ASN L 111 -5.35 9.54 24.36
CA ASN L 111 -4.12 8.75 24.37
C ASN L 111 -3.09 9.28 23.39
N GLY L 112 -2.05 9.93 23.92
CA GLY L 112 -0.98 10.44 23.10
C GLY L 112 -1.10 11.92 22.79
N LEU L 113 -2.24 12.51 23.15
CA LEU L 113 -2.54 13.89 22.79
C LEU L 113 -1.55 14.89 23.37
N LYS L 114 -1.19 14.73 24.64
CA LYS L 114 -0.24 15.63 25.29
C LYS L 114 1.11 15.59 24.57
N GLU L 115 1.52 14.40 24.15
CA GLU L 115 2.81 14.20 23.50
C GLU L 115 2.90 14.89 22.14
N THR L 116 1.81 14.86 21.38
CA THR L 116 1.79 15.50 20.08
C THR L 116 1.76 17.02 20.22
N TYR L 117 1.01 17.50 21.20
CA TYR L 117 0.93 18.93 21.47
C TYR L 117 2.28 19.47 21.92
N ILE L 118 2.97 18.72 22.76
CA ILE L 118 4.32 19.08 23.21
C ILE L 118 5.27 19.13 22.02
N ALA L 119 5.17 18.12 21.16
CA ALA L 119 6.00 18.04 19.96
C ALA L 119 5.69 19.18 18.98
N LEU L 120 4.41 19.50 18.84
CA LEU L 120 3.97 20.55 17.92
C LEU L 120 4.23 21.94 18.49
N GLY L 121 4.09 22.07 19.81
CA GLY L 121 4.31 23.34 20.46
C GLY L 121 3.02 24.12 20.69
N VAL L 122 1.89 23.47 20.49
CA VAL L 122 0.62 24.09 20.81
C VAL L 122 0.54 24.22 22.33
N PRO L 123 0.24 25.44 22.80
CA PRO L 123 0.24 25.74 24.25
C PRO L 123 -0.84 24.98 24.99
N THR L 124 -0.46 24.35 26.10
CA THR L 124 -1.39 23.53 26.88
C THR L 124 -2.35 24.39 27.70
N ASN L 125 -1.86 25.52 28.20
CA ASN L 125 -2.70 26.41 29.00
C ASN L 125 -3.82 27.02 28.18
N SER L 126 -3.53 27.31 26.91
CA SER L 126 -4.54 27.84 26.01
C SER L 126 -5.48 26.74 25.54
N SER L 127 -4.94 25.54 25.38
CA SER L 127 -5.75 24.38 25.01
C SER L 127 -6.75 24.06 26.12
N VAL L 128 -6.29 24.15 27.37
CA VAL L 128 -7.15 23.90 28.53
C VAL L 128 -8.29 24.90 28.59
N ARG L 129 -7.99 26.17 28.35
CA ARG L 129 -9.00 27.23 28.40
C ARG L 129 -10.04 27.06 27.30
N ALA L 130 -9.61 26.59 26.13
CA ALA L 130 -10.52 26.31 25.03
C ALA L 130 -11.52 25.22 25.43
N VAL L 131 -11.01 24.21 26.12
CA VAL L 131 -11.85 23.12 26.61
C VAL L 131 -12.82 23.62 27.69
N SER L 132 -12.30 24.44 28.60
CA SER L 132 -13.10 24.97 29.71
C SER L 132 -14.27 25.82 29.22
N ILE L 133 -14.04 26.62 28.18
CA ILE L 133 -15.10 27.42 27.61
C ILE L 133 -16.11 26.51 26.91
N MET L 134 -15.61 25.47 26.25
CA MET L 134 -16.49 24.48 25.65
C MET L 134 -17.31 23.78 26.74
N LYS L 135 -16.70 23.52 27.88
CA LYS L 135 -17.41 22.91 29.00
C LYS L 135 -18.53 23.81 29.50
N ALA L 136 -18.28 25.10 29.54
CA ALA L 136 -19.27 26.07 30.02
C ALA L 136 -20.47 26.14 29.08
N SER L 137 -20.19 26.28 27.79
CA SER L 137 -21.26 26.44 26.79
C SER L 137 -22.04 25.14 26.59
N ALA L 138 -21.33 24.03 26.45
CA ALA L 138 -21.97 22.74 26.18
C ALA L 138 -22.88 22.30 27.33
N THR L 139 -22.37 22.37 28.55
CA THR L 139 -23.14 21.99 29.73
C THR L 139 -24.33 22.92 29.93
N ALA L 140 -24.19 24.16 29.49
CA ALA L 140 -25.28 25.13 29.56
C ALA L 140 -26.43 24.71 28.63
N PHE L 141 -26.07 24.22 27.44
CA PHE L 141 -27.06 23.72 26.50
C PHE L 141 -27.73 22.46 27.02
N VAL L 142 -27.00 21.70 27.83
CA VAL L 142 -27.54 20.49 28.45
C VAL L 142 -28.44 20.86 29.62
N SER L 143 -28.05 21.88 30.38
CA SER L 143 -28.84 22.34 31.51
C SER L 143 -30.02 23.19 31.05
N GLY L 144 -30.00 23.56 29.78
CA GLY L 144 -31.03 24.43 29.23
C GLY L 144 -30.88 25.84 29.76
N THR L 145 -29.65 26.24 30.03
CA THR L 145 -29.37 27.55 30.62
C THR L 145 -28.58 28.46 29.69
N ALA L 146 -28.40 28.01 28.44
CA ALA L 146 -27.70 28.82 27.45
C ALA L 146 -28.43 30.14 27.23
N SER L 147 -27.69 31.25 27.28
CA SER L 147 -28.27 32.58 27.34
C SER L 147 -29.07 32.99 26.09
N ASP L 148 -28.64 32.55 24.91
CA ASP L 148 -29.32 32.97 23.68
C ASP L 148 -30.07 31.83 22.99
N ARG L 149 -30.05 30.64 23.57
CA ARG L 149 -30.83 29.52 23.04
C ARG L 149 -31.29 28.54 24.10
N LYS L 150 -32.59 28.29 24.15
CA LYS L 150 -33.14 27.25 25.00
C LYS L 150 -33.77 26.16 24.15
N MET L 151 -33.21 24.96 24.21
CA MET L 151 -33.71 23.84 23.43
C MET L 151 -35.03 23.33 24.00
N ALA L 152 -35.98 23.01 23.11
CA ALA L 152 -37.29 22.53 23.53
C ALA L 152 -37.20 21.15 24.16
N CYS L 153 -37.90 20.99 25.29
CA CYS L 153 -37.90 19.74 26.05
C CYS L 153 -38.84 19.84 27.25
N PRO L 154 -39.37 18.69 27.71
CA PRO L 154 -40.11 18.67 28.97
C PRO L 154 -39.20 19.07 30.13
N ASP L 155 -39.70 19.89 31.05
CA ASP L 155 -38.88 20.37 32.16
C ASP L 155 -38.51 19.26 33.13
N GLY L 156 -37.24 19.22 33.52
CA GLY L 156 -36.75 18.23 34.45
C GLY L 156 -35.31 18.46 34.86
N ASP L 157 -34.74 17.50 35.57
CA ASP L 157 -33.38 17.62 36.10
C ASP L 157 -32.36 16.90 35.23
N CYS L 158 -31.44 17.67 34.65
CA CYS L 158 -30.37 17.10 33.83
C CYS L 158 -28.99 17.44 34.40
N SER L 159 -28.96 17.79 35.69
CA SER L 159 -27.71 18.19 36.34
C SER L 159 -26.67 17.07 36.31
N ALA L 160 -27.13 15.83 36.48
CA ALA L 160 -26.24 14.68 36.42
C ALA L 160 -25.64 14.51 35.03
N LEU L 161 -26.48 14.69 34.01
CA LEU L 161 -26.04 14.62 32.62
C LEU L 161 -25.01 15.70 32.33
N ALA L 162 -25.30 16.92 32.76
CA ALA L 162 -24.42 18.05 32.56
C ALA L 162 -23.10 17.86 33.30
N SER L 163 -23.18 17.37 34.54
CA SER L 163 -22.00 17.10 35.34
C SER L 163 -21.14 16.00 34.71
N GLU L 164 -21.80 15.05 34.06
CA GLU L 164 -21.09 13.97 33.38
C GLU L 164 -20.33 14.51 32.17
N LEU L 165 -20.96 15.43 31.44
CA LEU L 165 -20.31 16.09 30.32
C LEU L 165 -19.10 16.88 30.81
N GLY L 166 -19.27 17.56 31.95
CA GLY L 166 -18.21 18.33 32.55
C GLY L 166 -17.01 17.47 32.91
N SER L 167 -17.28 16.27 33.42
CA SER L 167 -16.23 15.33 33.79
C SER L 167 -15.40 14.93 32.57
N TYR L 168 -16.08 14.75 31.44
CA TYR L 168 -15.41 14.37 30.20
C TYR L 168 -14.51 15.49 29.69
N CYS L 169 -14.99 16.72 29.77
CA CYS L 169 -14.19 17.89 29.40
C CYS L 169 -13.00 18.01 30.34
N ASP L 170 -13.20 17.69 31.61
CA ASP L 170 -12.15 17.76 32.61
C ASP L 170 -11.08 16.70 32.36
N ARG L 171 -11.48 15.56 31.81
CA ARG L 171 -10.53 14.50 31.48
C ARG L 171 -9.62 14.95 30.34
N VAL L 172 -10.17 15.73 29.42
CA VAL L 172 -9.40 16.28 28.31
C VAL L 172 -8.33 17.24 28.83
N ALA L 173 -8.73 18.14 29.71
CA ALA L 173 -7.81 19.11 30.28
C ALA L 173 -6.75 18.44 31.15
N ALA L 174 -7.15 17.41 31.89
CA ALA L 174 -6.25 16.70 32.78
C ALA L 174 -5.19 15.93 32.02
N ALA L 175 -5.58 15.31 30.91
CA ALA L 175 -4.67 14.53 30.08
C ALA L 175 -3.69 15.42 29.34
N ILE L 176 -4.03 16.71 29.25
CA ILE L 176 -3.23 17.68 28.51
C ILE L 176 -2.28 18.44 29.44
N SER L 177 -2.73 18.65 30.68
CA SER L 177 -1.93 19.39 31.65
C SER L 177 -0.80 18.54 32.23
#